data_3WF2
#
_entry.id   3WF2
#
_cell.length_a   95.119
_cell.length_b   116.260
_cell.length_c   141.768
_cell.angle_alpha   90.00
_cell.angle_beta   92.41
_cell.angle_gamma   90.00
#
_symmetry.space_group_name_H-M   'P 1 21 1'
#
loop_
_entity.id
_entity.type
_entity.pdbx_description
1 polymer Beta-galactosidase
2 non-polymer 2-acetamido-2-deoxy-beta-D-glucopyranose
3 non-polymer 'CHLORIDE ION'
4 non-polymer (2R,3S,4R,5S)-N-butyl-3,4,5-trihydroxy-2-(hydroxymethyl)piperidine-1-carbothioamide
5 non-polymer 'SULFATE ION'
6 non-polymer 1,2-ETHANEDIOL
7 water water
#
_entity_poly.entity_id   1
_entity_poly.type   'polypeptide(L)'
_entity_poly.pdbx_seq_one_letter_code
;EAEAYVEFHHHHHHDYKDDDDKTSLRNATQRMFEIDYSRDSFLKDGQPFRYISGSIHYSRVPRFYWKDRLLKMKMAGLNA
IQTYVPWNFHEPWPGQYQFSEDHDVEYFLRLAHELGLLVILRPGPYICAEWEMGGLPAWLLEKESILLRSSDPDYLAAVD
KWLGVLLPKMKPLLYQNGGPVITVQVENEYGSYFACDFDYLRFLQKRFRHHLGDDVVLFTTDGAHKTFLKCGALQGLYTT
VDFGTGSNITDAFLSQRKCEPKGPLINSEFYTGWLDHWGQPHSTIKTEAVASSLYDILARGASVNLYMFIGGTNFAYWNG
ANSPYAAQPTSYDYDAPLSEAGDLTEKYFALRNIIQKFEKVPEGPIPPSTPKFAYGKVTLEKLKTVGAALDILCPSGPIK
SLYPLTFIQVKQHYGFVLYRTTLPQDCSNPAPLSSPLNGVHDRAYVAVDGIPQGVLERNNVITLNITGKAGATLDLLVEN
MGRVNYGAYINDFKGLVSNLTLSSNILTDWTIFPLDTEDAVRSHLGGWGHRDSGHHDEAWAHNSSNYTLPAFYMGNFSIP
SGIPDLPQDTFIQFPGWTKGQVWINGFNLGRYWPARGPQLTLFVPQHILMTSAPNTITVLELEWAPCSSDDPELCAVTFV
DRPVIGSSVTYDHPSKPVEKRLMPPPPQKNKDSWLDHV
;
_entity_poly.pdbx_strand_id   A,B,C,D
#
# COMPACT_ATOMS: atom_id res chain seq x y z
N GLN A 30 -14.96 28.02 -35.42
CA GLN A 30 -14.66 26.55 -35.31
C GLN A 30 -13.17 26.29 -35.44
N ARG A 31 -12.78 25.07 -35.07
CA ARG A 31 -11.39 24.62 -35.17
C ARG A 31 -11.14 23.74 -36.42
N MET A 32 -10.07 24.08 -37.14
CA MET A 32 -9.64 23.42 -38.38
C MET A 32 -8.15 23.10 -38.32
N PHE A 33 -7.79 21.90 -38.76
CA PHE A 33 -6.42 21.60 -39.14
C PHE A 33 -6.45 21.06 -40.58
N GLU A 34 -5.63 21.63 -41.47
CA GLU A 34 -5.65 21.17 -42.86
C GLU A 34 -4.32 21.31 -43.60
N ILE A 35 -4.19 20.59 -44.68
CA ILE A 35 -3.11 20.86 -45.62
C ILE A 35 -3.50 22.03 -46.55
N ASP A 36 -2.59 23.01 -46.70
CA ASP A 36 -2.69 24.03 -47.77
C ASP A 36 -1.74 23.67 -48.90
N TYR A 37 -2.31 23.14 -49.96
CA TYR A 37 -1.52 22.74 -51.12
C TYR A 37 -0.95 23.96 -51.85
N SER A 38 -1.76 24.98 -52.12
CA SER A 38 -1.25 26.26 -52.62
C SER A 38 0.08 26.67 -51.98
N ARG A 39 0.29 26.40 -50.68
CA ARG A 39 1.42 27.02 -49.95
C ARG A 39 2.43 26.11 -49.28
N ASP A 40 2.31 24.80 -49.54
CA ASP A 40 3.28 23.80 -49.04
C ASP A 40 3.41 23.79 -47.47
N SER A 41 2.25 23.94 -46.86
CA SER A 41 2.18 24.13 -45.43
C SER A 41 0.89 23.53 -44.86
N PHE A 42 0.89 23.31 -43.55
CA PHE A 42 -0.36 23.06 -42.83
C PHE A 42 -0.98 24.42 -42.42
N LEU A 43 -2.30 24.45 -42.28
CA LEU A 43 -3.04 25.57 -41.69
C LEU A 43 -3.77 25.16 -40.43
N LYS A 44 -3.44 25.85 -39.33
CA LYS A 44 -4.07 25.65 -38.05
C LYS A 44 -4.95 26.87 -37.72
N ASP A 45 -6.27 26.66 -37.73
CA ASP A 45 -7.24 27.74 -37.60
C ASP A 45 -6.93 28.91 -38.55
N GLY A 46 -6.70 28.58 -39.83
CA GLY A 46 -6.35 29.56 -40.86
C GLY A 46 -4.97 30.18 -40.81
N GLN A 47 -4.13 29.72 -39.88
CA GLN A 47 -2.77 30.24 -39.69
C GLN A 47 -1.80 29.15 -40.08
N PRO A 48 -0.66 29.51 -40.71
CA PRO A 48 0.46 28.62 -41.03
C PRO A 48 1.03 27.88 -39.82
N PHE A 49 1.40 26.60 -40.03
CA PHE A 49 1.84 25.76 -38.94
C PHE A 49 2.77 24.67 -39.45
N ARG A 50 3.89 24.53 -38.78
CA ARG A 50 4.81 23.45 -38.97
C ARG A 50 5.06 22.78 -37.60
N TYR A 51 5.11 21.44 -37.57
CA TYR A 51 5.35 20.76 -36.33
C TYR A 51 6.71 20.18 -36.16
N ILE A 52 7.16 20.21 -34.89
CA ILE A 52 8.41 19.66 -34.43
C ILE A 52 8.01 18.69 -33.35
N SER A 53 7.93 17.42 -33.72
CA SER A 53 7.37 16.39 -32.89
C SER A 53 8.44 15.46 -32.33
N GLY A 54 8.04 14.70 -31.33
CA GLY A 54 8.89 13.67 -30.74
C GLY A 54 8.10 12.42 -30.43
N SER A 55 8.63 11.26 -30.77
CA SER A 55 7.86 10.00 -30.50
C SER A 55 8.01 9.59 -29.02
N ILE A 56 6.88 9.26 -28.41
CA ILE A 56 6.80 8.66 -27.09
C ILE A 56 5.71 7.56 -27.19
N HIS A 57 6.01 6.37 -26.69
CA HIS A 57 5.09 5.25 -26.78
C HIS A 57 4.64 4.95 -25.40
N TYR A 58 3.36 5.27 -25.19
CA TYR A 58 2.73 5.16 -23.87
C TYR A 58 2.77 3.80 -23.28
N SER A 59 2.94 2.77 -24.13
CA SER A 59 2.91 1.40 -23.72
C SER A 59 4.29 0.95 -23.23
N ARG A 60 5.27 1.81 -23.45
CA ARG A 60 6.61 1.55 -22.99
C ARG A 60 7.05 2.53 -21.82
N VAL A 61 6.11 3.28 -21.31
CA VAL A 61 6.38 4.17 -20.16
C VAL A 61 5.26 3.91 -19.15
N PRO A 62 5.59 3.66 -17.89
CA PRO A 62 4.50 3.49 -16.93
C PRO A 62 3.70 4.75 -16.84
N ARG A 63 2.40 4.62 -16.62
CA ARG A 63 1.50 5.79 -16.49
C ARG A 63 1.94 6.82 -15.46
N PHE A 64 2.51 6.29 -14.39
CA PHE A 64 3.01 7.06 -13.29
C PHE A 64 3.98 8.14 -13.73
N TYR A 65 4.78 7.85 -14.75
CA TYR A 65 5.73 8.81 -15.35
C TYR A 65 5.24 9.43 -16.66
N TRP A 66 4.03 9.14 -17.13
CA TRP A 66 3.63 9.77 -18.41
C TRP A 66 3.84 11.32 -18.40
N LYS A 67 3.32 11.98 -17.37
CA LYS A 67 3.36 13.39 -17.32
C LYS A 67 4.79 13.96 -17.24
N ASP A 68 5.67 13.30 -16.47
CA ASP A 68 7.05 13.66 -16.36
C ASP A 68 7.76 13.72 -17.70
N ARG A 69 7.60 12.66 -18.48
CA ARG A 69 8.19 12.62 -19.81
C ARG A 69 7.57 13.66 -20.76
N LEU A 70 6.25 13.77 -20.80
CA LEU A 70 5.61 14.72 -21.72
C LEU A 70 6.01 16.17 -21.40
N LEU A 71 6.28 16.51 -20.15
CA LEU A 71 6.67 17.88 -19.79
C LEU A 71 8.12 18.14 -20.21
N LYS A 72 8.97 17.16 -19.93
CA LYS A 72 10.30 17.13 -20.47
C LYS A 72 10.30 17.32 -21.99
N MET A 73 9.40 16.65 -22.69
CA MET A 73 9.28 16.90 -24.15
C MET A 73 8.85 18.36 -24.51
N LYS A 74 7.88 18.91 -23.79
CA LYS A 74 7.42 20.26 -24.04
C LYS A 74 8.55 21.28 -23.87
N MET A 75 9.32 21.12 -22.79
CA MET A 75 10.37 22.05 -22.46
C MET A 75 11.54 21.96 -23.40
N ALA A 76 11.64 20.86 -24.13
CA ALA A 76 12.62 20.76 -25.21
C ALA A 76 12.32 21.72 -26.43
N GLY A 77 11.07 22.18 -26.50
CA GLY A 77 10.60 23.02 -27.61
C GLY A 77 9.68 22.31 -28.58
N LEU A 78 9.50 21.02 -28.41
CA LEU A 78 8.47 20.33 -29.19
C LEU A 78 7.08 20.91 -29.01
N ASN A 79 6.30 20.94 -30.10
CA ASN A 79 4.91 21.41 -30.03
C ASN A 79 3.95 20.27 -30.36
N ALA A 80 4.51 19.09 -30.59
CA ALA A 80 3.68 17.93 -30.82
C ALA A 80 4.37 16.69 -30.32
N ILE A 81 3.60 15.64 -30.12
CA ILE A 81 4.15 14.31 -29.85
C ILE A 81 3.53 13.34 -30.83
N GLN A 82 4.20 12.22 -31.05
CA GLN A 82 3.70 11.13 -31.90
C GLN A 82 3.77 9.83 -31.12
N THR A 83 2.79 8.95 -31.33
CA THR A 83 2.74 7.69 -30.67
C THR A 83 2.00 6.63 -31.47
N TYR A 84 2.19 5.37 -31.11
CA TYR A 84 1.55 4.22 -31.82
C TYR A 84 0.49 3.61 -30.91
N VAL A 85 -0.62 3.19 -31.45
CA VAL A 85 -1.57 2.42 -30.68
C VAL A 85 -1.39 0.99 -31.09
N PRO A 86 -0.75 0.17 -30.25
CA PRO A 86 -0.58 -1.24 -30.56
C PRO A 86 -1.87 -2.03 -30.21
N TRP A 87 -2.50 -2.56 -31.24
CA TRP A 87 -3.65 -3.37 -31.15
C TRP A 87 -3.51 -4.51 -30.10
N ASN A 88 -2.51 -5.39 -30.20
CA ASN A 88 -2.33 -6.47 -29.23
C ASN A 88 -2.27 -6.01 -27.75
N PHE A 89 -1.91 -4.75 -27.53
CA PHE A 89 -1.80 -4.15 -26.16
C PHE A 89 -3.19 -3.81 -25.59
N HIS A 90 -4.16 -3.61 -26.50
CA HIS A 90 -5.56 -3.29 -26.13
C HIS A 90 -6.56 -4.44 -26.31
N GLU A 91 -6.28 -5.38 -27.20
CA GLU A 91 -7.22 -6.51 -27.46
C GLU A 91 -6.52 -7.91 -27.40
N PRO A 92 -5.96 -8.25 -26.24
CA PRO A 92 -5.24 -9.51 -26.08
C PRO A 92 -6.08 -10.78 -26.42
N TRP A 93 -7.42 -10.72 -26.29
CA TRP A 93 -8.32 -11.70 -26.93
C TRP A 93 -9.50 -11.05 -27.61
N PRO A 94 -10.16 -11.78 -28.52
CA PRO A 94 -11.22 -11.07 -29.28
C PRO A 94 -12.37 -10.56 -28.39
N GLY A 95 -12.90 -9.41 -28.76
CA GLY A 95 -13.87 -8.67 -27.96
C GLY A 95 -13.51 -8.41 -26.51
N GLN A 96 -12.24 -8.57 -26.10
CA GLN A 96 -11.86 -8.36 -24.70
C GLN A 96 -10.79 -7.25 -24.50
N TYR A 97 -11.19 -6.08 -24.01
CA TYR A 97 -10.38 -4.87 -24.17
C TYR A 97 -9.66 -4.35 -22.95
N GLN A 98 -8.53 -3.66 -23.14
CA GLN A 98 -7.81 -3.04 -22.02
C GLN A 98 -7.56 -1.59 -22.34
N PHE A 99 -8.28 -0.73 -21.61
CA PHE A 99 -8.21 0.73 -21.79
C PHE A 99 -8.03 1.51 -20.50
N SER A 100 -7.60 0.83 -19.43
CA SER A 100 -7.43 1.43 -18.08
C SER A 100 -5.98 1.41 -17.62
N GLU A 101 -5.65 2.22 -16.62
CA GLU A 101 -4.29 2.23 -16.02
C GLU A 101 -3.24 2.50 -17.09
N ASP A 102 -2.27 1.61 -17.29
CA ASP A 102 -1.17 1.80 -18.23
C ASP A 102 -1.65 1.61 -19.68
N HIS A 103 -2.91 1.25 -19.87
CA HIS A 103 -3.48 1.08 -21.19
C HIS A 103 -4.45 2.16 -21.63
N ASP A 104 -4.62 3.17 -20.80
CA ASP A 104 -5.55 4.26 -21.06
C ASP A 104 -4.98 5.34 -21.98
N VAL A 105 -5.02 5.03 -23.28
CA VAL A 105 -4.52 5.96 -24.31
C VAL A 105 -5.38 7.19 -24.40
N GLU A 106 -6.66 7.03 -24.13
CA GLU A 106 -7.51 8.20 -23.99
C GLU A 106 -6.91 9.26 -22.99
N TYR A 107 -6.58 8.83 -21.77
CA TYR A 107 -5.95 9.68 -20.76
C TYR A 107 -4.58 10.21 -21.17
N PHE A 108 -3.76 9.36 -21.80
CA PHE A 108 -2.46 9.78 -22.34
C PHE A 108 -2.71 10.99 -23.18
N LEU A 109 -3.58 10.83 -24.19
CA LEU A 109 -3.86 11.90 -25.19
C LEU A 109 -4.43 13.16 -24.56
N ARG A 110 -5.31 13.05 -23.55
CA ARG A 110 -5.73 14.22 -22.73
C ARG A 110 -4.58 14.90 -22.02
N LEU A 111 -3.73 14.11 -21.39
CA LEU A 111 -2.58 14.62 -20.73
C LEU A 111 -1.75 15.49 -21.68
N ALA A 112 -1.45 14.98 -22.86
CA ALA A 112 -0.67 15.77 -23.84
C ALA A 112 -1.41 17.05 -24.19
N HIS A 113 -2.72 16.95 -24.38
CA HIS A 113 -3.53 18.16 -24.65
C HIS A 113 -3.51 19.21 -23.53
N GLU A 114 -3.57 18.77 -22.26
CA GLU A 114 -3.53 19.72 -21.14
C GLU A 114 -2.16 20.38 -21.00
N LEU A 115 -1.10 19.78 -21.54
CA LEU A 115 0.23 20.43 -21.51
C LEU A 115 0.45 21.35 -22.70
N GLY A 116 -0.54 21.43 -23.59
CA GLY A 116 -0.48 22.27 -24.77
C GLY A 116 0.18 21.60 -25.97
N LEU A 117 0.27 20.27 -25.96
CA LEU A 117 0.94 19.56 -27.05
C LEU A 117 -0.08 19.04 -28.04
N LEU A 118 0.30 18.97 -29.29
CA LEU A 118 -0.61 18.37 -30.26
C LEU A 118 -0.21 16.96 -30.44
N VAL A 119 -1.06 16.17 -31.07
CA VAL A 119 -0.74 14.76 -31.23
C VAL A 119 -0.88 14.27 -32.64
N ILE A 120 0.07 13.47 -33.04
CA ILE A 120 -0.01 12.79 -34.33
C ILE A 120 -0.20 11.34 -33.94
N LEU A 121 -1.31 10.76 -34.35
CA LEU A 121 -1.64 9.39 -33.90
C LEU A 121 -1.29 8.33 -34.98
N ARG A 122 -0.59 7.29 -34.61
CA ARG A 122 -0.35 6.21 -35.55
C ARG A 122 -1.01 4.89 -35.03
N PRO A 123 -2.31 4.67 -35.39
CA PRO A 123 -3.07 3.55 -34.85
C PRO A 123 -2.98 2.28 -35.62
N GLY A 124 -2.05 2.20 -36.57
CA GLY A 124 -1.80 0.94 -37.27
C GLY A 124 -2.83 0.67 -38.35
N PRO A 125 -3.31 -0.56 -38.44
CA PRO A 125 -3.31 -1.53 -37.34
C PRO A 125 -2.04 -2.31 -37.05
N TYR A 126 -1.09 -2.25 -37.96
CA TYR A 126 0.26 -2.79 -37.81
C TYR A 126 1.14 -1.55 -37.63
N ILE A 127 2.00 -1.60 -36.60
CA ILE A 127 2.85 -0.48 -36.23
C ILE A 127 4.36 -0.73 -36.31
N CYS A 128 4.76 -2.01 -36.48
CA CYS A 128 6.19 -2.43 -36.51
C CYS A 128 6.85 -2.18 -35.14
N ALA A 129 7.61 -1.10 -35.04
CA ALA A 129 7.98 -0.52 -33.75
C ALA A 129 8.81 -1.40 -32.77
N GLU A 130 9.60 -2.35 -33.29
CA GLU A 130 10.35 -3.32 -32.46
C GLU A 130 9.45 -3.86 -31.29
N TRP A 131 8.19 -4.11 -31.62
CA TRP A 131 7.12 -4.55 -30.67
C TRP A 131 6.58 -5.90 -31.14
N GLU A 132 6.22 -6.78 -30.21
CA GLU A 132 5.61 -8.12 -30.51
C GLU A 132 4.66 -8.08 -31.70
N MET A 133 5.06 -8.74 -32.78
CA MET A 133 4.22 -8.93 -33.97
C MET A 133 3.80 -7.62 -34.66
N GLY A 134 4.61 -6.58 -34.52
CA GLY A 134 4.27 -5.29 -35.10
C GLY A 134 2.92 -4.83 -34.56
N GLY A 135 2.62 -5.15 -33.31
CA GLY A 135 1.35 -4.76 -32.72
C GLY A 135 0.14 -5.65 -33.04
N LEU A 136 0.28 -6.55 -34.00
CA LEU A 136 -0.88 -7.42 -34.40
C LEU A 136 -1.21 -8.54 -33.36
N PRO A 137 -2.48 -8.72 -33.01
CA PRO A 137 -2.70 -9.78 -32.02
C PRO A 137 -2.40 -11.19 -32.60
N ALA A 138 -1.74 -11.99 -31.79
CA ALA A 138 -1.38 -13.32 -32.10
C ALA A 138 -2.58 -14.19 -32.48
N TRP A 139 -3.70 -13.96 -31.83
CA TRP A 139 -4.94 -14.69 -32.12
C TRP A 139 -5.42 -14.59 -33.56
N LEU A 140 -4.87 -13.66 -34.35
CA LEU A 140 -5.19 -13.65 -35.79
C LEU A 140 -4.72 -14.95 -36.47
N LEU A 141 -3.72 -15.62 -35.86
CA LEU A 141 -3.12 -16.84 -36.44
C LEU A 141 -3.93 -18.11 -36.16
N GLU A 142 -5.09 -17.95 -35.54
CA GLU A 142 -5.97 -19.10 -35.37
C GLU A 142 -6.43 -19.61 -36.75
N LYS A 143 -6.31 -18.72 -37.74
CA LYS A 143 -6.39 -19.11 -39.14
C LYS A 143 -4.95 -19.24 -39.60
N GLU A 144 -4.47 -20.48 -39.77
CA GLU A 144 -3.05 -20.75 -40.12
C GLU A 144 -2.56 -20.07 -41.39
N SER A 145 -3.42 -20.08 -42.39
CA SER A 145 -3.09 -19.55 -43.73
C SER A 145 -3.38 -18.08 -43.89
N ILE A 146 -3.65 -17.35 -42.81
CA ILE A 146 -4.07 -15.97 -42.95
C ILE A 146 -2.93 -15.17 -43.58
N LEU A 147 -3.25 -14.33 -44.58
CA LEU A 147 -2.27 -13.35 -45.09
C LEU A 147 -2.44 -12.01 -44.37
N LEU A 148 -1.58 -11.78 -43.40
CA LEU A 148 -1.59 -10.52 -42.65
C LEU A 148 -1.34 -9.33 -43.62
N ARG A 149 -1.93 -8.20 -43.28
CA ARG A 149 -1.78 -6.95 -43.99
C ARG A 149 -2.18 -7.06 -45.49
N SER A 150 -3.40 -7.54 -45.71
CA SER A 150 -3.91 -7.77 -47.05
C SER A 150 -5.44 -7.63 -46.95
N SER A 151 -6.11 -7.77 -48.10
CA SER A 151 -7.57 -7.98 -48.16
C SER A 151 -8.07 -9.40 -47.79
N ASP A 152 -7.23 -10.29 -47.29
CA ASP A 152 -7.72 -11.52 -46.71
C ASP A 152 -8.97 -11.15 -45.85
N PRO A 153 -10.16 -11.64 -46.22
CA PRO A 153 -11.42 -11.19 -45.59
C PRO A 153 -11.48 -11.37 -44.09
N ASP A 154 -10.86 -12.45 -43.60
CA ASP A 154 -10.70 -12.68 -42.19
C ASP A 154 -9.79 -11.60 -41.50
N TYR A 155 -8.63 -11.31 -42.05
CA TYR A 155 -7.86 -10.21 -41.48
C TYR A 155 -8.76 -8.96 -41.46
N LEU A 156 -9.42 -8.69 -42.58
CA LEU A 156 -10.19 -7.47 -42.74
C LEU A 156 -11.30 -7.38 -41.72
N ALA A 157 -12.03 -8.47 -41.49
CA ALA A 157 -13.17 -8.42 -40.57
C ALA A 157 -12.74 -8.08 -39.13
N ALA A 158 -11.58 -8.58 -38.73
CA ALA A 158 -11.08 -8.33 -37.38
C ALA A 158 -10.51 -6.87 -37.33
N VAL A 159 -9.79 -6.43 -38.35
CA VAL A 159 -9.35 -5.03 -38.39
C VAL A 159 -10.53 -4.14 -38.26
N ASP A 160 -11.57 -4.41 -39.07
CA ASP A 160 -12.78 -3.58 -39.07
C ASP A 160 -13.34 -3.49 -37.69
N LYS A 161 -13.39 -4.62 -37.01
CA LYS A 161 -14.04 -4.70 -35.68
C LYS A 161 -13.24 -3.88 -34.65
N TRP A 162 -11.90 -3.95 -34.75
CA TRP A 162 -11.01 -3.23 -33.87
C TRP A 162 -11.22 -1.75 -34.11
N LEU A 163 -11.29 -1.34 -35.36
CA LEU A 163 -11.43 0.10 -35.64
C LEU A 163 -12.79 0.66 -35.17
N GLY A 164 -13.83 -0.20 -35.18
CA GLY A 164 -15.14 0.19 -34.64
C GLY A 164 -15.12 0.47 -33.15
N VAL A 165 -14.07 -0.02 -32.50
CA VAL A 165 -13.90 0.19 -31.09
C VAL A 165 -12.93 1.36 -30.83
N LEU A 166 -11.81 1.35 -31.51
CA LEU A 166 -10.78 2.32 -31.22
C LEU A 166 -11.14 3.71 -31.76
N LEU A 167 -11.57 3.77 -33.01
CA LEU A 167 -11.71 5.05 -33.73
C LEU A 167 -12.77 5.97 -33.14
N PRO A 168 -13.92 5.44 -32.69
CA PRO A 168 -14.89 6.27 -32.02
C PRO A 168 -14.42 6.89 -30.70
N LYS A 169 -13.56 6.19 -29.95
CA LYS A 169 -12.87 6.79 -28.78
C LYS A 169 -11.90 7.94 -29.22
N MET A 170 -11.29 7.82 -30.39
CA MET A 170 -10.37 8.88 -30.85
C MET A 170 -11.10 10.09 -31.44
N LYS A 171 -12.36 9.92 -31.88
CA LYS A 171 -13.08 11.00 -32.58
C LYS A 171 -13.13 12.35 -31.79
N PRO A 172 -13.62 12.35 -30.51
CA PRO A 172 -13.58 13.61 -29.78
C PRO A 172 -12.17 14.14 -29.46
N LEU A 173 -11.10 13.34 -29.66
CA LEU A 173 -9.76 13.87 -29.46
C LEU A 173 -9.19 14.48 -30.75
N LEU A 174 -9.97 14.46 -31.83
CA LEU A 174 -9.56 15.11 -33.07
C LEU A 174 -9.51 16.58 -32.82
N TYR A 175 -8.57 17.23 -33.50
CA TYR A 175 -8.37 18.66 -33.33
C TYR A 175 -9.62 19.44 -33.51
N GLN A 176 -10.35 19.10 -34.58
CA GLN A 176 -11.54 19.88 -34.98
C GLN A 176 -12.66 19.66 -33.99
N ASN A 177 -12.55 18.69 -33.08
CA ASN A 177 -13.58 18.49 -32.04
C ASN A 177 -13.09 18.97 -30.62
N GLY A 178 -11.96 19.65 -30.54
CA GLY A 178 -11.48 20.14 -29.24
C GLY A 178 -10.34 19.37 -28.61
N GLY A 179 -9.99 18.20 -29.17
CA GLY A 179 -8.80 17.46 -28.75
C GLY A 179 -7.50 17.91 -29.47
N PRO A 180 -6.37 17.20 -29.22
CA PRO A 180 -5.01 17.46 -29.69
C PRO A 180 -4.57 16.82 -31.05
N VAL A 181 -5.32 15.85 -31.55
CA VAL A 181 -4.89 15.01 -32.70
C VAL A 181 -5.09 15.76 -33.98
N ILE A 182 -3.99 16.00 -34.70
CA ILE A 182 -4.02 16.79 -35.90
C ILE A 182 -3.86 15.95 -37.17
N THR A 183 -3.14 14.84 -37.09
CA THR A 183 -3.01 13.98 -38.25
C THR A 183 -3.05 12.52 -37.81
N VAL A 184 -3.43 11.66 -38.73
CA VAL A 184 -3.53 10.25 -38.40
C VAL A 184 -2.86 9.43 -39.46
N GLN A 185 -1.95 8.55 -39.06
CA GLN A 185 -1.25 7.67 -40.05
C GLN A 185 -2.04 6.41 -40.30
N VAL A 186 -2.16 6.05 -41.56
CA VAL A 186 -2.81 4.82 -41.99
C VAL A 186 -1.73 3.81 -42.31
N GLU A 187 -1.84 2.66 -41.65
CA GLU A 187 -0.86 1.61 -41.71
C GLU A 187 0.48 2.13 -41.25
N ASN A 188 1.55 1.42 -41.59
CA ASN A 188 2.90 1.78 -41.25
C ASN A 188 3.86 1.17 -42.28
N GLU A 189 4.50 2.03 -43.07
CA GLU A 189 5.36 1.60 -44.18
C GLU A 189 4.80 0.39 -44.99
N TYR A 190 3.57 0.47 -45.45
CA TYR A 190 3.08 -0.62 -46.27
C TYR A 190 3.99 -0.94 -47.50
N GLY A 191 4.69 0.06 -48.00
CA GLY A 191 5.54 -0.13 -49.17
C GLY A 191 6.70 -1.02 -48.88
N SER A 192 6.99 -1.28 -47.60
CA SER A 192 8.09 -2.20 -47.33
C SER A 192 7.63 -3.68 -47.34
N TYR A 193 6.34 -3.92 -47.48
CA TYR A 193 5.79 -5.28 -47.36
C TYR A 193 5.54 -5.90 -48.74
N PHE A 194 5.74 -7.20 -48.89
CA PHE A 194 5.65 -7.84 -50.18
C PHE A 194 4.29 -7.76 -50.91
N ALA A 195 3.18 -7.71 -50.17
CA ALA A 195 1.84 -7.99 -50.71
C ALA A 195 1.27 -6.97 -51.69
N CYS A 196 1.49 -5.70 -51.42
CA CYS A 196 1.11 -4.62 -52.31
C CYS A 196 -0.36 -4.68 -52.65
N ASP A 197 -1.20 -4.88 -51.63
CA ASP A 197 -2.64 -4.98 -51.80
C ASP A 197 -3.26 -3.60 -51.54
N PHE A 198 -3.43 -2.83 -52.61
CA PHE A 198 -4.10 -1.52 -52.57
C PHE A 198 -5.60 -1.58 -52.15
N ASP A 199 -6.27 -2.70 -52.33
CA ASP A 199 -7.62 -2.83 -51.81
C ASP A 199 -7.58 -2.71 -50.28
N TYR A 200 -6.49 -3.19 -49.66
CA TYR A 200 -6.36 -3.16 -48.22
C TYR A 200 -6.25 -1.73 -47.81
N LEU A 201 -5.37 -0.98 -48.48
CA LEU A 201 -5.19 0.42 -48.16
C LEU A 201 -6.47 1.21 -48.34
N ARG A 202 -7.17 1.02 -49.45
CA ARG A 202 -8.46 1.68 -49.65
C ARG A 202 -9.53 1.33 -48.59
N PHE A 203 -9.54 0.09 -48.13
CA PHE A 203 -10.48 -0.32 -47.05
C PHE A 203 -10.18 0.44 -45.74
N LEU A 204 -8.92 0.44 -45.32
CA LEU A 204 -8.51 1.29 -44.19
C LEU A 204 -9.00 2.73 -44.41
N GLN A 205 -8.69 3.30 -45.57
CA GLN A 205 -9.07 4.69 -45.84
C GLN A 205 -10.57 4.92 -45.71
N LYS A 206 -11.40 4.03 -46.22
CA LYS A 206 -12.84 4.14 -46.05
C LYS A 206 -13.29 4.10 -44.58
N ARG A 207 -12.70 3.20 -43.80
CA ARG A 207 -13.15 3.00 -42.43
C ARG A 207 -12.64 4.10 -41.50
N PHE A 208 -11.42 4.58 -41.75
CA PHE A 208 -10.91 5.75 -41.05
C PHE A 208 -11.84 6.92 -41.31
N ARG A 209 -12.30 7.10 -42.54
CA ARG A 209 -13.23 8.21 -42.88
C ARG A 209 -14.58 8.02 -42.21
N HIS A 210 -15.04 6.78 -42.23
CA HIS A 210 -16.35 6.48 -41.71
C HIS A 210 -16.35 6.93 -40.25
N HIS A 211 -15.32 6.55 -39.48
CA HIS A 211 -15.36 6.74 -38.02
C HIS A 211 -14.94 8.11 -37.61
N LEU A 212 -13.96 8.72 -38.33
CA LEU A 212 -13.46 10.00 -37.94
C LEU A 212 -13.91 11.23 -38.79
N GLY A 213 -14.44 11.00 -39.99
CA GLY A 213 -15.00 12.10 -40.80
C GLY A 213 -14.08 12.44 -41.96
N ASP A 214 -14.39 13.54 -42.68
CA ASP A 214 -13.78 13.86 -43.99
C ASP A 214 -12.74 14.97 -43.95
N ASP A 215 -12.56 15.58 -42.78
CA ASP A 215 -11.68 16.69 -42.61
C ASP A 215 -10.37 16.31 -41.98
N VAL A 216 -10.35 15.25 -41.17
CA VAL A 216 -9.11 14.75 -40.57
C VAL A 216 -8.09 14.42 -41.64
N VAL A 217 -6.88 14.92 -41.42
CA VAL A 217 -5.75 14.63 -42.28
C VAL A 217 -5.25 13.19 -42.05
N LEU A 218 -5.35 12.37 -43.10
CA LEU A 218 -4.80 11.01 -43.08
C LEU A 218 -3.51 10.98 -43.91
N PHE A 219 -2.52 10.19 -43.48
CA PHE A 219 -1.22 10.14 -44.14
C PHE A 219 -0.55 8.77 -44.06
N THR A 220 0.47 8.56 -44.91
CA THR A 220 1.28 7.37 -44.90
C THR A 220 2.74 7.71 -44.67
N THR A 221 3.49 6.71 -44.20
CA THR A 221 4.90 6.88 -43.98
C THR A 221 5.61 5.77 -44.71
N ASP A 222 6.66 6.12 -45.45
CA ASP A 222 7.51 5.06 -46.03
C ASP A 222 8.95 5.52 -46.14
N GLY A 223 9.82 4.57 -46.46
CA GLY A 223 11.18 4.91 -46.78
C GLY A 223 11.20 5.85 -47.96
N ALA A 224 12.23 6.68 -47.94
CA ALA A 224 12.43 7.80 -48.88
C ALA A 224 13.02 7.34 -50.23
N HIS A 225 12.24 6.60 -50.99
CA HIS A 225 12.75 6.00 -52.22
C HIS A 225 11.63 5.36 -52.97
N LYS A 226 11.57 5.63 -54.27
CA LYS A 226 10.43 5.20 -55.10
C LYS A 226 10.07 3.71 -54.98
N THR A 227 11.06 2.88 -54.67
CA THR A 227 10.82 1.44 -54.45
C THR A 227 9.90 1.21 -53.26
N PHE A 228 10.07 2.01 -52.22
CA PHE A 228 9.22 1.90 -51.04
C PHE A 228 7.87 2.59 -51.28
N LEU A 229 7.94 3.77 -51.93
CA LEU A 229 6.75 4.60 -52.22
C LEU A 229 5.76 4.01 -53.21
N LYS A 230 6.24 3.13 -54.09
CA LYS A 230 5.40 2.47 -55.10
C LYS A 230 4.15 1.79 -54.51
N CYS A 231 4.33 1.01 -53.46
CA CYS A 231 3.25 0.26 -52.83
C CYS A 231 2.69 0.91 -51.56
N GLY A 232 3.35 1.95 -51.08
CA GLY A 232 3.00 2.51 -49.78
C GLY A 232 1.99 3.63 -49.83
N ALA A 233 1.95 4.29 -50.98
CA ALA A 233 1.23 5.53 -51.19
C ALA A 233 -0.13 5.34 -51.85
N LEU A 234 -1.09 6.16 -51.47
CA LEU A 234 -2.42 5.97 -51.97
C LEU A 234 -3.05 7.31 -52.23
N GLN A 235 -3.78 7.41 -53.33
CA GLN A 235 -4.55 8.61 -53.65
C GLN A 235 -5.49 8.91 -52.47
N GLY A 236 -5.48 10.16 -52.01
CA GLY A 236 -6.32 10.55 -50.89
C GLY A 236 -5.61 10.57 -49.53
N LEU A 237 -4.51 9.81 -49.40
CA LEU A 237 -3.67 9.84 -48.20
C LEU A 237 -2.36 10.63 -48.49
N TYR A 238 -2.02 11.61 -47.65
CA TYR A 238 -0.85 12.41 -47.86
C TYR A 238 0.39 11.55 -47.61
N THR A 239 1.32 11.62 -48.57
CA THR A 239 2.55 10.82 -48.56
C THR A 239 3.69 11.51 -47.82
N THR A 240 4.17 10.87 -46.75
CA THR A 240 5.33 11.31 -46.02
C THR A 240 6.39 10.23 -46.06
N VAL A 241 7.63 10.64 -45.82
CA VAL A 241 8.78 9.77 -45.82
C VAL A 241 9.38 9.69 -44.42
N ASP A 242 10.31 8.75 -44.25
CA ASP A 242 11.21 8.77 -43.09
C ASP A 242 12.64 8.54 -43.53
N PHE A 243 13.55 8.99 -42.69
CA PHE A 243 14.98 8.85 -42.89
C PHE A 243 15.73 9.45 -41.70
N GLY A 244 16.99 9.11 -41.57
CA GLY A 244 17.79 9.51 -40.43
C GLY A 244 19.03 10.27 -40.83
N THR A 245 20.04 10.22 -39.96
CA THR A 245 21.24 11.03 -40.14
C THR A 245 22.16 10.49 -41.20
N GLY A 246 21.97 9.26 -41.68
CA GLY A 246 22.79 8.76 -42.81
C GLY A 246 22.39 9.21 -44.22
N SER A 247 21.19 9.78 -44.37
CA SER A 247 20.55 9.99 -45.67
C SER A 247 20.73 11.42 -46.13
N ASN A 248 20.80 11.61 -47.44
CA ASN A 248 20.94 12.94 -48.06
C ASN A 248 19.57 13.57 -48.05
N ILE A 249 19.44 14.74 -47.43
CA ILE A 249 18.15 15.33 -47.12
C ILE A 249 17.42 15.71 -48.39
N THR A 250 18.17 16.36 -49.28
CA THR A 250 17.64 16.76 -50.61
C THR A 250 17.02 15.58 -51.36
N ASP A 251 17.79 14.51 -51.49
CA ASP A 251 17.29 13.29 -52.12
C ASP A 251 16.07 12.74 -51.43
N ALA A 252 16.09 12.70 -50.10
CA ALA A 252 14.95 12.13 -49.39
C ALA A 252 13.66 12.93 -49.65
N PHE A 253 13.77 14.25 -49.60
CA PHE A 253 12.59 15.12 -49.80
C PHE A 253 12.18 15.25 -51.27
N LEU A 254 13.12 15.08 -52.23
CA LEU A 254 12.68 14.96 -53.66
C LEU A 254 11.84 13.73 -53.91
N SER A 255 12.21 12.63 -53.27
CA SER A 255 11.43 11.41 -53.38
C SER A 255 10.03 11.66 -52.80
N GLN A 256 9.94 12.45 -51.75
CA GLN A 256 8.63 12.85 -51.26
C GLN A 256 7.87 13.71 -52.30
N ARG A 257 8.56 14.69 -52.90
CA ARG A 257 7.94 15.56 -53.93
C ARG A 257 7.38 14.85 -55.18
N LYS A 258 7.95 13.71 -55.53
CA LYS A 258 7.41 12.87 -56.59
C LYS A 258 5.94 12.49 -56.33
N CYS A 259 5.59 12.15 -55.11
CA CYS A 259 4.23 11.70 -54.85
C CYS A 259 3.32 12.83 -54.40
N GLU A 260 3.89 13.86 -53.76
CA GLU A 260 3.11 15.03 -53.35
C GLU A 260 3.84 16.25 -53.81
N PRO A 261 3.50 16.78 -55.00
CA PRO A 261 4.27 17.94 -55.53
C PRO A 261 3.92 19.27 -54.84
N LYS A 262 2.83 19.22 -54.09
CA LYS A 262 2.29 20.35 -53.37
C LYS A 262 1.90 19.90 -51.96
N GLY A 263 2.17 20.77 -51.01
CA GLY A 263 1.89 20.51 -49.63
C GLY A 263 3.15 20.36 -48.84
N PRO A 264 3.04 20.28 -47.50
CA PRO A 264 4.21 20.28 -46.60
C PRO A 264 5.22 19.14 -46.75
N LEU A 265 6.49 19.43 -46.43
CA LEU A 265 7.51 18.42 -46.35
C LEU A 265 7.47 17.83 -44.94
N ILE A 266 7.61 16.52 -44.85
CA ILE A 266 7.42 15.79 -43.61
C ILE A 266 8.29 14.57 -43.63
N ASN A 267 9.19 14.51 -42.66
CA ASN A 267 9.87 13.32 -42.20
C ASN A 267 9.22 12.87 -40.91
N SER A 268 8.40 11.82 -40.99
CA SER A 268 7.66 11.26 -39.84
C SER A 268 8.49 10.45 -38.86
N GLU A 269 9.68 9.99 -39.26
CA GLU A 269 10.60 9.31 -38.35
C GLU A 269 12.06 9.67 -38.68
N PHE A 270 12.55 10.74 -38.05
CA PHE A 270 13.95 11.12 -38.05
C PHE A 270 14.72 10.44 -36.91
N TYR A 271 15.65 9.55 -37.25
CA TYR A 271 16.23 8.66 -36.23
C TYR A 271 17.26 9.36 -35.34
N THR A 272 16.90 9.45 -34.04
CA THR A 272 17.74 9.96 -33.00
C THR A 272 18.78 8.92 -32.51
N GLY A 273 18.58 7.69 -32.93
CA GLY A 273 19.37 6.56 -32.45
C GLY A 273 18.90 5.38 -33.26
N TRP A 274 19.02 4.17 -32.71
CA TRP A 274 18.67 2.93 -33.44
C TRP A 274 18.37 1.79 -32.49
N LEU A 275 17.81 0.72 -33.03
CA LEU A 275 17.40 -0.40 -32.19
C LEU A 275 18.58 -1.30 -31.86
N ASP A 276 18.35 -2.19 -30.89
CA ASP A 276 19.28 -3.25 -30.42
C ASP A 276 18.76 -4.67 -30.65
N HIS A 277 19.69 -5.62 -30.61
CA HIS A 277 19.37 -7.02 -30.47
C HIS A 277 20.27 -7.60 -29.37
N TRP A 278 19.78 -8.63 -28.69
CA TRP A 278 20.56 -9.41 -27.70
C TRP A 278 21.83 -9.87 -28.39
N GLY A 279 23.00 -9.70 -27.77
CA GLY A 279 24.23 -10.17 -28.36
C GLY A 279 24.95 -9.28 -29.37
N GLN A 280 24.40 -8.13 -29.69
CA GLN A 280 25.13 -7.19 -30.49
C GLN A 280 25.46 -6.03 -29.64
N PRO A 281 26.47 -5.24 -30.06
CA PRO A 281 26.76 -4.03 -29.28
C PRO A 281 25.62 -3.03 -29.32
N HIS A 282 25.48 -2.30 -28.22
CA HIS A 282 24.42 -1.32 -28.07
C HIS A 282 24.52 -0.22 -29.12
N SER A 283 23.41 0.06 -29.82
CA SER A 283 23.42 1.08 -30.87
C SER A 283 23.41 2.50 -30.30
N THR A 284 24.31 3.34 -30.85
CA THR A 284 24.44 4.80 -30.57
C THR A 284 24.60 5.60 -31.86
N ILE A 285 24.11 6.84 -31.83
CA ILE A 285 24.25 7.83 -32.90
C ILE A 285 24.72 9.11 -32.23
N LYS A 286 25.74 9.74 -32.79
CA LYS A 286 26.36 10.92 -32.16
C LYS A 286 25.43 12.15 -32.04
N THR A 287 25.57 12.87 -30.93
CA THR A 287 24.81 14.10 -30.71
C THR A 287 25.02 15.14 -31.82
N GLU A 288 26.25 15.29 -32.30
CA GLU A 288 26.46 16.26 -33.39
C GLU A 288 25.67 15.83 -34.66
N ALA A 289 25.64 14.54 -34.99
CA ALA A 289 25.04 14.12 -36.22
C ALA A 289 23.56 14.37 -36.18
N VAL A 290 22.96 14.09 -35.02
CA VAL A 290 21.53 14.31 -34.87
C VAL A 290 21.27 15.81 -34.89
N ALA A 291 22.10 16.58 -34.23
CA ALA A 291 21.81 18.00 -34.12
C ALA A 291 21.89 18.69 -35.52
N SER A 292 22.98 18.45 -36.22
CA SER A 292 23.18 19.09 -37.52
C SER A 292 22.10 18.70 -38.52
N SER A 293 21.75 17.42 -38.55
CA SER A 293 20.65 16.98 -39.41
C SER A 293 19.30 17.64 -39.03
N LEU A 294 19.03 17.80 -37.74
CA LEU A 294 17.71 18.33 -37.34
C LEU A 294 17.64 19.73 -37.85
N TYR A 295 18.76 20.44 -37.75
CA TYR A 295 18.86 21.82 -38.21
C TYR A 295 18.52 21.91 -39.69
N ASP A 296 19.11 21.05 -40.51
CA ASP A 296 18.92 21.17 -41.97
C ASP A 296 17.51 20.84 -42.36
N ILE A 297 16.91 19.82 -41.72
CA ILE A 297 15.50 19.55 -41.95
C ILE A 297 14.65 20.75 -41.56
N LEU A 298 14.85 21.29 -40.36
CA LEU A 298 14.00 22.41 -39.91
C LEU A 298 14.18 23.60 -40.88
N ALA A 299 15.43 23.84 -41.32
CA ALA A 299 15.70 25.00 -42.19
C ALA A 299 14.91 25.01 -43.52
N ARG A 300 14.51 23.82 -44.00
CA ARG A 300 13.72 23.70 -45.23
C ARG A 300 12.26 23.97 -45.01
N GLY A 301 11.91 24.30 -43.77
CA GLY A 301 10.55 24.56 -43.42
C GLY A 301 9.73 23.30 -43.35
N ALA A 302 10.38 22.13 -43.25
CA ALA A 302 9.69 20.81 -43.15
C ALA A 302 9.18 20.53 -41.72
N SER A 303 8.11 19.74 -41.62
CA SER A 303 7.61 19.24 -40.36
C SER A 303 8.43 17.98 -40.10
N VAL A 304 8.79 17.74 -38.85
CA VAL A 304 9.65 16.61 -38.50
C VAL A 304 9.22 15.93 -37.21
N ASN A 305 9.18 14.59 -37.19
CA ASN A 305 9.10 13.86 -35.92
C ASN A 305 10.41 13.11 -35.57
N LEU A 306 10.91 13.32 -34.35
CA LEU A 306 12.03 12.55 -33.76
C LEU A 306 11.62 11.14 -33.22
N TYR A 307 12.21 10.11 -33.84
CA TYR A 307 11.98 8.75 -33.44
C TYR A 307 13.30 8.20 -32.84
N MET A 308 13.38 7.76 -31.57
CA MET A 308 12.46 8.04 -30.49
C MET A 308 12.94 9.29 -29.80
N PHE A 309 12.02 10.01 -29.16
CA PHE A 309 12.38 11.03 -28.21
C PHE A 309 12.68 10.51 -26.80
N ILE A 310 11.72 9.75 -26.25
CA ILE A 310 12.03 8.80 -25.16
C ILE A 310 11.61 7.46 -25.71
N GLY A 311 12.48 6.44 -25.57
CA GLY A 311 12.17 5.06 -26.00
C GLY A 311 11.50 4.21 -24.87
N GLY A 312 12.09 4.25 -23.68
CA GLY A 312 11.48 3.58 -22.53
C GLY A 312 11.77 2.09 -22.50
N THR A 313 10.75 1.29 -22.16
CA THR A 313 10.94 -0.16 -21.87
C THR A 313 9.87 -1.12 -22.46
N ASN A 314 10.34 -2.26 -22.96
CA ASN A 314 9.50 -3.40 -23.31
C ASN A 314 9.37 -4.28 -22.09
N PHE A 315 8.43 -3.93 -21.23
CA PHE A 315 8.11 -4.72 -20.06
C PHE A 315 7.49 -6.04 -20.52
N ALA A 316 7.34 -6.97 -19.58
CA ALA A 316 6.69 -8.28 -19.85
C ALA A 316 7.30 -9.03 -21.05
N TYR A 317 6.52 -9.32 -22.08
CA TYR A 317 6.99 -10.06 -23.29
C TYR A 317 6.74 -9.23 -24.55
N TRP A 318 6.78 -7.92 -24.41
CA TRP A 318 6.34 -7.02 -25.47
C TRP A 318 7.39 -6.73 -26.53
N ASN A 319 8.62 -7.12 -26.31
CA ASN A 319 9.63 -6.89 -27.38
C ASN A 319 9.24 -7.65 -28.66
N GLY A 320 9.88 -7.29 -29.74
CA GLY A 320 9.72 -8.01 -31.03
C GLY A 320 11.03 -8.61 -31.48
N ALA A 321 11.13 -8.86 -32.78
CA ALA A 321 12.31 -9.45 -33.34
C ALA A 321 12.40 -9.16 -34.82
N ASN A 322 13.59 -9.33 -35.35
CA ASN A 322 13.81 -9.38 -36.80
C ASN A 322 14.19 -10.77 -37.32
N SER A 323 14.14 -10.86 -38.63
CA SER A 323 14.39 -12.05 -39.39
C SER A 323 15.63 -11.79 -40.26
N PRO A 324 16.58 -12.75 -40.30
CA PRO A 324 16.63 -14.04 -39.61
C PRO A 324 16.72 -13.93 -38.08
N TYR A 325 16.04 -14.82 -37.37
CA TYR A 325 15.51 -14.57 -36.02
C TYR A 325 16.55 -13.97 -35.08
N ALA A 326 16.31 -12.72 -34.69
CA ALA A 326 17.07 -12.04 -33.65
C ALA A 326 16.19 -11.08 -32.81
N ALA A 327 16.05 -11.37 -31.53
CA ALA A 327 15.08 -10.64 -30.69
C ALA A 327 15.75 -9.41 -30.15
N GLN A 328 14.93 -8.38 -30.08
CA GLN A 328 15.24 -7.14 -29.41
C GLN A 328 15.13 -7.36 -27.92
N PRO A 329 15.93 -6.64 -27.14
CA PRO A 329 15.86 -6.82 -25.72
C PRO A 329 14.78 -5.97 -24.97
N THR A 330 14.78 -6.09 -23.64
CA THR A 330 13.92 -5.39 -22.74
C THR A 330 14.06 -3.85 -22.85
N SER A 331 15.29 -3.32 -22.85
CA SER A 331 15.48 -1.88 -22.89
C SER A 331 15.14 -1.38 -24.26
N TYR A 332 14.35 -0.29 -24.35
CA TYR A 332 14.19 0.46 -25.59
C TYR A 332 14.84 1.83 -25.38
N ASP A 333 15.94 1.88 -24.65
CA ASP A 333 16.63 3.17 -24.45
C ASP A 333 16.82 3.90 -25.79
N TYR A 334 17.20 3.14 -26.80
CA TYR A 334 17.30 3.63 -28.17
C TYR A 334 18.39 4.67 -28.33
N ASP A 335 19.18 4.95 -27.29
CA ASP A 335 20.09 6.15 -27.28
C ASP A 335 19.31 7.45 -27.57
N ALA A 336 18.06 7.48 -27.10
CA ALA A 336 17.18 8.64 -27.34
C ALA A 336 17.62 9.86 -26.48
N PRO A 337 17.17 11.08 -26.86
CA PRO A 337 17.51 12.23 -26.03
C PRO A 337 17.14 12.05 -24.56
N LEU A 338 15.99 11.46 -24.27
CA LEU A 338 15.64 11.10 -22.90
C LEU A 338 15.96 9.62 -22.77
N SER A 339 16.72 9.22 -21.75
CA SER A 339 17.13 7.83 -21.57
C SER A 339 15.98 6.92 -21.10
N GLU A 340 16.22 5.62 -21.02
CA GLU A 340 15.17 4.67 -20.65
C GLU A 340 14.35 5.16 -19.43
N ALA A 341 15.02 5.54 -18.34
CA ALA A 341 14.36 6.00 -17.10
C ALA A 341 13.99 7.50 -17.10
N GLY A 342 14.07 8.12 -18.26
CA GLY A 342 13.64 9.51 -18.46
C GLY A 342 14.66 10.62 -18.24
N ASP A 343 15.96 10.29 -18.20
CA ASP A 343 16.97 11.28 -17.84
C ASP A 343 17.22 12.25 -19.00
N LEU A 344 17.57 13.48 -18.62
CA LEU A 344 18.02 14.53 -19.56
C LEU A 344 19.46 14.21 -19.91
N THR A 345 19.76 14.03 -21.19
CA THR A 345 21.11 13.65 -21.61
C THR A 345 21.74 14.86 -22.35
N GLU A 346 23.02 14.76 -22.73
CA GLU A 346 23.59 15.88 -23.45
C GLU A 346 22.86 16.00 -24.81
N LYS A 347 22.39 14.88 -25.34
CA LYS A 347 21.70 14.92 -26.59
C LYS A 347 20.45 15.76 -26.51
N TYR A 348 19.73 15.68 -25.39
CA TYR A 348 18.47 16.43 -25.16
C TYR A 348 18.73 17.94 -25.25
N PHE A 349 19.80 18.34 -24.60
CA PHE A 349 20.04 19.75 -24.46
C PHE A 349 20.44 20.26 -25.79
N ALA A 350 21.20 19.45 -26.55
CA ALA A 350 21.68 19.91 -27.87
C ALA A 350 20.54 20.06 -28.88
N LEU A 351 19.53 19.20 -28.79
CA LEU A 351 18.40 19.28 -29.73
C LEU A 351 17.55 20.45 -29.35
N ARG A 352 17.33 20.64 -28.05
CA ARG A 352 16.66 21.83 -27.58
C ARG A 352 17.34 23.14 -28.08
N ASN A 353 18.67 23.23 -27.99
CA ASN A 353 19.43 24.35 -28.62
C ASN A 353 19.15 24.51 -30.12
N ILE A 354 19.11 23.43 -30.87
CA ILE A 354 18.73 23.50 -32.29
C ILE A 354 17.35 24.17 -32.45
N ILE A 355 16.38 23.64 -31.73
CA ILE A 355 14.98 24.03 -31.84
C ILE A 355 14.87 25.50 -31.51
N GLN A 356 15.59 25.92 -30.47
CA GLN A 356 15.69 27.36 -30.12
C GLN A 356 16.02 28.31 -31.29
N LYS A 357 16.75 27.83 -32.30
CA LYS A 357 17.14 28.69 -33.45
C LYS A 357 15.95 28.98 -34.38
N PHE A 358 14.83 28.26 -34.18
CA PHE A 358 13.64 28.42 -35.00
C PHE A 358 12.37 28.90 -34.22
N GLU A 359 12.32 28.72 -32.91
CA GLU A 359 11.10 28.99 -32.15
C GLU A 359 11.42 29.45 -30.74
N LYS A 360 10.41 30.07 -30.12
CA LYS A 360 10.40 30.28 -28.67
C LYS A 360 10.20 28.90 -28.01
N VAL A 361 11.05 28.61 -27.04
CA VAL A 361 11.06 27.37 -26.29
C VAL A 361 10.49 27.75 -24.92
N PRO A 362 9.70 26.88 -24.25
CA PRO A 362 9.17 27.34 -22.96
C PRO A 362 10.18 27.82 -21.88
N GLU A 363 9.71 28.81 -21.10
CA GLU A 363 10.49 29.45 -20.03
C GLU A 363 10.27 28.62 -18.75
N GLY A 364 11.26 28.69 -17.86
CA GLY A 364 11.27 27.92 -16.62
C GLY A 364 12.29 26.78 -16.58
N PRO A 365 12.54 26.27 -15.39
CA PRO A 365 13.44 25.11 -15.36
C PRO A 365 12.72 23.76 -15.71
N ILE A 366 13.57 22.81 -16.07
CA ILE A 366 13.16 21.57 -16.66
C ILE A 366 13.01 20.57 -15.53
N PRO A 367 11.92 19.81 -15.50
CA PRO A 367 11.84 18.79 -14.45
C PRO A 367 13.08 17.89 -14.52
N PRO A 368 13.57 17.42 -13.38
CA PRO A 368 14.86 16.74 -13.48
C PRO A 368 14.80 15.22 -13.75
N SER A 369 15.95 14.72 -14.13
CA SER A 369 16.26 13.33 -13.95
C SER A 369 15.84 12.84 -12.53
N THR A 370 15.14 11.72 -12.50
CA THR A 370 14.75 11.15 -11.26
C THR A 370 16.00 10.72 -10.46
N PRO A 371 15.90 10.73 -9.14
CA PRO A 371 16.99 10.17 -8.37
C PRO A 371 16.93 8.62 -8.36
N LYS A 372 18.13 8.01 -8.34
CA LYS A 372 18.29 6.59 -8.37
C LYS A 372 18.95 6.14 -7.11
N PHE A 373 18.53 4.97 -6.65
CA PHE A 373 19.03 4.40 -5.40
C PHE A 373 19.50 2.96 -5.48
N ALA A 374 20.69 2.75 -4.90
CA ALA A 374 21.25 1.43 -4.76
C ALA A 374 20.79 0.67 -3.50
N TYR A 375 19.73 -0.11 -3.60
CA TYR A 375 19.24 -0.85 -2.44
C TYR A 375 20.24 -1.96 -2.01
N GLY A 376 21.12 -2.36 -2.92
CA GLY A 376 22.26 -3.23 -2.58
C GLY A 376 21.98 -4.68 -2.86
N LYS A 377 22.69 -5.59 -2.22
CA LYS A 377 22.44 -7.02 -2.40
C LYS A 377 21.12 -7.50 -1.73
N VAL A 378 20.36 -8.36 -2.40
CA VAL A 378 19.22 -9.10 -1.81
C VAL A 378 19.40 -10.57 -2.10
N THR A 379 19.29 -11.44 -1.09
CA THR A 379 19.48 -12.86 -1.29
C THR A 379 18.19 -13.50 -1.71
N LEU A 380 18.30 -14.54 -2.54
CA LEU A 380 17.14 -15.26 -3.02
C LEU A 380 17.32 -16.68 -2.57
N GLU A 381 16.21 -17.42 -2.52
CA GLU A 381 16.32 -18.86 -2.35
C GLU A 381 15.34 -19.51 -3.29
N LYS A 382 15.60 -20.73 -3.64
CA LYS A 382 14.82 -21.47 -4.62
C LYS A 382 13.53 -21.91 -3.93
N LEU A 383 12.39 -21.67 -4.54
CA LEU A 383 11.10 -22.10 -4.00
C LEU A 383 10.64 -23.44 -4.62
N LYS A 384 10.50 -23.45 -5.93
CA LYS A 384 10.09 -24.65 -6.67
C LYS A 384 10.53 -24.63 -8.11
N THR A 385 10.95 -25.79 -8.63
CA THR A 385 11.14 -25.99 -10.07
C THR A 385 9.84 -25.64 -10.80
N VAL A 386 9.93 -25.46 -12.11
CA VAL A 386 8.73 -25.29 -12.97
C VAL A 386 7.91 -26.58 -12.99
N GLY A 387 8.58 -27.73 -13.15
CA GLY A 387 7.90 -29.06 -13.06
C GLY A 387 7.12 -29.26 -11.77
N ALA A 388 7.67 -28.79 -10.67
CA ALA A 388 7.02 -28.93 -9.41
C ALA A 388 5.80 -28.02 -9.32
N ALA A 389 5.77 -26.96 -10.11
CA ALA A 389 4.72 -25.95 -9.98
C ALA A 389 3.64 -26.08 -11.06
N LEU A 390 3.60 -27.22 -11.76
CA LEU A 390 2.71 -27.40 -12.89
C LEU A 390 1.26 -27.22 -12.52
N ASP A 391 0.90 -27.76 -11.34
CA ASP A 391 -0.46 -27.65 -10.79
C ASP A 391 -0.94 -26.20 -10.77
N ILE A 392 -0.10 -25.29 -10.30
CA ILE A 392 -0.51 -23.90 -10.22
C ILE A 392 -0.32 -23.05 -11.50
N LEU A 393 0.63 -23.42 -12.32
CA LEU A 393 0.79 -22.80 -13.62
C LEU A 393 -0.31 -23.21 -14.58
N CYS A 394 -0.85 -24.41 -14.42
CA CYS A 394 -1.76 -24.98 -15.44
C CYS A 394 -2.93 -25.64 -14.73
N PRO A 395 -3.80 -24.84 -14.11
CA PRO A 395 -4.88 -25.36 -13.27
C PRO A 395 -6.09 -26.03 -13.97
N SER A 396 -6.35 -25.70 -15.24
CA SER A 396 -7.38 -26.41 -16.03
C SER A 396 -6.84 -27.66 -16.74
N GLY A 397 -5.54 -27.94 -16.60
CA GLY A 397 -4.93 -29.18 -17.09
C GLY A 397 -4.43 -29.06 -18.53
N PRO A 398 -3.63 -30.04 -19.00
CA PRO A 398 -2.99 -29.96 -20.30
C PRO A 398 -3.84 -30.34 -21.47
N ILE A 399 -3.29 -30.16 -22.67
CA ILE A 399 -3.92 -30.61 -23.93
C ILE A 399 -3.08 -31.77 -24.45
N LYS A 400 -3.77 -32.85 -24.85
CA LYS A 400 -3.13 -34.07 -25.33
C LYS A 400 -3.19 -34.09 -26.84
N SER A 401 -2.15 -34.59 -27.47
CA SER A 401 -2.06 -34.48 -28.90
C SER A 401 -1.08 -35.50 -29.37
N LEU A 402 -1.37 -36.09 -30.51
CA LEU A 402 -0.47 -37.06 -31.18
C LEU A 402 0.89 -36.38 -31.57
N TYR A 403 0.82 -35.27 -32.30
CA TYR A 403 1.99 -34.45 -32.65
C TYR A 403 1.94 -33.12 -31.92
N PRO A 404 3.06 -32.39 -31.91
CA PRO A 404 3.05 -31.15 -31.16
C PRO A 404 2.15 -30.06 -31.75
N LEU A 405 1.63 -29.22 -30.85
CA LEU A 405 0.82 -28.05 -31.16
C LEU A 405 1.60 -26.76 -30.89
N THR A 406 1.17 -25.69 -31.55
CA THR A 406 1.82 -24.43 -31.41
C THR A 406 1.21 -23.63 -30.26
N PHE A 407 1.86 -22.54 -29.90
CA PHE A 407 1.36 -21.64 -28.84
C PHE A 407 -0.10 -21.26 -29.18
N ILE A 408 -0.37 -20.97 -30.44
CA ILE A 408 -1.68 -20.45 -30.84
C ILE A 408 -2.83 -21.49 -30.60
N GLN A 409 -2.61 -22.72 -31.04
CA GLN A 409 -3.55 -23.82 -30.85
C GLN A 409 -3.72 -24.14 -29.40
N VAL A 410 -2.77 -23.74 -28.57
CA VAL A 410 -2.85 -24.09 -27.18
C VAL A 410 -3.38 -22.86 -26.39
N LYS A 411 -3.88 -21.88 -27.12
CA LYS A 411 -4.46 -20.68 -26.54
C LYS A 411 -3.51 -19.86 -25.65
N GLN A 412 -2.22 -19.92 -25.99
CA GLN A 412 -1.26 -19.05 -25.35
C GLN A 412 -0.47 -18.16 -26.30
N HIS A 413 -0.33 -16.88 -25.97
CA HIS A 413 0.35 -16.03 -26.91
C HIS A 413 1.78 -15.72 -26.49
N TYR A 414 2.00 -15.45 -25.21
CA TYR A 414 3.32 -15.03 -24.73
C TYR A 414 3.82 -15.97 -23.65
N GLY A 415 5.10 -15.87 -23.35
CA GLY A 415 5.63 -16.65 -22.24
C GLY A 415 6.13 -18.02 -22.67
N PHE A 416 5.75 -19.02 -21.90
CA PHE A 416 6.36 -20.33 -21.97
C PHE A 416 5.30 -21.40 -22.01
N VAL A 417 5.57 -22.50 -22.69
CA VAL A 417 4.64 -23.63 -22.70
C VAL A 417 5.45 -24.89 -22.41
N LEU A 418 4.94 -25.80 -21.56
CA LEU A 418 5.67 -27.04 -21.31
C LEU A 418 5.12 -28.15 -22.20
N TYR A 419 6.03 -28.79 -22.95
CA TYR A 419 5.70 -29.98 -23.75
C TYR A 419 6.31 -31.20 -23.09
N ARG A 420 5.49 -32.25 -22.91
CA ARG A 420 5.93 -33.45 -22.21
C ARG A 420 5.58 -34.75 -22.97
N THR A 421 6.54 -35.68 -22.99
CA THR A 421 6.33 -36.99 -23.57
C THR A 421 7.24 -37.99 -22.87
N THR A 422 7.31 -39.19 -23.40
CA THR A 422 7.98 -40.29 -22.72
C THR A 422 8.99 -40.85 -23.73
N LEU A 423 10.17 -41.29 -23.30
CA LEU A 423 11.10 -41.96 -24.24
C LEU A 423 10.61 -43.36 -24.63
N PRO A 424 10.49 -43.66 -25.94
CA PRO A 424 10.02 -44.97 -26.38
C PRO A 424 11.15 -45.99 -26.55
N GLN A 425 12.36 -45.68 -26.07
CA GLN A 425 13.54 -46.55 -26.19
C GLN A 425 14.59 -46.16 -25.15
N ASP A 426 15.31 -47.13 -24.62
CA ASP A 426 16.37 -46.82 -23.66
C ASP A 426 17.44 -45.95 -24.31
N CYS A 427 17.86 -44.89 -23.61
CA CYS A 427 18.93 -44.00 -24.10
C CYS A 427 20.02 -43.89 -23.04
N SER A 428 20.57 -45.04 -22.67
CA SER A 428 21.74 -45.07 -21.79
C SER A 428 22.98 -44.56 -22.55
N ASN A 429 23.02 -44.78 -23.85
CA ASN A 429 23.97 -44.09 -24.71
C ASN A 429 23.28 -42.85 -25.27
N PRO A 430 23.96 -41.71 -25.25
CA PRO A 430 23.36 -40.48 -25.74
C PRO A 430 22.66 -40.65 -27.07
N ALA A 431 21.39 -40.29 -27.18
CA ALA A 431 20.68 -40.37 -28.47
C ALA A 431 20.20 -38.99 -28.88
N PRO A 432 20.17 -38.73 -30.21
CA PRO A 432 19.94 -37.36 -30.59
C PRO A 432 18.47 -36.98 -30.61
N LEU A 433 18.13 -35.89 -29.91
CA LEU A 433 16.85 -35.20 -30.00
C LEU A 433 17.00 -34.04 -30.96
N SER A 434 16.15 -33.99 -31.97
CA SER A 434 16.33 -33.06 -33.04
C SER A 434 14.98 -32.60 -33.59
N SER A 435 14.96 -31.36 -34.08
CA SER A 435 13.82 -30.76 -34.75
C SER A 435 14.28 -30.56 -36.17
N PRO A 436 14.09 -31.59 -36.99
CA PRO A 436 14.68 -31.55 -38.34
C PRO A 436 14.36 -30.26 -39.14
N LEU A 437 13.11 -29.78 -39.14
CA LEU A 437 12.76 -28.61 -39.96
C LEU A 437 13.02 -27.28 -39.24
N ASN A 438 13.83 -27.34 -38.17
CA ASN A 438 14.21 -26.16 -37.42
C ASN A 438 12.95 -25.43 -36.87
N GLY A 439 12.10 -26.19 -36.17
CA GLY A 439 10.83 -25.69 -35.67
C GLY A 439 10.69 -25.51 -34.16
N VAL A 440 11.80 -25.39 -33.45
CA VAL A 440 11.75 -24.96 -32.04
C VAL A 440 11.80 -23.43 -32.07
N HIS A 441 10.64 -22.80 -31.90
CA HIS A 441 10.49 -21.39 -32.00
C HIS A 441 10.12 -20.93 -30.59
N ASP A 442 11.08 -20.53 -29.77
CA ASP A 442 12.39 -20.04 -30.23
C ASP A 442 13.54 -20.64 -29.41
N ARG A 443 13.24 -21.18 -28.24
CA ARG A 443 14.29 -21.72 -27.36
C ARG A 443 13.59 -22.75 -26.50
N ALA A 444 14.19 -23.94 -26.33
CA ALA A 444 13.63 -24.93 -25.44
C ALA A 444 14.64 -25.41 -24.43
N TYR A 445 14.24 -25.49 -23.17
CA TYR A 445 15.08 -26.01 -22.10
C TYR A 445 14.62 -27.44 -21.75
N VAL A 446 15.53 -28.41 -21.97
CA VAL A 446 15.21 -29.82 -22.03
C VAL A 446 15.68 -30.59 -20.79
N ALA A 447 14.78 -31.41 -20.24
CA ALA A 447 15.10 -32.22 -19.06
C ALA A 447 14.63 -33.65 -19.24
N VAL A 448 15.37 -34.59 -18.66
CA VAL A 448 14.88 -35.99 -18.70
C VAL A 448 14.87 -36.57 -17.29
N ASP A 449 13.69 -37.04 -16.84
CA ASP A 449 13.49 -37.43 -15.44
C ASP A 449 14.08 -36.42 -14.43
N GLY A 450 13.88 -35.14 -14.68
CA GLY A 450 14.35 -34.12 -13.74
C GLY A 450 15.82 -33.82 -13.86
N ILE A 451 16.51 -34.38 -14.86
CA ILE A 451 17.89 -34.03 -15.12
C ILE A 451 18.01 -33.13 -16.38
N PRO A 452 18.55 -31.90 -16.23
CA PRO A 452 18.64 -31.02 -17.36
C PRO A 452 19.64 -31.52 -18.40
N GLN A 453 19.30 -31.38 -19.66
CA GLN A 453 20.14 -31.87 -20.72
C GLN A 453 20.73 -30.78 -21.61
N GLY A 454 20.27 -29.54 -21.50
CA GLY A 454 20.78 -28.44 -22.35
C GLY A 454 19.67 -27.75 -23.14
N VAL A 455 20.03 -27.20 -24.29
CA VAL A 455 19.18 -26.26 -25.03
C VAL A 455 19.12 -26.46 -26.54
N LEU A 456 17.91 -26.38 -27.09
CA LEU A 456 17.62 -26.22 -28.49
C LEU A 456 17.30 -24.77 -28.84
N GLU A 457 17.81 -24.31 -29.96
CA GLU A 457 17.71 -22.89 -30.31
C GLU A 457 17.23 -22.74 -31.74
N ARG A 458 16.32 -21.78 -31.96
CA ARG A 458 15.90 -21.50 -33.32
C ARG A 458 17.16 -21.17 -34.10
N ASN A 459 17.33 -21.78 -35.27
CA ASN A 459 18.46 -21.53 -36.16
C ASN A 459 19.80 -22.10 -35.70
N ASN A 460 20.16 -22.03 -34.44
CA ASN A 460 21.55 -22.31 -34.05
C ASN A 460 21.88 -23.74 -33.64
N VAL A 461 20.98 -24.39 -32.93
CA VAL A 461 21.18 -25.74 -32.48
C VAL A 461 19.83 -26.47 -32.59
N ILE A 462 19.72 -27.32 -33.58
CA ILE A 462 18.51 -28.08 -33.76
C ILE A 462 18.61 -29.57 -33.25
N THR A 463 19.76 -29.91 -32.67
CA THR A 463 20.01 -31.23 -32.16
C THR A 463 20.69 -31.18 -30.80
N LEU A 464 20.17 -31.96 -29.88
CA LEU A 464 20.67 -32.12 -28.55
C LEU A 464 20.71 -33.61 -28.19
N ASN A 465 21.84 -34.07 -27.68
CA ASN A 465 21.96 -35.46 -27.26
C ASN A 465 21.38 -35.65 -25.88
N ILE A 466 20.63 -36.72 -25.68
CA ILE A 466 20.05 -36.95 -24.35
C ILE A 466 20.33 -38.34 -23.80
N THR A 467 20.35 -38.43 -22.46
CA THR A 467 20.41 -39.72 -21.84
C THR A 467 19.23 -39.90 -20.87
N GLY A 468 18.82 -41.17 -20.72
CA GLY A 468 17.76 -41.58 -19.77
C GLY A 468 17.20 -42.96 -20.09
N LYS A 469 16.35 -43.47 -19.21
CA LYS A 469 15.78 -44.82 -19.37
C LYS A 469 14.53 -44.80 -20.22
N ALA A 470 14.12 -45.99 -20.64
CA ALA A 470 12.95 -46.09 -21.48
C ALA A 470 11.76 -45.73 -20.62
N GLY A 471 10.79 -45.02 -21.20
CA GLY A 471 9.65 -44.57 -20.44
C GLY A 471 9.90 -43.46 -19.43
N ALA A 472 11.11 -42.87 -19.42
CA ALA A 472 11.39 -41.66 -18.67
C ALA A 472 10.69 -40.48 -19.32
N THR A 473 10.36 -39.47 -18.52
CA THR A 473 9.64 -38.29 -18.97
C THR A 473 10.60 -37.26 -19.59
N LEU A 474 10.32 -36.87 -20.82
CA LEU A 474 11.04 -35.84 -21.52
C LEU A 474 10.25 -34.54 -21.56
N ASP A 475 10.82 -33.49 -20.96
CA ASP A 475 10.19 -32.17 -20.79
C ASP A 475 10.95 -31.12 -21.67
N LEU A 476 10.23 -30.38 -22.50
CA LEU A 476 10.75 -29.27 -23.18
C LEU A 476 10.00 -28.02 -22.72
N LEU A 477 10.73 -27.11 -22.08
CA LEU A 477 10.17 -25.79 -21.68
C LEU A 477 10.39 -24.82 -22.82
N VAL A 478 9.35 -24.48 -23.57
CA VAL A 478 9.49 -23.63 -24.77
C VAL A 478 9.15 -22.14 -24.53
N GLU A 479 10.13 -21.29 -24.88
CA GLU A 479 10.02 -19.83 -24.77
C GLU A 479 9.76 -19.14 -26.08
N ASN A 480 8.72 -18.32 -26.11
CA ASN A 480 8.49 -17.34 -27.18
C ASN A 480 9.35 -16.15 -26.83
N MET A 481 10.39 -15.93 -27.62
CA MET A 481 11.34 -14.79 -27.41
C MET A 481 10.87 -13.53 -28.11
N GLY A 482 9.68 -13.54 -28.73
CA GLY A 482 9.17 -12.37 -29.40
C GLY A 482 8.87 -12.59 -30.87
N ARG A 483 7.64 -12.35 -31.24
CA ARG A 483 7.28 -12.45 -32.63
C ARG A 483 7.86 -11.40 -33.53
N VAL A 484 8.31 -11.87 -34.69
CA VAL A 484 8.93 -10.97 -35.67
C VAL A 484 8.01 -9.77 -36.02
N ASN A 485 8.57 -8.53 -36.13
CA ASN A 485 7.73 -7.37 -36.30
C ASN A 485 7.87 -6.72 -37.67
N TYR A 486 8.64 -7.34 -38.56
CA TYR A 486 9.03 -6.68 -39.80
C TYR A 486 9.44 -7.71 -40.78
N GLY A 487 9.05 -7.51 -42.03
CA GLY A 487 9.37 -8.46 -43.12
C GLY A 487 8.18 -9.37 -43.39
N ALA A 488 8.38 -10.43 -44.14
CA ALA A 488 7.28 -11.28 -44.56
C ALA A 488 6.90 -12.29 -43.50
N TYR A 489 7.81 -12.54 -42.56
CA TYR A 489 7.61 -13.62 -41.62
C TYR A 489 7.09 -13.13 -40.28
N ILE A 490 6.09 -12.23 -40.30
CA ILE A 490 5.38 -11.77 -39.08
C ILE A 490 4.26 -12.81 -38.57
N ASN A 491 3.94 -13.81 -39.41
CA ASN A 491 3.00 -14.92 -39.02
C ASN A 491 3.76 -16.07 -38.35
N ASP A 492 4.23 -15.76 -37.15
CA ASP A 492 5.24 -16.50 -36.42
C ASP A 492 4.45 -17.10 -35.26
N PHE A 493 4.07 -18.36 -35.39
CA PHE A 493 3.13 -18.97 -34.50
C PHE A 493 3.69 -19.15 -33.06
N LYS A 494 4.94 -19.66 -33.01
CA LYS A 494 5.72 -20.02 -31.79
C LYS A 494 5.38 -21.40 -31.24
N GLY A 495 6.38 -21.99 -30.58
CA GLY A 495 6.29 -23.25 -29.89
C GLY A 495 7.07 -24.30 -30.67
N LEU A 496 6.63 -25.55 -30.54
CA LEU A 496 7.09 -26.60 -31.44
C LEU A 496 6.23 -26.56 -32.70
N VAL A 497 6.75 -25.94 -33.77
CA VAL A 497 5.90 -25.69 -34.94
C VAL A 497 6.05 -26.83 -35.90
N SER A 498 6.92 -27.78 -35.61
CA SER A 498 7.02 -28.98 -36.38
C SER A 498 7.54 -30.08 -35.48
N ASN A 499 7.69 -31.29 -36.02
CA ASN A 499 7.94 -32.44 -35.20
C ASN A 499 9.32 -32.48 -34.57
N LEU A 500 9.47 -33.33 -33.55
CA LEU A 500 10.79 -33.67 -33.02
C LEU A 500 11.08 -35.11 -33.31
N THR A 501 12.36 -35.47 -33.47
CA THR A 501 12.77 -36.85 -33.62
C THR A 501 13.80 -37.21 -32.54
N LEU A 502 13.83 -38.48 -32.21
CA LEU A 502 14.79 -39.08 -31.35
C LEU A 502 15.30 -40.28 -32.13
N SER A 503 16.59 -40.29 -32.43
CA SER A 503 17.23 -41.33 -33.24
C SER A 503 16.47 -41.44 -34.56
N SER A 504 16.07 -40.29 -35.10
CA SER A 504 15.44 -40.11 -36.43
C SER A 504 13.95 -40.44 -36.49
N ASN A 505 13.41 -41.02 -35.43
CA ASN A 505 12.00 -41.35 -35.36
C ASN A 505 11.17 -40.28 -34.69
N ILE A 506 10.07 -39.91 -35.34
CA ILE A 506 9.15 -38.94 -34.81
C ILE A 506 8.59 -39.38 -33.45
N LEU A 507 8.68 -38.50 -32.47
CA LEU A 507 8.17 -38.75 -31.17
C LEU A 507 6.69 -38.39 -31.18
N THR A 508 5.89 -39.30 -30.65
CA THR A 508 4.46 -39.08 -30.54
C THR A 508 3.97 -39.14 -29.10
N ASP A 509 2.75 -38.63 -28.91
CA ASP A 509 1.98 -38.70 -27.66
C ASP A 509 2.40 -37.67 -26.67
N TRP A 510 1.87 -36.47 -26.92
CA TRP A 510 2.29 -35.25 -26.21
C TRP A 510 1.28 -34.81 -25.17
N THR A 511 1.79 -34.35 -24.06
CA THR A 511 1.00 -33.68 -23.06
C THR A 511 1.52 -32.25 -22.94
N ILE A 512 0.67 -31.29 -23.29
CA ILE A 512 1.13 -29.90 -23.47
C ILE A 512 0.45 -28.98 -22.43
N PHE A 513 1.24 -28.26 -21.62
CA PHE A 513 0.72 -27.37 -20.55
C PHE A 513 0.99 -25.93 -20.91
N PRO A 514 -0.05 -25.17 -21.21
CA PRO A 514 0.13 -23.74 -21.14
C PRO A 514 0.39 -23.31 -19.69
N LEU A 515 1.23 -22.29 -19.54
CA LEU A 515 1.69 -21.85 -18.24
C LEU A 515 1.26 -20.40 -18.01
N ASP A 516 0.35 -20.25 -17.03
CA ASP A 516 -0.08 -18.96 -16.47
C ASP A 516 0.88 -18.43 -15.40
N THR A 517 2.06 -18.09 -15.91
CA THR A 517 3.18 -17.62 -15.09
C THR A 517 2.82 -16.32 -14.40
N GLU A 518 2.02 -15.46 -15.05
CA GLU A 518 1.72 -14.19 -14.45
C GLU A 518 0.83 -14.36 -13.21
N ASP A 519 -0.25 -15.15 -13.32
CA ASP A 519 -1.11 -15.45 -12.18
C ASP A 519 -0.33 -16.08 -11.05
N ALA A 520 0.41 -17.14 -11.38
CA ALA A 520 1.11 -17.91 -10.42
C ALA A 520 2.08 -17.06 -9.63
N VAL A 521 2.81 -16.17 -10.30
CA VAL A 521 3.79 -15.36 -9.59
C VAL A 521 3.06 -14.39 -8.65
N ARG A 522 1.90 -13.84 -9.07
CA ARG A 522 1.11 -12.95 -8.22
C ARG A 522 0.53 -13.61 -6.97
N SER A 523 0.21 -14.91 -7.05
CA SER A 523 -0.17 -15.72 -5.86
C SER A 523 1.03 -16.40 -5.12
N HIS A 524 2.27 -16.05 -5.51
CA HIS A 524 3.47 -16.66 -4.94
C HIS A 524 3.35 -18.19 -5.02
N LEU A 525 3.07 -18.66 -6.24
CA LEU A 525 2.95 -20.09 -6.57
C LEU A 525 1.91 -20.78 -5.68
N GLY A 526 0.81 -20.11 -5.37
CA GLY A 526 -0.30 -20.75 -4.61
C GLY A 526 -0.18 -20.48 -3.12
N GLY A 527 0.96 -19.90 -2.75
CA GLY A 527 1.33 -19.66 -1.36
C GLY A 527 0.50 -18.61 -0.67
N TRP A 528 0.04 -17.59 -1.43
CA TRP A 528 -0.79 -16.52 -0.90
C TRP A 528 -2.29 -16.72 -1.13
N GLY A 529 -2.71 -17.90 -1.55
CA GLY A 529 -4.14 -18.10 -1.82
C GLY A 529 -4.61 -17.41 -3.11
N HIS A 530 -5.92 -17.37 -3.28
CA HIS A 530 -6.54 -16.85 -4.53
C HIS A 530 -7.62 -15.79 -4.32
N ARG A 531 -7.67 -15.19 -3.15
CA ARG A 531 -8.28 -13.86 -3.06
C ARG A 531 -7.42 -12.81 -3.83
N ASN A 546 26.79 -26.80 -18.60
CA ASN A 546 26.18 -27.22 -17.32
C ASN A 546 24.93 -26.39 -16.94
N TYR A 547 23.87 -27.04 -16.48
CA TYR A 547 22.56 -26.40 -16.41
C TYR A 547 21.88 -26.80 -15.11
N THR A 548 20.88 -26.02 -14.70
CA THR A 548 19.96 -26.34 -13.62
C THR A 548 18.56 -26.32 -14.22
N LEU A 549 17.65 -27.00 -13.54
CA LEU A 549 16.26 -27.03 -13.93
C LEU A 549 15.64 -25.67 -13.87
N PRO A 550 14.85 -25.30 -14.87
CA PRO A 550 14.10 -24.07 -14.72
C PRO A 550 13.31 -24.00 -13.38
N ALA A 551 13.47 -22.89 -12.63
CA ALA A 551 12.87 -22.76 -11.30
C ALA A 551 12.68 -21.31 -10.93
N PHE A 552 11.82 -21.13 -9.91
CA PHE A 552 11.45 -19.83 -9.39
C PHE A 552 12.30 -19.61 -8.14
N TYR A 553 12.94 -18.43 -8.04
CA TYR A 553 13.71 -17.99 -6.89
C TYR A 553 13.13 -16.66 -6.33
N MET A 554 12.88 -16.67 -5.00
CA MET A 554 12.16 -15.59 -4.33
C MET A 554 13.03 -14.99 -3.23
N GLY A 555 12.92 -13.67 -3.05
CA GLY A 555 13.47 -13.01 -1.87
C GLY A 555 12.83 -11.64 -1.64
N ASN A 556 12.90 -11.21 -0.42
CA ASN A 556 12.19 -10.03 0.02
C ASN A 556 13.18 -8.96 0.39
N PHE A 557 12.77 -7.73 0.26
CA PHE A 557 13.52 -6.66 0.91
C PHE A 557 12.61 -5.56 1.33
N SER A 558 13.00 -4.91 2.41
CA SER A 558 12.19 -3.85 3.01
C SER A 558 12.72 -2.46 2.75
N ILE A 559 11.83 -1.50 2.71
CA ILE A 559 12.22 -0.12 2.50
C ILE A 559 11.49 0.70 3.55
N PRO A 560 12.18 1.64 4.19
CA PRO A 560 11.47 2.27 5.31
C PRO A 560 10.42 3.32 4.86
N SER A 561 9.40 3.52 5.69
CA SER A 561 8.30 4.51 5.50
C SER A 561 8.69 5.75 6.20
N GLY A 562 7.94 6.81 5.92
CA GLY A 562 8.17 8.14 6.54
C GLY A 562 9.46 8.82 6.07
N ILE A 563 10.09 8.29 5.01
CA ILE A 563 11.23 8.97 4.38
C ILE A 563 10.77 9.55 3.01
N PRO A 564 10.77 10.85 2.88
CA PRO A 564 10.20 11.51 1.69
C PRO A 564 10.86 11.13 0.37
N ASP A 565 12.10 10.70 0.45
CA ASP A 565 12.81 10.46 -0.78
C ASP A 565 13.02 8.97 -1.10
N LEU A 566 12.34 8.06 -0.38
CA LEU A 566 12.25 6.62 -0.70
C LEU A 566 10.77 6.22 -0.78
N PRO A 567 10.42 5.34 -1.69
CA PRO A 567 11.31 4.63 -2.58
C PRO A 567 11.79 5.50 -3.76
N GLN A 568 12.94 5.13 -4.32
CA GLN A 568 13.47 5.73 -5.54
C GLN A 568 13.59 4.73 -6.67
N ASP A 569 13.58 5.26 -7.90
CA ASP A 569 13.98 4.48 -9.08
C ASP A 569 15.28 3.74 -8.82
N THR A 570 15.40 2.53 -9.40
CA THR A 570 16.61 1.75 -9.31
C THR A 570 16.83 0.90 -10.57
N PHE A 571 17.93 0.16 -10.60
CA PHE A 571 18.29 -0.79 -11.68
C PHE A 571 18.69 -2.11 -11.02
N ILE A 572 18.29 -3.21 -11.59
CA ILE A 572 18.58 -4.50 -11.04
C ILE A 572 19.50 -5.26 -11.96
N GLN A 573 20.44 -5.98 -11.35
CA GLN A 573 21.56 -6.62 -12.01
C GLN A 573 21.62 -8.09 -11.52
N PHE A 574 22.13 -9.01 -12.32
CA PHE A 574 22.00 -10.43 -12.02
C PHE A 574 23.33 -11.18 -12.11
N PRO A 575 24.37 -10.73 -11.40
CA PRO A 575 25.66 -11.44 -11.41
C PRO A 575 25.54 -12.94 -11.06
N GLY A 576 26.09 -13.80 -11.91
CA GLY A 576 26.04 -15.27 -11.71
C GLY A 576 24.84 -15.98 -12.35
N TRP A 577 23.76 -15.27 -12.59
CA TRP A 577 22.58 -15.81 -13.25
C TRP A 577 22.87 -15.93 -14.74
N THR A 578 21.94 -16.42 -15.54
CA THR A 578 22.20 -16.63 -16.95
C THR A 578 21.13 -16.07 -17.91
N LYS A 579 19.90 -16.57 -17.78
CA LYS A 579 18.79 -16.10 -18.61
C LYS A 579 17.46 -16.40 -17.90
N GLY A 580 16.59 -15.41 -17.85
CA GLY A 580 15.27 -15.53 -17.36
C GLY A 580 14.38 -14.30 -17.45
N GLN A 581 13.34 -14.37 -16.60
CA GLN A 581 12.32 -13.36 -16.39
C GLN A 581 12.35 -12.92 -14.94
N VAL A 582 12.01 -11.66 -14.71
CA VAL A 582 12.03 -11.11 -13.35
C VAL A 582 10.80 -10.28 -13.08
N TRP A 583 10.28 -10.42 -11.87
CA TRP A 583 9.13 -9.68 -11.38
C TRP A 583 9.48 -9.09 -10.05
N ILE A 584 8.92 -7.92 -9.77
CA ILE A 584 8.99 -7.36 -8.42
C ILE A 584 7.58 -7.00 -8.05
N ASN A 585 7.19 -7.39 -6.85
CA ASN A 585 5.79 -7.40 -6.42
C ASN A 585 4.76 -7.84 -7.48
N GLY A 586 5.13 -8.84 -8.26
CA GLY A 586 4.25 -9.26 -9.33
C GLY A 586 4.31 -8.42 -10.60
N PHE A 587 5.09 -7.31 -10.67
CA PHE A 587 5.15 -6.57 -11.95
C PHE A 587 6.27 -7.21 -12.76
N ASN A 588 5.96 -7.58 -13.99
CA ASN A 588 6.88 -8.31 -14.79
C ASN A 588 7.76 -7.32 -15.53
N LEU A 589 9.04 -7.22 -15.16
CA LEU A 589 9.91 -6.12 -15.61
C LEU A 589 10.63 -6.43 -16.94
N GLY A 590 10.55 -7.72 -17.30
CA GLY A 590 11.02 -8.25 -18.58
C GLY A 590 12.08 -9.31 -18.42
N ARG A 591 12.90 -9.46 -19.46
CA ARG A 591 13.85 -10.55 -19.60
C ARG A 591 15.27 -10.09 -19.32
N TYR A 592 16.04 -10.96 -18.70
CA TYR A 592 17.46 -10.67 -18.32
C TYR A 592 18.28 -11.73 -19.05
N TRP A 593 19.44 -11.30 -19.58
CA TRP A 593 20.32 -12.22 -20.29
C TRP A 593 21.75 -11.69 -20.24
N PRO A 594 22.34 -11.60 -19.03
CA PRO A 594 23.68 -11.02 -18.83
C PRO A 594 24.74 -11.84 -19.53
N ALA A 595 24.42 -13.11 -19.77
CA ALA A 595 25.22 -13.96 -20.63
C ALA A 595 25.41 -13.43 -22.07
N ARG A 596 24.45 -12.75 -22.68
CA ARG A 596 24.64 -12.22 -24.03
C ARG A 596 24.87 -10.72 -24.03
N GLY A 597 24.08 -9.97 -23.26
CA GLY A 597 24.13 -8.51 -23.31
C GLY A 597 23.45 -7.95 -24.57
N PRO A 598 23.67 -6.64 -24.84
CA PRO A 598 24.52 -5.64 -24.21
C PRO A 598 24.01 -5.16 -22.83
N GLN A 599 22.70 -5.32 -22.65
CA GLN A 599 22.00 -5.00 -21.43
C GLN A 599 22.29 -5.97 -20.29
N LEU A 600 22.86 -5.44 -19.21
CA LEU A 600 23.08 -6.12 -17.93
C LEU A 600 22.13 -5.71 -16.76
N THR A 601 21.57 -4.52 -16.79
CA THR A 601 20.68 -4.02 -15.75
C THR A 601 19.24 -3.96 -16.34
N LEU A 602 18.20 -4.17 -15.53
CA LEU A 602 16.86 -3.82 -15.95
C LEU A 602 16.36 -2.64 -15.14
N PHE A 603 15.66 -1.73 -15.82
CA PHE A 603 15.04 -0.61 -15.17
C PHE A 603 13.85 -1.03 -14.24
N VAL A 604 13.87 -0.49 -13.01
CA VAL A 604 12.86 -0.73 -11.99
C VAL A 604 12.34 0.60 -11.47
N PRO A 605 11.17 1.02 -11.95
CA PRO A 605 10.47 2.26 -11.57
C PRO A 605 9.97 2.24 -10.15
N GLN A 606 9.96 3.39 -9.46
CA GLN A 606 9.72 3.45 -8.03
C GLN A 606 8.34 2.98 -7.51
N HIS A 607 7.32 3.18 -8.33
CA HIS A 607 5.97 3.05 -7.89
C HIS A 607 5.47 1.62 -7.72
N ILE A 608 6.23 0.64 -8.16
CA ILE A 608 5.92 -0.76 -7.81
C ILE A 608 6.63 -1.21 -6.51
N LEU A 609 7.54 -0.37 -5.98
CA LEU A 609 8.20 -0.70 -4.70
C LEU A 609 7.32 -0.19 -3.57
N MET A 610 7.31 -0.86 -2.44
CA MET A 610 6.47 -0.38 -1.34
C MET A 610 7.29 -0.24 -0.04
N THR A 611 6.74 0.52 0.92
CA THR A 611 7.37 0.75 2.25
C THR A 611 6.69 -0.04 3.39
N SER A 612 7.50 -0.32 4.43
CA SER A 612 7.18 -1.27 5.55
C SER A 612 6.96 -2.76 5.08
N ALA A 613 5.88 -2.98 4.28
CA ALA A 613 5.60 -4.27 3.63
C ALA A 613 6.73 -4.82 2.81
N PRO A 614 7.03 -6.12 2.94
CA PRO A 614 8.11 -6.70 2.14
C PRO A 614 7.94 -6.65 0.59
N ASN A 615 8.99 -6.20 -0.10
CA ASN A 615 9.07 -6.26 -1.55
C ASN A 615 9.57 -7.61 -1.99
N THR A 616 8.77 -8.32 -2.78
CA THR A 616 9.11 -9.67 -3.21
C THR A 616 9.60 -9.73 -4.64
N ILE A 617 10.83 -10.20 -4.79
CA ILE A 617 11.44 -10.52 -6.04
C ILE A 617 11.24 -12.00 -6.41
N THR A 618 10.77 -12.23 -7.62
CA THR A 618 10.65 -13.54 -8.22
C THR A 618 11.52 -13.53 -9.48
N VAL A 619 12.58 -14.32 -9.45
CA VAL A 619 13.34 -14.70 -10.63
C VAL A 619 13.05 -16.13 -11.15
N LEU A 620 12.60 -16.21 -12.38
CA LEU A 620 12.52 -17.45 -13.15
C LEU A 620 13.81 -17.68 -13.95
N GLU A 621 14.71 -18.50 -13.44
CA GLU A 621 15.97 -18.79 -14.14
C GLU A 621 15.77 -20.04 -15.00
N LEU A 622 16.19 -19.95 -16.26
CA LEU A 622 15.91 -21.02 -17.22
C LEU A 622 17.06 -21.98 -17.49
N GLU A 623 18.30 -21.53 -17.22
CA GLU A 623 19.51 -22.24 -17.64
C GLU A 623 20.49 -22.56 -16.49
N TRP A 624 20.84 -21.55 -15.71
CA TRP A 624 21.84 -21.77 -14.64
C TRP A 624 21.76 -20.71 -13.54
N ALA A 625 21.44 -21.12 -12.31
CA ALA A 625 21.31 -20.25 -11.16
C ALA A 625 22.51 -20.43 -10.24
N PRO A 626 22.94 -19.38 -9.53
CA PRO A 626 24.14 -19.52 -8.65
C PRO A 626 23.83 -19.93 -7.22
N CYS A 627 23.21 -21.07 -7.05
CA CYS A 627 22.47 -21.31 -5.83
C CYS A 627 22.70 -22.72 -5.35
N SER A 628 23.83 -23.30 -5.73
CA SER A 628 24.07 -24.69 -5.40
C SER A 628 25.00 -24.65 -4.20
N SER A 629 26.20 -24.09 -4.40
CA SER A 629 27.26 -24.15 -3.41
C SER A 629 26.80 -23.78 -1.99
N ASP A 630 27.38 -24.43 -0.99
CA ASP A 630 26.98 -24.19 0.38
C ASP A 630 27.44 -22.78 0.77
N ASP A 631 26.81 -21.80 0.12
CA ASP A 631 27.12 -20.37 0.25
C ASP A 631 25.94 -19.55 -0.30
N PRO A 632 25.06 -19.10 0.59
CA PRO A 632 23.84 -18.40 0.23
C PRO A 632 24.11 -17.06 -0.42
N GLU A 633 25.15 -16.38 0.05
CA GLU A 633 25.52 -15.03 -0.42
C GLU A 633 25.60 -14.92 -1.95
N LEU A 634 25.86 -16.04 -2.62
CA LEU A 634 25.92 -16.05 -4.06
C LEU A 634 24.55 -16.12 -4.67
N CYS A 635 23.56 -16.74 -4.01
CA CYS A 635 22.20 -16.80 -4.57
C CYS A 635 21.49 -15.46 -4.27
N ALA A 636 21.74 -14.49 -5.13
CA ALA A 636 21.42 -13.09 -4.84
C ALA A 636 21.38 -12.23 -6.11
N VAL A 637 20.65 -11.14 -6.07
CA VAL A 637 20.64 -10.14 -7.13
C VAL A 637 21.09 -8.82 -6.46
N THR A 638 21.32 -7.78 -7.24
CA THR A 638 21.87 -6.52 -6.68
C THR A 638 21.25 -5.33 -7.34
N PHE A 639 20.90 -4.32 -6.54
CA PHE A 639 20.27 -3.12 -7.06
C PHE A 639 21.35 -2.05 -7.01
N VAL A 640 21.48 -1.35 -8.13
CA VAL A 640 22.50 -0.29 -8.32
C VAL A 640 21.81 0.98 -8.88
N ASP A 641 22.55 2.09 -8.90
CA ASP A 641 21.98 3.41 -9.22
C ASP A 641 22.36 4.01 -10.59
N ARG A 642 23.08 3.24 -11.39
CA ARG A 642 23.41 3.57 -12.77
C ARG A 642 23.15 2.36 -13.65
N PRO A 643 22.60 2.60 -14.87
CA PRO A 643 22.30 1.54 -15.80
C PRO A 643 23.55 1.03 -16.52
N VAL A 644 23.57 -0.25 -16.88
CA VAL A 644 24.59 -0.84 -17.73
C VAL A 644 23.87 -1.55 -18.88
N ILE A 645 23.59 -0.76 -19.90
CA ILE A 645 22.96 -1.22 -21.11
C ILE A 645 23.92 -1.10 -22.30
N GLY A 646 25.16 -0.64 -22.02
CA GLY A 646 26.09 -0.19 -23.07
C GLY A 646 27.45 -0.85 -22.98
N SER A 647 27.44 -2.08 -22.46
CA SER A 647 28.66 -2.82 -22.14
C SER A 647 28.88 -3.96 -23.15
N SER A 648 29.19 -5.17 -22.68
CA SER A 648 29.34 -6.36 -23.53
C SER A 648 28.44 -7.49 -23.03
N GLN B 30 -27.55 -10.22 -35.71
CA GLN B 30 -27.73 -8.75 -35.47
C GLN B 30 -28.81 -8.47 -34.38
N ARG B 31 -28.41 -7.76 -33.33
CA ARG B 31 -29.15 -7.72 -32.06
C ARG B 31 -30.22 -6.61 -32.01
N MET B 32 -31.37 -6.94 -31.43
CA MET B 32 -32.59 -6.16 -31.51
C MET B 32 -33.32 -6.13 -30.15
N PHE B 33 -33.65 -4.94 -29.69
CA PHE B 33 -34.56 -4.82 -28.54
C PHE B 33 -35.61 -3.76 -28.82
N GLU B 34 -36.88 -4.10 -28.71
CA GLU B 34 -37.92 -3.13 -29.07
C GLU B 34 -39.18 -3.39 -28.28
N ILE B 35 -40.08 -2.42 -28.36
CA ILE B 35 -41.41 -2.63 -27.87
C ILE B 35 -42.21 -3.39 -28.93
N ASP B 36 -42.92 -4.42 -28.47
CA ASP B 36 -43.90 -5.15 -29.27
C ASP B 36 -45.28 -4.61 -28.92
N TYR B 37 -45.67 -3.61 -29.67
CA TYR B 37 -46.97 -3.02 -29.56
C TYR B 37 -48.09 -4.03 -29.86
N SER B 38 -47.84 -5.04 -30.67
CA SER B 38 -48.97 -5.90 -30.94
C SER B 38 -49.15 -6.97 -29.86
N ARG B 39 -48.24 -7.06 -28.87
CA ARG B 39 -48.39 -8.02 -27.75
C ARG B 39 -48.16 -7.45 -26.34
N ASP B 40 -48.21 -6.11 -26.23
CA ASP B 40 -48.02 -5.45 -24.95
C ASP B 40 -46.82 -5.99 -24.16
N SER B 41 -45.69 -6.21 -24.80
CA SER B 41 -44.49 -6.51 -24.01
C SER B 41 -43.24 -6.04 -24.73
N PHE B 42 -42.07 -6.60 -24.44
CA PHE B 42 -40.88 -6.27 -25.25
C PHE B 42 -40.58 -7.47 -26.11
N LEU B 43 -39.78 -7.29 -27.15
CA LEU B 43 -39.13 -8.41 -27.87
C LEU B 43 -37.63 -8.23 -27.81
N LYS B 44 -36.95 -9.32 -27.49
CA LYS B 44 -35.52 -9.31 -27.41
C LYS B 44 -35.00 -10.35 -28.38
N ASP B 45 -34.33 -9.89 -29.42
CA ASP B 45 -34.02 -10.72 -30.57
C ASP B 45 -35.17 -11.64 -30.98
N GLY B 46 -36.34 -11.05 -31.14
CA GLY B 46 -37.48 -11.78 -31.66
C GLY B 46 -38.35 -12.50 -30.65
N GLN B 47 -37.84 -12.70 -29.42
CA GLN B 47 -38.55 -13.47 -28.41
C GLN B 47 -39.20 -12.55 -27.39
N PRO B 48 -40.37 -12.97 -26.78
CA PRO B 48 -40.99 -12.23 -25.67
C PRO B 48 -40.07 -12.04 -24.49
N PHE B 49 -40.23 -10.89 -23.81
CA PHE B 49 -39.35 -10.51 -22.69
C PHE B 49 -39.99 -9.55 -21.70
N ARG B 50 -39.96 -9.88 -20.41
CA ARG B 50 -40.16 -8.85 -19.38
C ARG B 50 -39.08 -8.83 -18.32
N TYR B 51 -38.81 -7.61 -17.90
CA TYR B 51 -37.77 -7.41 -16.97
C TYR B 51 -38.28 -7.26 -15.55
N ILE B 52 -37.45 -7.86 -14.68
CA ILE B 52 -37.50 -7.77 -13.25
C ILE B 52 -36.11 -7.26 -12.82
N SER B 53 -36.07 -6.00 -12.40
CA SER B 53 -34.86 -5.20 -12.34
C SER B 53 -34.75 -4.71 -10.93
N GLY B 54 -33.54 -4.34 -10.58
CA GLY B 54 -33.27 -3.63 -9.34
C GLY B 54 -32.37 -2.44 -9.55
N SER B 55 -32.62 -1.40 -8.76
CA SER B 55 -31.84 -0.16 -8.77
C SER B 55 -30.59 -0.31 -7.86
N ILE B 56 -29.45 0.01 -8.47
CA ILE B 56 -28.19 0.14 -7.84
C ILE B 56 -27.53 1.38 -8.43
N HIS B 57 -26.94 2.21 -7.59
CA HIS B 57 -26.30 3.45 -8.07
C HIS B 57 -24.84 3.34 -7.84
N TYR B 58 -24.09 3.27 -8.92
CA TYR B 58 -22.67 3.05 -8.84
C TYR B 58 -21.93 4.09 -8.05
N SER B 59 -22.47 5.32 -8.02
CA SER B 59 -21.87 6.45 -7.26
C SER B 59 -22.06 6.32 -5.76
N ARG B 60 -22.86 5.34 -5.32
CA ARG B 60 -23.14 5.08 -3.89
C ARG B 60 -22.51 3.75 -3.36
N VAL B 61 -21.78 3.05 -4.22
CA VAL B 61 -21.11 1.83 -3.87
C VAL B 61 -19.66 2.00 -4.36
N PRO B 62 -18.66 1.72 -3.50
CA PRO B 62 -17.31 1.79 -3.96
C PRO B 62 -17.11 0.76 -5.04
N ARG B 63 -16.19 1.02 -5.95
CA ARG B 63 -15.94 0.15 -7.06
C ARG B 63 -15.44 -1.27 -6.66
N PHE B 64 -14.61 -1.32 -5.62
CA PHE B 64 -14.19 -2.52 -4.96
C PHE B 64 -15.32 -3.48 -4.76
N TYR B 65 -16.51 -2.97 -4.45
CA TYR B 65 -17.68 -3.86 -4.18
C TYR B 65 -18.73 -3.98 -5.36
N TRP B 66 -18.48 -3.31 -6.48
CA TRP B 66 -19.48 -3.36 -7.49
C TRP B 66 -19.83 -4.79 -7.84
N LYS B 67 -18.82 -5.64 -8.03
CA LYS B 67 -19.14 -6.96 -8.46
C LYS B 67 -19.86 -7.76 -7.40
N ASP B 68 -19.48 -7.62 -6.13
CA ASP B 68 -20.23 -8.27 -5.03
C ASP B 68 -21.73 -8.02 -5.06
N ARG B 69 -22.10 -6.74 -5.17
CA ARG B 69 -23.47 -6.33 -5.12
C ARG B 69 -24.16 -6.77 -6.37
N LEU B 70 -23.49 -6.65 -7.52
CA LEU B 70 -24.19 -7.05 -8.73
C LEU B 70 -24.41 -8.59 -8.77
N LEU B 71 -23.46 -9.39 -8.28
CA LEU B 71 -23.68 -10.86 -8.27
C LEU B 71 -24.86 -11.28 -7.29
N LYS B 72 -24.86 -10.65 -6.14
CA LYS B 72 -25.97 -10.77 -5.22
C LYS B 72 -27.27 -10.42 -5.89
N MET B 73 -27.23 -9.43 -6.79
CA MET B 73 -28.47 -9.00 -7.46
C MET B 73 -28.94 -10.08 -8.44
N LYS B 74 -28.01 -10.54 -9.26
CA LYS B 74 -28.27 -11.64 -10.14
C LYS B 74 -28.79 -12.91 -9.38
N MET B 75 -28.21 -13.24 -8.25
CA MET B 75 -28.58 -14.47 -7.54
C MET B 75 -29.98 -14.35 -6.95
N ALA B 76 -30.47 -13.11 -6.82
CA ALA B 76 -31.84 -12.87 -6.39
C ALA B 76 -32.88 -13.20 -7.48
N GLY B 77 -32.45 -13.26 -8.74
CA GLY B 77 -33.38 -13.45 -9.86
C GLY B 77 -33.63 -12.29 -10.81
N LEU B 78 -33.02 -11.15 -10.53
CA LEU B 78 -33.15 -10.01 -11.43
C LEU B 78 -32.46 -10.34 -12.75
N ASN B 79 -33.08 -9.94 -13.85
CA ASN B 79 -32.43 -10.07 -15.12
C ASN B 79 -31.91 -8.76 -15.66
N ALA B 80 -32.21 -7.68 -14.96
CA ALA B 80 -31.63 -6.40 -15.33
C ALA B 80 -31.35 -5.61 -14.08
N ILE B 81 -30.53 -4.57 -14.24
CA ILE B 81 -30.37 -3.58 -13.20
C ILE B 81 -30.76 -2.23 -13.85
N GLN B 82 -31.13 -1.27 -12.99
CA GLN B 82 -31.40 0.13 -13.33
C GLN B 82 -30.40 0.98 -12.49
N THR B 83 -29.87 2.03 -13.13
CA THR B 83 -29.02 3.02 -12.45
C THR B 83 -29.09 4.42 -13.06
N TYR B 84 -28.68 5.41 -12.24
CA TYR B 84 -28.73 6.85 -12.55
C TYR B 84 -27.31 7.27 -12.91
N VAL B 85 -27.15 8.07 -13.95
CA VAL B 85 -25.88 8.78 -14.22
C VAL B 85 -25.95 10.20 -13.64
N PRO B 86 -25.30 10.46 -12.50
CA PRO B 86 -25.41 11.78 -11.93
C PRO B 86 -24.42 12.72 -12.63
N TRP B 87 -24.93 13.72 -13.38
CA TRP B 87 -24.09 14.65 -14.14
C TRP B 87 -23.02 15.34 -13.25
N ASN B 88 -23.40 15.81 -12.06
CA ASN B 88 -22.46 16.57 -11.20
C ASN B 88 -21.29 15.72 -10.72
N PHE B 89 -21.44 14.41 -10.78
CA PHE B 89 -20.45 13.40 -10.33
C PHE B 89 -19.37 13.24 -11.37
N HIS B 90 -19.71 13.55 -12.63
CA HIS B 90 -18.82 13.32 -13.74
C HIS B 90 -18.32 14.65 -14.37
N GLU B 91 -19.04 15.75 -14.23
CA GLU B 91 -18.53 17.08 -14.70
C GLU B 91 -18.52 18.10 -13.58
N PRO B 92 -17.61 17.91 -12.63
CA PRO B 92 -17.47 18.82 -11.49
C PRO B 92 -17.29 20.33 -11.81
N TRP B 93 -16.62 20.64 -12.93
CA TRP B 93 -16.41 22.00 -13.46
C TRP B 93 -16.52 21.96 -14.96
N PRO B 94 -17.06 23.01 -15.57
CA PRO B 94 -17.31 22.79 -17.00
C PRO B 94 -16.04 22.35 -17.79
N GLY B 95 -16.12 21.25 -18.56
CA GLY B 95 -14.99 20.79 -19.39
C GLY B 95 -13.97 19.86 -18.72
N GLN B 96 -14.12 19.59 -17.43
CA GLN B 96 -13.25 18.71 -16.69
C GLN B 96 -14.02 17.48 -16.19
N TYR B 97 -13.70 16.31 -16.73
CA TYR B 97 -14.57 15.15 -16.67
C TYR B 97 -14.00 14.05 -15.72
N GLN B 98 -14.88 13.32 -15.06
CA GLN B 98 -14.47 12.28 -14.15
C GLN B 98 -15.09 10.96 -14.56
N PHE B 99 -14.30 10.11 -15.18
CA PHE B 99 -14.81 8.78 -15.66
C PHE B 99 -13.92 7.61 -15.24
N SER B 100 -13.12 7.82 -14.18
CA SER B 100 -12.14 6.83 -13.75
C SER B 100 -12.43 6.30 -12.39
N GLU B 101 -12.00 5.07 -12.14
CA GLU B 101 -11.99 4.45 -10.78
C GLU B 101 -13.40 4.39 -10.28
N ASP B 102 -13.77 5.02 -9.15
CA ASP B 102 -15.18 4.96 -8.70
C ASP B 102 -16.16 5.76 -9.60
N HIS B 103 -15.64 6.57 -10.52
CA HIS B 103 -16.52 7.26 -11.45
C HIS B 103 -16.66 6.53 -12.80
N ASP B 104 -16.03 5.37 -12.96
CA ASP B 104 -16.07 4.63 -14.25
C ASP B 104 -17.40 3.96 -14.63
N VAL B 105 -18.37 4.73 -15.11
CA VAL B 105 -19.69 4.18 -15.48
C VAL B 105 -19.64 3.16 -16.66
N GLU B 106 -18.81 3.47 -17.64
CA GLU B 106 -18.58 2.47 -18.71
C GLU B 106 -18.20 1.08 -18.11
N TYR B 107 -17.17 1.07 -17.26
CA TYR B 107 -16.79 -0.14 -16.57
C TYR B 107 -17.92 -0.77 -15.85
N PHE B 108 -18.68 0.04 -15.12
CA PHE B 108 -19.80 -0.48 -14.35
C PHE B 108 -20.76 -1.23 -15.26
N LEU B 109 -21.16 -0.60 -16.35
CA LEU B 109 -22.05 -1.25 -17.30
C LEU B 109 -21.45 -2.50 -17.92
N ARG B 110 -20.13 -2.50 -18.20
CA ARG B 110 -19.48 -3.71 -18.77
C ARG B 110 -19.55 -4.85 -17.76
N LEU B 111 -19.44 -4.50 -16.49
CA LEU B 111 -19.46 -5.49 -15.44
C LEU B 111 -20.85 -6.11 -15.34
N ALA B 112 -21.89 -5.29 -15.35
CA ALA B 112 -23.25 -5.85 -15.41
C ALA B 112 -23.40 -6.80 -16.58
N HIS B 113 -22.90 -6.42 -17.75
CA HIS B 113 -23.08 -7.22 -18.94
C HIS B 113 -22.39 -8.60 -18.83
N GLU B 114 -21.13 -8.62 -18.33
CA GLU B 114 -20.37 -9.85 -18.11
C GLU B 114 -21.05 -10.81 -17.17
N LEU B 115 -21.86 -10.30 -16.24
CA LEU B 115 -22.70 -11.15 -15.35
C LEU B 115 -24.03 -11.60 -15.99
N GLY B 116 -24.31 -11.13 -17.19
CA GLY B 116 -25.53 -11.50 -17.89
C GLY B 116 -26.78 -10.75 -17.45
N LEU B 117 -26.59 -9.55 -16.88
CA LEU B 117 -27.68 -8.64 -16.52
C LEU B 117 -27.78 -7.60 -17.62
N LEU B 118 -28.98 -7.14 -17.89
CA LEU B 118 -29.15 -6.02 -18.80
C LEU B 118 -29.29 -4.76 -17.99
N VAL B 119 -29.29 -3.63 -18.66
CA VAL B 119 -29.33 -2.37 -17.96
C VAL B 119 -30.43 -1.43 -18.47
N ILE B 120 -31.04 -0.77 -17.52
CA ILE B 120 -31.94 0.32 -17.82
C ILE B 120 -31.23 1.57 -17.35
N LEU B 121 -30.99 2.46 -18.29
CA LEU B 121 -30.12 3.61 -18.05
C LEU B 121 -30.96 4.88 -17.87
N ARG B 122 -30.78 5.50 -16.73
CA ARG B 122 -31.45 6.75 -16.46
C ARG B 122 -30.44 7.94 -16.35
N PRO B 123 -30.06 8.55 -17.50
CA PRO B 123 -28.99 9.56 -17.52
C PRO B 123 -29.39 11.03 -17.26
N GLY B 124 -30.65 11.26 -16.89
CA GLY B 124 -31.12 12.55 -16.50
C GLY B 124 -31.47 13.39 -17.74
N PRO B 125 -30.96 14.64 -17.84
CA PRO B 125 -29.91 15.33 -17.05
C PRO B 125 -30.15 15.54 -15.57
N TYR B 126 -31.41 15.68 -15.18
CA TYR B 126 -31.84 15.72 -13.78
C TYR B 126 -32.31 14.29 -13.35
N ILE B 127 -31.88 13.83 -12.16
CA ILE B 127 -32.15 12.51 -11.62
C ILE B 127 -32.93 12.44 -10.28
N CYS B 128 -33.08 13.59 -9.58
CA CYS B 128 -33.66 13.61 -8.21
C CYS B 128 -32.76 12.80 -7.24
N ALA B 129 -33.21 11.60 -6.89
CA ALA B 129 -32.35 10.52 -6.34
C ALA B 129 -31.83 10.75 -4.93
N GLU B 130 -32.48 11.62 -4.16
CA GLU B 130 -31.94 12.04 -2.87
C GLU B 130 -30.43 12.40 -2.99
N TRP B 131 -30.10 13.04 -4.09
CA TRP B 131 -28.72 13.32 -4.45
C TRP B 131 -28.51 14.84 -4.69
N GLU B 132 -27.39 15.38 -4.23
CA GLU B 132 -27.10 16.82 -4.35
C GLU B 132 -27.64 17.46 -5.64
N MET B 133 -28.54 18.40 -5.49
CA MET B 133 -29.15 19.16 -6.62
C MET B 133 -29.72 18.25 -7.74
N GLY B 134 -30.04 17.01 -7.37
CA GLY B 134 -30.72 16.11 -8.29
C GLY B 134 -29.84 15.73 -9.43
N GLY B 135 -28.53 15.77 -9.20
CA GLY B 135 -27.51 15.53 -10.24
C GLY B 135 -27.01 16.77 -10.98
N LEU B 136 -27.74 17.88 -10.95
CA LEU B 136 -27.40 19.02 -11.78
C LEU B 136 -26.20 19.74 -11.22
N PRO B 137 -25.24 20.17 -12.07
CA PRO B 137 -24.03 20.76 -11.45
C PRO B 137 -24.26 22.20 -10.92
N ALA B 138 -23.75 22.47 -9.74
CA ALA B 138 -23.91 23.78 -9.11
C ALA B 138 -23.38 24.93 -9.97
N TRP B 139 -22.42 24.67 -10.84
CA TRP B 139 -21.93 25.72 -11.77
C TRP B 139 -22.99 26.23 -12.79
N LEU B 140 -24.07 25.49 -12.97
CA LEU B 140 -25.21 26.02 -13.78
C LEU B 140 -25.70 27.32 -13.18
N LEU B 141 -25.55 27.46 -11.87
CA LEU B 141 -26.07 28.60 -11.14
C LEU B 141 -25.19 29.89 -11.25
N GLU B 142 -24.07 29.83 -11.99
CA GLU B 142 -23.30 31.01 -12.26
C GLU B 142 -24.14 31.95 -13.11
N LYS B 143 -25.19 31.43 -13.75
CA LYS B 143 -26.24 32.28 -14.23
C LYS B 143 -27.32 32.36 -13.14
N GLU B 144 -27.28 33.41 -12.30
CA GLU B 144 -28.22 33.62 -11.19
C GLU B 144 -29.67 33.27 -11.54
N SER B 145 -30.11 33.78 -12.68
CA SER B 145 -31.52 33.75 -13.03
C SER B 145 -31.94 32.51 -13.81
N ILE B 146 -31.05 31.52 -13.95
CA ILE B 146 -31.33 30.34 -14.80
C ILE B 146 -32.62 29.61 -14.39
N LEU B 147 -33.44 29.24 -15.33
CA LEU B 147 -34.59 28.38 -14.97
C LEU B 147 -34.19 26.92 -15.28
N LEU B 148 -33.76 26.20 -14.26
CA LEU B 148 -33.31 24.82 -14.44
C LEU B 148 -34.47 23.98 -15.00
N ARG B 149 -34.15 22.98 -15.82
CA ARG B 149 -35.14 22.06 -16.37
C ARG B 149 -36.18 22.79 -17.29
N SER B 150 -35.70 23.55 -18.25
CA SER B 150 -36.56 24.33 -19.12
C SER B 150 -35.80 24.58 -20.43
N SER B 151 -36.43 25.23 -21.41
CA SER B 151 -35.71 25.63 -22.63
C SER B 151 -34.94 26.96 -22.50
N ASP B 152 -34.61 27.35 -21.26
CA ASP B 152 -33.65 28.43 -20.99
C ASP B 152 -32.41 28.16 -21.86
N PRO B 153 -32.12 29.02 -22.84
CA PRO B 153 -30.98 28.71 -23.76
C PRO B 153 -29.61 28.42 -23.08
N ASP B 154 -29.39 28.91 -21.88
CA ASP B 154 -28.13 28.63 -21.19
C ASP B 154 -28.15 27.24 -20.51
N TYR B 155 -29.31 26.81 -20.03
CA TYR B 155 -29.47 25.51 -19.51
C TYR B 155 -29.29 24.49 -20.66
N LEU B 156 -30.03 24.71 -21.77
CA LEU B 156 -30.04 23.77 -22.91
C LEU B 156 -28.66 23.70 -23.50
N ALA B 157 -27.93 24.80 -23.51
CA ALA B 157 -26.60 24.71 -24.12
C ALA B 157 -25.76 23.85 -23.21
N ALA B 158 -25.77 24.07 -21.91
CA ALA B 158 -24.89 23.25 -21.05
C ALA B 158 -25.28 21.77 -21.12
N VAL B 159 -26.58 21.46 -21.21
CA VAL B 159 -27.06 20.06 -21.36
C VAL B 159 -26.55 19.42 -22.64
N ASP B 160 -26.59 20.21 -23.71
CA ASP B 160 -26.16 19.75 -25.03
C ASP B 160 -24.70 19.31 -25.00
N LYS B 161 -23.89 20.05 -24.27
CA LYS B 161 -22.47 19.81 -24.31
C LYS B 161 -22.24 18.52 -23.51
N TRP B 162 -22.92 18.41 -22.37
CA TRP B 162 -22.84 17.21 -21.55
C TRP B 162 -23.26 15.96 -22.31
N LEU B 163 -24.44 16.00 -22.91
CA LEU B 163 -24.97 14.85 -23.71
C LEU B 163 -24.00 14.51 -24.81
N GLY B 164 -23.35 15.54 -25.37
CA GLY B 164 -22.34 15.31 -26.43
C GLY B 164 -21.06 14.61 -25.97
N VAL B 165 -20.83 14.51 -24.65
CA VAL B 165 -19.72 13.75 -24.08
C VAL B 165 -20.24 12.39 -23.60
N LEU B 166 -21.34 12.39 -22.82
CA LEU B 166 -21.80 11.18 -22.21
C LEU B 166 -22.34 10.23 -23.25
N LEU B 167 -23.28 10.67 -24.08
CA LEU B 167 -24.03 9.74 -24.94
C LEU B 167 -23.24 8.96 -25.98
N PRO B 168 -22.20 9.60 -26.56
CA PRO B 168 -21.36 8.81 -27.46
C PRO B 168 -20.61 7.68 -26.75
N LYS B 169 -20.27 7.84 -25.46
CA LYS B 169 -19.77 6.71 -24.68
C LYS B 169 -20.83 5.62 -24.43
N MET B 170 -22.10 5.98 -24.28
CA MET B 170 -23.16 4.94 -24.04
C MET B 170 -23.55 4.22 -25.30
N LYS B 171 -23.23 4.82 -26.45
CA LYS B 171 -23.69 4.28 -27.73
C LYS B 171 -23.23 2.81 -27.93
N PRO B 172 -21.92 2.51 -27.73
CA PRO B 172 -21.44 1.12 -27.82
C PRO B 172 -22.03 0.14 -26.82
N LEU B 173 -22.69 0.66 -25.78
CA LEU B 173 -23.19 -0.22 -24.75
C LEU B 173 -24.65 -0.44 -24.95
N LEU B 174 -25.19 0.08 -26.04
CA LEU B 174 -26.55 -0.24 -26.44
C LEU B 174 -26.70 -1.71 -26.76
N TYR B 175 -27.83 -2.30 -26.33
CA TYR B 175 -28.12 -3.70 -26.66
C TYR B 175 -27.82 -3.94 -28.14
N GLN B 176 -28.34 -3.12 -29.05
CA GLN B 176 -28.12 -3.33 -30.50
C GLN B 176 -26.63 -3.39 -30.95
N ASN B 177 -25.76 -2.66 -30.26
CA ASN B 177 -24.31 -2.69 -30.59
C ASN B 177 -23.52 -3.64 -29.67
N GLY B 178 -24.16 -4.64 -29.09
CA GLY B 178 -23.40 -5.60 -28.23
C GLY B 178 -23.29 -5.35 -26.73
N GLY B 179 -23.87 -4.28 -26.21
CA GLY B 179 -23.86 -3.98 -24.76
C GLY B 179 -25.14 -4.39 -24.01
N PRO B 180 -25.26 -3.95 -22.75
CA PRO B 180 -26.38 -4.39 -21.95
C PRO B 180 -27.55 -3.43 -21.91
N VAL B 181 -27.42 -2.22 -22.47
CA VAL B 181 -28.45 -1.20 -22.25
C VAL B 181 -29.66 -1.35 -23.18
N ILE B 182 -30.82 -1.63 -22.59
CA ILE B 182 -31.99 -2.01 -23.34
C ILE B 182 -32.92 -0.83 -23.48
N THR B 183 -32.94 0.05 -22.47
CA THR B 183 -33.84 1.18 -22.45
C THR B 183 -33.23 2.37 -21.72
N VAL B 184 -33.59 3.55 -22.18
CA VAL B 184 -33.01 4.75 -21.65
C VAL B 184 -34.06 5.75 -21.25
N GLN B 185 -34.01 6.22 -20.00
CA GLN B 185 -34.99 7.19 -19.52
C GLN B 185 -34.56 8.65 -19.84
N VAL B 186 -35.50 9.47 -20.31
CA VAL B 186 -35.29 10.88 -20.56
C VAL B 186 -35.88 11.75 -19.41
N GLU B 187 -35.03 12.57 -18.81
CA GLU B 187 -35.42 13.35 -17.64
C GLU B 187 -35.89 12.41 -16.54
N ASN B 188 -36.59 12.93 -15.52
CA ASN B 188 -36.99 12.10 -14.37
C ASN B 188 -38.14 12.81 -13.71
N GLU B 189 -39.32 12.21 -13.79
CA GLU B 189 -40.56 12.77 -13.27
C GLU B 189 -40.76 14.24 -13.59
N TYR B 190 -40.55 14.61 -14.85
CA TYR B 190 -40.83 16.02 -15.26
C TYR B 190 -42.25 16.51 -15.02
N GLY B 191 -43.23 15.62 -15.02
CA GLY B 191 -44.60 16.03 -14.76
C GLY B 191 -44.73 16.56 -13.34
N SER B 192 -43.83 16.17 -12.44
CA SER B 192 -43.89 16.65 -11.07
C SER B 192 -43.39 18.07 -10.87
N TYR B 193 -42.69 18.62 -11.86
CA TYR B 193 -42.09 19.98 -11.76
C TYR B 193 -43.03 21.03 -12.40
N PHE B 194 -42.88 22.28 -11.96
CA PHE B 194 -43.84 23.34 -12.31
C PHE B 194 -43.81 23.84 -13.77
N ALA B 195 -42.64 23.81 -14.41
CA ALA B 195 -42.42 24.52 -15.67
C ALA B 195 -43.20 23.99 -16.89
N CYS B 196 -43.40 22.69 -16.97
CA CYS B 196 -44.23 22.11 -18.04
C CYS B 196 -43.88 22.73 -19.39
N ASP B 197 -42.58 22.65 -19.70
CA ASP B 197 -42.00 23.11 -20.95
C ASP B 197 -41.70 21.91 -21.90
N PHE B 198 -42.59 21.74 -22.87
CA PHE B 198 -42.54 20.67 -23.81
C PHE B 198 -41.42 20.86 -24.85
N ASP B 199 -41.03 22.10 -25.14
CA ASP B 199 -39.87 22.32 -26.02
C ASP B 199 -38.58 21.71 -25.42
N TYR B 200 -38.50 21.69 -24.10
CA TYR B 200 -37.31 21.11 -23.39
C TYR B 200 -37.31 19.60 -23.57
N LEU B 201 -38.48 18.98 -23.41
CA LEU B 201 -38.55 17.53 -23.56
C LEU B 201 -38.27 17.13 -24.99
N ARG B 202 -38.86 17.85 -25.94
CA ARG B 202 -38.61 17.56 -27.37
C ARG B 202 -37.14 17.80 -27.72
N PHE B 203 -36.51 18.79 -27.10
CA PHE B 203 -35.05 18.98 -27.32
C PHE B 203 -34.26 17.72 -26.85
N LEU B 204 -34.65 17.18 -25.69
CA LEU B 204 -34.00 16.01 -25.18
C LEU B 204 -34.20 14.80 -26.09
N GLN B 205 -35.45 14.53 -26.46
CA GLN B 205 -35.70 13.49 -27.46
C GLN B 205 -34.80 13.58 -28.73
N LYS B 206 -34.67 14.76 -29.28
CA LYS B 206 -33.86 15.06 -30.47
C LYS B 206 -32.37 14.86 -30.23
N ARG B 207 -31.85 15.37 -29.12
CA ARG B 207 -30.49 15.04 -28.75
C ARG B 207 -30.26 13.56 -28.39
N PHE B 208 -31.15 12.92 -27.68
CA PHE B 208 -30.94 11.48 -27.39
C PHE B 208 -30.93 10.71 -28.70
N ARG B 209 -31.92 10.93 -29.56
CA ARG B 209 -31.92 10.36 -30.88
C ARG B 209 -30.67 10.61 -31.73
N HIS B 210 -30.10 11.81 -31.65
CA HIS B 210 -28.94 12.16 -32.47
C HIS B 210 -27.76 11.29 -32.08
N HIS B 211 -27.56 11.03 -30.80
CA HIS B 211 -26.36 10.35 -30.33
C HIS B 211 -26.53 8.83 -30.25
N LEU B 212 -27.76 8.37 -29.99
CA LEU B 212 -27.99 6.96 -29.77
C LEU B 212 -28.67 6.23 -30.95
N GLY B 213 -29.29 6.96 -31.89
CA GLY B 213 -29.92 6.33 -33.08
C GLY B 213 -31.41 6.22 -32.86
N ASP B 214 -32.13 5.68 -33.85
CA ASP B 214 -33.61 5.62 -33.87
C ASP B 214 -34.21 4.32 -33.41
N ASP B 215 -33.39 3.36 -33.05
CA ASP B 215 -33.89 2.09 -32.54
C ASP B 215 -34.04 1.99 -31.03
N VAL B 216 -33.28 2.77 -30.28
CA VAL B 216 -33.19 2.57 -28.82
C VAL B 216 -34.50 2.99 -28.20
N VAL B 217 -34.95 2.22 -27.23
CA VAL B 217 -36.16 2.55 -26.53
C VAL B 217 -35.95 3.67 -25.52
N LEU B 218 -36.68 4.76 -25.72
CA LEU B 218 -36.64 5.92 -24.81
C LEU B 218 -37.93 5.98 -24.04
N PHE B 219 -37.85 6.38 -22.76
CA PHE B 219 -39.04 6.45 -21.96
C PHE B 219 -38.96 7.52 -20.90
N THR B 220 -40.11 7.81 -20.31
CA THR B 220 -40.25 8.71 -19.22
C THR B 220 -40.87 7.97 -18.04
N THR B 221 -40.70 8.53 -16.87
CA THR B 221 -41.28 7.97 -15.67
C THR B 221 -42.00 9.06 -14.93
N ASP B 222 -43.21 8.79 -14.49
CA ASP B 222 -43.98 9.80 -13.72
C ASP B 222 -44.86 9.13 -12.70
N GLY B 223 -45.42 9.90 -11.76
CA GLY B 223 -46.35 9.33 -10.77
C GLY B 223 -47.61 8.90 -11.47
N ALA B 224 -48.21 7.83 -10.95
CA ALA B 224 -49.33 7.13 -11.59
C ALA B 224 -50.69 7.85 -11.43
N HIS B 225 -50.83 8.98 -12.13
CA HIS B 225 -52.00 9.86 -12.01
C HIS B 225 -52.01 10.84 -13.14
N LYS B 226 -53.16 11.07 -13.74
CA LYS B 226 -53.22 11.97 -14.88
C LYS B 226 -52.58 13.34 -14.60
N THR B 227 -52.55 13.78 -13.34
CA THR B 227 -52.04 15.11 -13.00
C THR B 227 -50.52 15.24 -13.16
N PHE B 228 -49.78 14.13 -12.98
CA PHE B 228 -48.34 14.11 -13.21
C PHE B 228 -48.07 13.77 -14.69
N LEU B 229 -48.85 12.86 -15.25
CA LEU B 229 -48.63 12.41 -16.64
C LEU B 229 -48.83 13.52 -17.67
N LYS B 230 -49.70 14.44 -17.32
CA LYS B 230 -50.08 15.54 -18.20
C LYS B 230 -48.85 16.36 -18.69
N CYS B 231 -47.88 16.61 -17.81
CA CYS B 231 -46.69 17.39 -18.14
C CYS B 231 -45.42 16.57 -18.35
N GLY B 232 -45.50 15.28 -18.03
CA GLY B 232 -44.37 14.37 -18.11
C GLY B 232 -44.29 13.62 -19.43
N ALA B 233 -45.44 13.22 -19.95
CA ALA B 233 -45.51 12.48 -21.22
C ALA B 233 -45.30 13.30 -22.51
N LEU B 234 -44.71 12.62 -23.49
CA LEU B 234 -44.41 13.14 -24.80
C LEU B 234 -44.58 12.01 -25.83
N GLN B 235 -45.20 12.33 -26.95
CA GLN B 235 -45.30 11.44 -28.09
C GLN B 235 -43.84 11.15 -28.59
N GLY B 236 -43.58 9.87 -28.83
CA GLY B 236 -42.24 9.41 -29.16
C GLY B 236 -41.38 8.90 -28.00
N LEU B 237 -41.73 9.23 -26.77
CA LEU B 237 -41.11 8.70 -25.56
C LEU B 237 -42.18 7.85 -24.85
N TYR B 238 -41.92 6.55 -24.67
CA TYR B 238 -42.89 5.66 -24.09
C TYR B 238 -43.10 5.99 -22.62
N THR B 239 -44.36 6.11 -22.22
CA THR B 239 -44.72 6.54 -20.90
C THR B 239 -44.78 5.41 -19.88
N THR B 240 -44.02 5.54 -18.78
CA THR B 240 -44.08 4.62 -17.64
C THR B 240 -44.41 5.34 -16.34
N VAL B 241 -44.81 4.56 -15.33
CA VAL B 241 -45.17 5.09 -14.00
C VAL B 241 -44.35 4.50 -12.86
N ASP B 242 -44.41 5.16 -11.72
CA ASP B 242 -43.92 4.55 -10.53
C ASP B 242 -44.94 4.57 -9.40
N PHE B 243 -44.83 3.61 -8.48
CA PHE B 243 -45.62 3.65 -7.28
C PHE B 243 -45.10 2.53 -6.36
N GLY B 244 -45.48 2.54 -5.09
CA GLY B 244 -45.10 1.49 -4.16
C GLY B 244 -46.25 0.73 -3.53
N THR B 245 -45.99 0.24 -2.32
CA THR B 245 -46.81 -0.71 -1.62
C THR B 245 -48.19 -0.16 -1.22
N GLY B 246 -48.29 1.14 -0.98
CA GLY B 246 -49.55 1.72 -0.56
C GLY B 246 -50.53 2.01 -1.68
N SER B 247 -50.17 1.72 -2.93
CA SER B 247 -51.00 2.14 -4.08
C SER B 247 -51.90 1.00 -4.59
N ASN B 248 -53.10 1.35 -5.06
CA ASN B 248 -53.94 0.41 -5.81
C ASN B 248 -53.26 0.18 -7.17
N ILE B 249 -52.84 -1.07 -7.40
CA ILE B 249 -52.11 -1.46 -8.59
C ILE B 249 -52.93 -1.30 -9.89
N THR B 250 -54.22 -1.58 -9.83
CA THR B 250 -55.07 -1.53 -11.06
C THR B 250 -55.20 -0.12 -11.60
N ASP B 251 -55.56 0.82 -10.71
CA ASP B 251 -55.57 2.31 -10.99
C ASP B 251 -54.25 2.86 -11.51
N ALA B 252 -53.17 2.48 -10.85
CA ALA B 252 -51.87 2.95 -11.23
C ALA B 252 -51.63 2.53 -12.69
N PHE B 253 -51.85 1.24 -13.00
CA PHE B 253 -51.68 0.72 -14.37
C PHE B 253 -52.74 1.22 -15.35
N LEU B 254 -53.94 1.59 -14.88
CA LEU B 254 -54.91 2.25 -15.79
C LEU B 254 -54.50 3.65 -16.16
N SER B 255 -53.83 4.34 -15.25
CA SER B 255 -53.36 5.66 -15.61
C SER B 255 -52.25 5.51 -16.69
N GLN B 256 -51.45 4.44 -16.64
CA GLN B 256 -50.41 4.27 -17.68
C GLN B 256 -51.05 3.88 -19.01
N ARG B 257 -51.97 2.94 -18.96
CA ARG B 257 -52.69 2.46 -20.16
C ARG B 257 -53.32 3.59 -20.93
N LYS B 258 -53.85 4.54 -20.21
CA LYS B 258 -54.50 5.68 -20.81
C LYS B 258 -53.51 6.53 -21.63
N CYS B 259 -52.23 6.59 -21.22
CA CYS B 259 -51.19 7.23 -22.08
C CYS B 259 -50.64 6.32 -23.14
N GLU B 260 -50.60 5.00 -22.85
CA GLU B 260 -50.07 4.01 -23.82
C GLU B 260 -51.08 2.87 -23.99
N PRO B 261 -52.03 3.06 -24.91
CA PRO B 261 -53.06 2.02 -25.11
C PRO B 261 -52.43 0.69 -25.52
N LYS B 262 -51.22 0.75 -26.07
CA LYS B 262 -50.46 -0.45 -26.43
C LYS B 262 -49.00 -0.40 -25.96
N GLY B 263 -48.48 -1.57 -25.66
CA GLY B 263 -47.13 -1.73 -25.19
C GLY B 263 -47.17 -2.24 -23.80
N PRO B 264 -46.00 -2.50 -23.19
CA PRO B 264 -45.92 -3.13 -21.88
C PRO B 264 -46.34 -2.22 -20.74
N LEU B 265 -46.86 -2.84 -19.69
CA LEU B 265 -47.00 -2.23 -18.39
C LEU B 265 -45.61 -2.22 -17.69
N ILE B 266 -45.26 -1.09 -17.08
CA ILE B 266 -43.95 -0.93 -16.48
C ILE B 266 -44.09 -0.07 -15.26
N ASN B 267 -43.67 -0.60 -14.11
CA ASN B 267 -43.44 0.23 -12.97
C ASN B 267 -41.92 0.48 -12.84
N SER B 268 -41.49 1.68 -13.26
CA SER B 268 -40.07 2.06 -13.24
C SER B 268 -39.46 2.25 -11.82
N GLU B 269 -40.29 2.42 -10.80
CA GLU B 269 -39.79 2.52 -9.40
C GLU B 269 -40.82 1.98 -8.40
N PHE B 270 -40.73 0.66 -8.13
CA PHE B 270 -41.51 0.01 -7.12
C PHE B 270 -40.72 0.10 -5.81
N TYR B 271 -41.20 0.93 -4.91
CA TYR B 271 -40.42 1.34 -3.72
C TYR B 271 -40.35 0.18 -2.70
N THR B 272 -39.13 -0.28 -2.43
CA THR B 272 -38.90 -1.37 -1.43
C THR B 272 -38.70 -0.89 0.05
N GLY B 273 -38.41 0.40 0.14
CA GLY B 273 -38.23 1.12 1.35
C GLY B 273 -38.53 2.61 1.12
N TRP B 274 -37.92 3.47 1.89
CA TRP B 274 -38.10 4.92 1.65
C TRP B 274 -36.92 5.69 2.20
N LEU B 275 -36.89 7.00 1.94
CA LEU B 275 -35.76 7.83 2.33
C LEU B 275 -35.89 8.32 3.78
N ASP B 276 -34.82 8.96 4.25
CA ASP B 276 -34.61 9.37 5.62
C ASP B 276 -34.22 10.85 5.63
N HIS B 277 -34.46 11.49 6.76
CA HIS B 277 -34.01 12.86 7.02
C HIS B 277 -33.31 12.89 8.37
N TRP B 278 -32.25 13.67 8.51
CA TRP B 278 -31.66 13.85 9.82
C TRP B 278 -32.77 14.21 10.76
N GLY B 279 -32.75 13.65 11.96
CA GLY B 279 -33.73 14.01 12.99
C GLY B 279 -35.08 13.32 12.93
N GLN B 280 -35.32 12.57 11.86
CA GLN B 280 -36.49 11.75 11.72
C GLN B 280 -36.20 10.29 11.98
N PRO B 281 -37.20 9.55 12.45
CA PRO B 281 -36.98 8.09 12.56
C PRO B 281 -36.67 7.47 11.20
N HIS B 282 -35.80 6.48 11.26
CA HIS B 282 -35.39 5.74 10.10
C HIS B 282 -36.58 5.06 9.41
N SER B 283 -36.70 5.20 8.08
CA SER B 283 -37.84 4.65 7.36
C SER B 283 -37.61 3.16 7.07
N THR B 284 -38.68 2.40 7.29
CA THR B 284 -38.74 0.98 6.93
C THR B 284 -40.08 0.62 6.24
N ILE B 285 -40.05 -0.39 5.42
CA ILE B 285 -41.29 -0.97 4.89
C ILE B 285 -41.20 -2.44 5.20
N LYS B 286 -42.32 -3.00 5.63
CA LYS B 286 -42.31 -4.43 6.00
C LYS B 286 -42.12 -5.35 4.78
N THR B 287 -41.42 -6.45 4.99
CA THR B 287 -41.13 -7.46 3.95
C THR B 287 -42.34 -7.96 3.21
N GLU B 288 -43.40 -8.25 3.98
CA GLU B 288 -44.59 -8.92 3.47
C GLU B 288 -45.33 -7.96 2.53
N ALA B 289 -45.33 -6.68 2.87
CA ALA B 289 -45.98 -5.67 2.01
C ALA B 289 -45.29 -5.57 0.66
N VAL B 290 -43.96 -5.57 0.69
CA VAL B 290 -43.16 -5.53 -0.55
C VAL B 290 -43.34 -6.81 -1.35
N ALA B 291 -43.29 -7.94 -0.65
CA ALA B 291 -43.42 -9.25 -1.29
C ALA B 291 -44.79 -9.42 -1.98
N SER B 292 -45.89 -9.05 -1.29
CA SER B 292 -47.25 -9.14 -1.88
C SER B 292 -47.39 -8.34 -3.15
N SER B 293 -47.10 -7.04 -3.08
CA SER B 293 -47.29 -6.15 -4.20
C SER B 293 -46.40 -6.59 -5.37
N LEU B 294 -45.19 -7.05 -5.11
CA LEU B 294 -44.34 -7.50 -6.25
C LEU B 294 -44.94 -8.74 -6.89
N TYR B 295 -45.51 -9.62 -6.10
CA TYR B 295 -46.23 -10.79 -6.68
C TYR B 295 -47.32 -10.25 -7.61
N ASP B 296 -48.10 -9.29 -7.08
CA ASP B 296 -49.26 -8.76 -7.79
C ASP B 296 -48.82 -8.08 -9.05
N ILE B 297 -47.79 -7.25 -8.96
CA ILE B 297 -47.29 -6.59 -10.14
C ILE B 297 -46.89 -7.66 -11.16
N LEU B 298 -46.14 -8.67 -10.75
CA LEU B 298 -45.61 -9.63 -11.76
C LEU B 298 -46.68 -10.44 -12.46
N ALA B 299 -47.73 -10.82 -11.73
CA ALA B 299 -48.78 -11.68 -12.29
C ALA B 299 -49.55 -10.97 -13.39
N ARG B 300 -49.55 -9.65 -13.36
CA ARG B 300 -50.09 -8.84 -14.47
C ARG B 300 -49.25 -8.76 -15.69
N GLY B 301 -48.08 -9.37 -15.67
CA GLY B 301 -47.30 -9.43 -16.89
C GLY B 301 -46.42 -8.19 -17.10
N ALA B 302 -46.34 -7.32 -16.10
CA ALA B 302 -45.61 -6.07 -16.19
C ALA B 302 -44.12 -6.19 -15.91
N SER B 303 -43.36 -5.34 -16.59
CA SER B 303 -41.97 -5.14 -16.27
C SER B 303 -41.90 -4.27 -15.01
N VAL B 304 -40.94 -4.55 -14.14
CA VAL B 304 -40.85 -3.82 -12.91
C VAL B 304 -39.39 -3.61 -12.48
N ASN B 305 -39.12 -2.44 -11.93
CA ASN B 305 -37.88 -2.15 -11.25
C ASN B 305 -38.04 -1.81 -9.78
N LEU B 306 -37.25 -2.49 -8.93
CA LEU B 306 -37.21 -2.30 -7.49
C LEU B 306 -36.31 -1.18 -7.06
N TYR B 307 -36.92 -0.13 -6.51
CA TYR B 307 -36.20 1.04 -6.05
C TYR B 307 -36.22 1.15 -4.51
N MET B 308 -35.08 1.03 -3.80
CA MET B 308 -33.77 0.59 -4.29
C MET B 308 -33.67 -0.89 -4.02
N PHE B 309 -32.78 -1.56 -4.73
CA PHE B 309 -32.36 -2.91 -4.35
C PHE B 309 -31.19 -2.95 -3.30
N ILE B 310 -30.06 -2.33 -3.66
CA ILE B 310 -29.08 -1.89 -2.69
C ILE B 310 -29.02 -0.40 -2.79
N GLY B 311 -29.11 0.28 -1.64
CA GLY B 311 -29.03 1.75 -1.57
C GLY B 311 -27.64 2.31 -1.39
N GLY B 312 -26.90 1.78 -0.43
CA GLY B 312 -25.50 2.20 -0.25
C GLY B 312 -25.32 3.48 0.51
N THR B 313 -24.37 4.33 0.11
CA THR B 313 -23.96 5.41 0.96
C THR B 313 -23.76 6.70 0.16
N ASN B 314 -24.21 7.83 0.68
CA ASN B 314 -23.80 9.12 0.11
C ASN B 314 -22.49 9.49 0.75
N PHE B 315 -21.39 9.21 0.11
CA PHE B 315 -20.11 9.57 0.67
C PHE B 315 -19.94 11.06 0.53
N ALA B 316 -18.94 11.56 1.20
CA ALA B 316 -18.50 12.97 1.04
C ALA B 316 -19.72 13.84 1.17
N TYR B 317 -20.00 14.74 0.21
CA TYR B 317 -21.12 15.76 0.35
C TYR B 317 -22.26 15.46 -0.62
N TRP B 318 -22.32 14.22 -1.11
CA TRP B 318 -23.22 13.90 -2.23
C TRP B 318 -24.73 13.86 -1.86
N ASN B 319 -25.06 13.82 -0.58
CA ASN B 319 -26.48 13.78 -0.17
C ASN B 319 -27.25 14.97 -0.73
N GLY B 320 -28.57 14.85 -0.75
CA GLY B 320 -29.45 15.99 -1.11
C GLY B 320 -30.35 16.40 0.04
N ALA B 321 -31.42 17.10 -0.30
CA ALA B 321 -32.36 17.64 0.69
C ALA B 321 -33.73 17.83 0.09
N ASN B 322 -34.74 17.98 0.93
CA ASN B 322 -36.05 18.40 0.50
C ASN B 322 -36.44 19.76 1.07
N SER B 323 -37.47 20.33 0.45
CA SER B 323 -38.07 21.59 0.85
C SER B 323 -39.41 21.31 1.57
N PRO B 324 -39.73 22.07 2.65
CA PRO B 324 -38.85 23.04 3.35
C PRO B 324 -37.66 22.29 3.96
N TYR B 325 -36.58 23.02 4.23
CA TYR B 325 -35.22 22.47 4.20
C TYR B 325 -34.90 21.42 5.25
N ALA B 326 -34.51 20.24 4.76
CA ALA B 326 -34.32 19.04 5.57
C ALA B 326 -33.47 18.05 4.79
N ALA B 327 -32.24 17.92 5.27
CA ALA B 327 -31.24 17.16 4.55
C ALA B 327 -31.42 15.67 4.81
N GLN B 328 -31.15 14.87 3.78
CA GLN B 328 -30.97 13.42 3.89
C GLN B 328 -29.59 13.04 4.46
N PRO B 329 -29.52 12.01 5.30
CA PRO B 329 -28.27 11.68 5.89
C PRO B 329 -27.29 10.92 4.99
N THR B 330 -26.13 10.57 5.53
CA THR B 330 -25.11 9.84 4.86
C THR B 330 -25.53 8.46 4.41
N SER B 331 -26.12 7.66 5.28
CA SER B 331 -26.53 6.29 4.87
C SER B 331 -27.63 6.40 3.82
N TYR B 332 -27.52 5.65 2.73
CA TYR B 332 -28.67 5.50 1.86
C TYR B 332 -29.17 4.03 2.00
N ASP B 333 -29.13 3.49 3.22
CA ASP B 333 -29.64 2.14 3.42
C ASP B 333 -30.99 1.92 2.71
N TYR B 334 -31.94 2.82 2.94
CA TYR B 334 -33.24 2.77 2.29
C TYR B 334 -34.11 1.62 2.80
N ASP B 335 -33.63 0.86 3.79
CA ASP B 335 -34.28 -0.39 4.16
C ASP B 335 -34.37 -1.37 2.96
N ALA B 336 -33.47 -1.23 2.00
CA ALA B 336 -33.43 -2.09 0.83
C ALA B 336 -33.18 -3.55 1.23
N PRO B 337 -33.46 -4.49 0.31
CA PRO B 337 -33.12 -5.90 0.39
C PRO B 337 -31.69 -6.22 0.76
N LEU B 338 -30.76 -5.44 0.22
CA LEU B 338 -29.38 -5.52 0.59
C LEU B 338 -29.17 -4.29 1.42
N SER B 339 -28.48 -4.42 2.55
CA SER B 339 -28.24 -3.32 3.40
C SER B 339 -27.09 -2.45 2.81
N GLU B 340 -26.83 -1.36 3.49
CA GLU B 340 -25.81 -0.39 3.05
C GLU B 340 -24.51 -1.09 2.70
N ALA B 341 -24.09 -2.03 3.56
CA ALA B 341 -22.82 -2.72 3.41
C ALA B 341 -22.92 -4.00 2.59
N GLY B 342 -24.07 -4.24 2.00
CA GLY B 342 -24.22 -5.36 1.06
C GLY B 342 -24.78 -6.65 1.64
N ASP B 343 -25.47 -6.59 2.78
CA ASP B 343 -25.87 -7.78 3.45
C ASP B 343 -27.23 -8.28 2.99
N LEU B 344 -27.30 -9.59 2.94
CA LEU B 344 -28.51 -10.39 2.65
C LEU B 344 -29.42 -10.27 3.85
N THR B 345 -30.60 -9.70 3.65
CA THR B 345 -31.55 -9.47 4.71
C THR B 345 -32.68 -10.47 4.51
N GLU B 346 -33.67 -10.47 5.39
CA GLU B 346 -34.84 -11.34 5.20
C GLU B 346 -35.62 -10.89 3.97
N LYS B 347 -35.62 -9.60 3.72
CA LYS B 347 -36.36 -9.04 2.60
C LYS B 347 -35.75 -9.51 1.28
N TYR B 348 -34.45 -9.76 1.30
CA TYR B 348 -33.74 -10.24 0.10
C TYR B 348 -34.20 -11.66 -0.20
N PHE B 349 -34.24 -12.53 0.80
CA PHE B 349 -34.65 -13.90 0.55
C PHE B 349 -36.10 -14.01 0.21
N ALA B 350 -36.96 -13.24 0.87
CA ALA B 350 -38.39 -13.22 0.51
C ALA B 350 -38.69 -12.65 -0.91
N LEU B 351 -37.94 -11.66 -1.39
CA LEU B 351 -38.20 -11.18 -2.77
C LEU B 351 -37.72 -12.20 -3.78
N ARG B 352 -36.64 -12.89 -3.45
CA ARG B 352 -36.17 -13.95 -4.29
C ARG B 352 -37.18 -15.09 -4.30
N ASN B 353 -37.83 -15.39 -3.18
CA ASN B 353 -38.89 -16.45 -3.16
C ASN B 353 -40.02 -16.08 -4.13
N ILE B 354 -40.37 -14.79 -4.19
CA ILE B 354 -41.43 -14.33 -5.08
C ILE B 354 -41.02 -14.46 -6.57
N ILE B 355 -39.79 -14.09 -6.86
CA ILE B 355 -39.35 -14.14 -8.25
C ILE B 355 -39.32 -15.58 -8.76
N GLN B 356 -38.78 -16.49 -7.95
CA GLN B 356 -38.87 -17.93 -8.18
C GLN B 356 -40.23 -18.45 -8.66
N LYS B 357 -41.32 -17.82 -8.28
CA LYS B 357 -42.63 -18.32 -8.69
C LYS B 357 -42.92 -17.99 -10.14
N PHE B 358 -42.16 -17.06 -10.72
CA PHE B 358 -42.27 -16.67 -12.12
C PHE B 358 -41.16 -17.17 -13.05
N GLU B 359 -39.93 -17.23 -12.53
CA GLU B 359 -38.76 -17.72 -13.30
C GLU B 359 -37.96 -18.72 -12.49
N LYS B 360 -37.02 -19.36 -13.18
CA LYS B 360 -35.94 -20.09 -12.55
C LYS B 360 -34.89 -19.05 -12.21
N VAL B 361 -34.37 -19.17 -11.00
CA VAL B 361 -33.42 -18.26 -10.43
C VAL B 361 -32.04 -18.99 -10.48
N PRO B 362 -30.90 -18.25 -10.54
CA PRO B 362 -29.64 -18.98 -10.68
C PRO B 362 -29.35 -19.97 -9.57
N GLU B 363 -28.53 -20.95 -9.90
CA GLU B 363 -28.21 -22.01 -8.96
C GLU B 363 -26.84 -21.73 -8.37
N GLY B 364 -26.55 -22.35 -7.24
CA GLY B 364 -25.33 -22.09 -6.56
C GLY B 364 -25.56 -21.29 -5.29
N PRO B 365 -24.59 -21.35 -4.40
CA PRO B 365 -24.63 -20.51 -3.21
C PRO B 365 -24.46 -18.99 -3.53
N ILE B 366 -24.97 -18.18 -2.62
CA ILE B 366 -25.01 -16.72 -2.78
C ILE B 366 -23.78 -16.11 -2.09
N PRO B 367 -23.08 -15.17 -2.74
CA PRO B 367 -21.94 -14.57 -2.04
C PRO B 367 -22.41 -13.97 -0.70
N PRO B 368 -21.67 -14.14 0.40
CA PRO B 368 -22.23 -13.77 1.68
C PRO B 368 -22.10 -12.25 2.03
N SER B 369 -22.84 -11.87 3.07
CA SER B 369 -22.56 -10.71 3.85
C SER B 369 -21.08 -10.75 4.22
N THR B 370 -20.44 -9.59 4.10
CA THR B 370 -19.04 -9.46 4.33
C THR B 370 -18.79 -9.63 5.83
N PRO B 371 -17.64 -10.18 6.20
CA PRO B 371 -17.39 -10.15 7.66
C PRO B 371 -17.13 -8.72 8.15
N LYS B 372 -17.53 -8.45 9.38
CA LYS B 372 -17.36 -7.16 10.06
C LYS B 372 -16.50 -7.31 11.29
N PHE B 373 -15.62 -6.33 11.53
CA PHE B 373 -14.64 -6.31 12.64
C PHE B 373 -14.66 -5.03 13.49
N ALA B 374 -14.71 -5.25 14.80
CA ALA B 374 -14.66 -4.19 15.75
C ALA B 374 -13.24 -3.86 16.11
N TYR B 375 -12.71 -2.83 15.49
CA TYR B 375 -11.34 -2.45 15.83
C TYR B 375 -11.21 -1.85 17.22
N GLY B 376 -12.34 -1.46 17.83
CA GLY B 376 -12.35 -0.83 19.14
C GLY B 376 -12.04 0.69 19.19
N LYS B 377 -11.66 1.15 20.36
CA LYS B 377 -11.50 2.56 20.60
C LYS B 377 -10.20 3.03 19.95
N VAL B 378 -10.20 4.21 19.34
CA VAL B 378 -8.97 4.84 18.82
C VAL B 378 -8.95 6.27 19.28
N THR B 379 -7.94 6.60 20.08
CA THR B 379 -7.87 7.93 20.69
C THR B 379 -7.38 8.88 19.62
N LEU B 380 -7.88 10.11 19.65
CA LEU B 380 -7.48 11.19 18.71
C LEU B 380 -6.95 12.38 19.49
N GLU B 381 -6.24 13.31 18.84
CA GLU B 381 -5.93 14.58 19.48
C GLU B 381 -6.14 15.73 18.52
N LYS B 382 -6.45 16.88 19.07
CA LYS B 382 -6.63 18.09 18.29
C LYS B 382 -5.29 18.39 17.68
N LEU B 383 -5.31 18.71 16.39
CA LEU B 383 -4.13 19.11 15.67
C LEU B 383 -4.15 20.62 15.42
N LYS B 384 -5.32 21.15 15.04
CA LYS B 384 -5.44 22.54 14.56
C LYS B 384 -6.89 23.01 14.38
N THR B 385 -7.19 24.28 14.70
CA THR B 385 -8.49 24.88 14.36
C THR B 385 -8.57 25.12 12.86
N VAL B 386 -9.78 25.21 12.36
CA VAL B 386 -10.03 25.65 11.00
C VAL B 386 -9.34 27.03 10.83
N GLY B 387 -9.51 27.91 11.80
CA GLY B 387 -8.98 29.25 11.71
C GLY B 387 -7.47 29.35 11.69
N ALA B 388 -6.76 28.35 12.24
CA ALA B 388 -5.30 28.37 12.17
C ALA B 388 -4.77 27.58 10.99
N ALA B 389 -5.65 26.87 10.26
CA ALA B 389 -5.28 26.14 9.01
C ALA B 389 -5.68 26.87 7.72
N LEU B 390 -6.13 28.11 7.85
CA LEU B 390 -6.45 28.94 6.66
C LEU B 390 -5.42 28.98 5.52
N ASP B 391 -4.15 29.04 5.85
CA ASP B 391 -3.13 29.07 4.81
C ASP B 391 -3.16 27.77 3.99
N ILE B 392 -3.36 26.66 4.65
CA ILE B 392 -3.35 25.42 3.97
C ILE B 392 -4.74 25.13 3.35
N LEU B 393 -5.82 25.64 3.93
CA LEU B 393 -7.15 25.47 3.36
C LEU B 393 -7.48 26.37 2.12
N CYS B 394 -6.85 27.52 2.06
CA CYS B 394 -7.14 28.48 1.01
C CYS B 394 -5.81 29.00 0.46
N PRO B 395 -5.10 28.15 -0.30
CA PRO B 395 -3.73 28.53 -0.68
C PRO B 395 -3.61 29.67 -1.72
N SER B 396 -4.68 29.97 -2.46
CA SER B 396 -4.76 31.16 -3.35
C SER B 396 -5.28 32.46 -2.71
N GLY B 397 -5.49 32.49 -1.40
CA GLY B 397 -5.96 33.69 -0.73
C GLY B 397 -7.47 33.91 -0.86
N PRO B 398 -8.02 34.75 0.00
CA PRO B 398 -9.46 34.94 0.04
C PRO B 398 -9.98 35.89 -1.06
N ILE B 399 -11.31 35.98 -1.16
CA ILE B 399 -11.99 36.97 -2.00
C ILE B 399 -12.63 38.02 -1.10
N LYS B 400 -12.33 39.26 -1.41
CA LYS B 400 -12.84 40.42 -0.67
C LYS B 400 -14.14 40.85 -1.30
N SER B 401 -15.09 41.24 -0.48
CA SER B 401 -16.34 41.72 -1.00
C SER B 401 -16.95 42.75 -0.07
N LEU B 402 -17.74 43.66 -0.63
CA LEU B 402 -18.48 44.60 0.18
C LEU B 402 -19.61 43.89 0.99
N TYR B 403 -20.49 43.14 0.29
CA TYR B 403 -21.53 42.28 0.91
C TYR B 403 -21.17 40.82 0.75
N PRO B 404 -21.83 39.92 1.46
CA PRO B 404 -21.36 38.55 1.32
C PRO B 404 -21.69 37.96 -0.07
N LEU B 405 -20.88 36.98 -0.51
CA LEU B 405 -21.07 36.31 -1.80
C LEU B 405 -21.44 34.86 -1.49
N THR B 406 -22.13 34.20 -2.41
CA THR B 406 -22.57 32.79 -2.23
C THR B 406 -21.44 31.81 -2.58
N PHE B 407 -21.62 30.52 -2.26
CA PHE B 407 -20.71 29.44 -2.65
C PHE B 407 -20.42 29.52 -4.17
N ILE B 408 -21.45 29.63 -4.99
CA ILE B 408 -21.26 29.70 -6.46
C ILE B 408 -20.37 30.87 -6.88
N GLN B 409 -20.59 32.04 -6.28
CA GLN B 409 -19.83 33.24 -6.73
C GLN B 409 -18.37 33.14 -6.31
N VAL B 410 -18.09 32.44 -5.22
CA VAL B 410 -16.74 32.26 -4.69
C VAL B 410 -16.12 30.94 -5.26
N LYS B 411 -16.82 30.36 -6.22
CA LYS B 411 -16.30 29.18 -6.94
C LYS B 411 -16.12 27.92 -6.09
N GLN B 412 -16.93 27.78 -5.03
CA GLN B 412 -17.00 26.51 -4.29
C GLN B 412 -18.37 25.87 -4.36
N HIS B 413 -18.41 24.56 -4.48
CA HIS B 413 -19.71 23.90 -4.64
C HIS B 413 -20.17 23.07 -3.46
N TYR B 414 -19.25 22.26 -2.92
CA TYR B 414 -19.46 21.41 -1.77
C TYR B 414 -18.59 21.83 -0.61
N GLY B 415 -19.06 21.55 0.59
CA GLY B 415 -18.23 21.73 1.78
C GLY B 415 -18.49 23.01 2.53
N PHE B 416 -17.45 23.81 2.75
CA PHE B 416 -17.43 24.80 3.80
C PHE B 416 -16.74 26.04 3.27
N VAL B 417 -17.24 27.21 3.62
CA VAL B 417 -16.61 28.46 3.25
C VAL B 417 -16.57 29.26 4.53
N LEU B 418 -15.43 29.87 4.82
CA LEU B 418 -15.33 30.73 5.99
C LEU B 418 -15.61 32.21 5.57
N TYR B 419 -16.58 32.87 6.21
CA TYR B 419 -16.74 34.27 5.98
C TYR B 419 -16.22 35.11 7.13
N ARG B 420 -15.36 36.10 6.84
CA ARG B 420 -14.75 36.93 7.85
C ARG B 420 -14.97 38.44 7.68
N THR B 421 -15.21 39.10 8.82
CA THR B 421 -15.21 40.54 8.91
C THR B 421 -14.72 40.99 10.30
N THR B 422 -15.00 42.24 10.67
CA THR B 422 -14.65 42.70 12.02
C THR B 422 -15.81 43.43 12.63
N LEU B 423 -15.94 43.34 13.96
CA LEU B 423 -16.98 44.06 14.67
C LEU B 423 -16.74 45.57 14.58
N PRO B 424 -17.65 46.32 13.96
CA PRO B 424 -17.52 47.77 13.78
C PRO B 424 -17.97 48.63 14.99
N GLN B 425 -18.57 48.01 16.00
CA GLN B 425 -19.09 48.68 17.21
C GLN B 425 -18.69 47.79 18.40
N ASP B 426 -18.52 48.35 19.58
CA ASP B 426 -18.17 47.52 20.76
C ASP B 426 -19.38 46.63 21.14
N CYS B 427 -19.15 45.37 21.54
CA CYS B 427 -20.26 44.41 21.86
C CYS B 427 -19.98 43.70 23.16
N SER B 428 -19.76 44.49 24.21
CA SER B 428 -19.52 43.94 25.53
C SER B 428 -20.85 43.54 26.13
N ASN B 429 -21.93 44.12 25.64
CA ASN B 429 -23.24 43.58 25.95
C ASN B 429 -23.67 42.81 24.72
N PRO B 430 -24.27 41.64 24.93
CA PRO B 430 -24.71 40.84 23.80
C PRO B 430 -25.41 41.67 22.71
N ALA B 431 -24.95 41.58 21.48
CA ALA B 431 -25.54 42.28 20.34
C ALA B 431 -26.08 41.22 19.43
N PRO B 432 -27.27 41.44 18.86
CA PRO B 432 -27.83 40.40 18.04
C PRO B 432 -27.26 40.39 16.61
N LEU B 433 -26.67 39.25 16.25
CA LEU B 433 -26.22 38.97 14.88
C LEU B 433 -27.31 38.17 14.15
N SER B 434 -27.75 38.72 13.01
CA SER B 434 -28.98 38.26 12.38
C SER B 434 -28.89 38.19 10.87
N SER B 435 -29.65 37.27 10.32
CA SER B 435 -29.80 37.19 8.88
C SER B 435 -31.25 37.37 8.61
N PRO B 436 -31.68 38.65 8.45
CA PRO B 436 -33.15 38.95 8.49
C PRO B 436 -33.96 38.31 7.39
N LEU B 437 -33.38 38.10 6.21
CA LEU B 437 -34.11 37.34 5.15
C LEU B 437 -33.88 35.81 5.16
N ASN B 438 -33.45 35.23 6.28
CA ASN B 438 -33.30 33.77 6.35
C ASN B 438 -32.31 33.26 5.30
N GLY B 439 -31.18 33.95 5.17
CA GLY B 439 -30.15 33.63 4.20
C GLY B 439 -28.89 32.95 4.68
N VAL B 440 -28.94 32.21 5.78
CA VAL B 440 -27.85 31.30 6.15
C VAL B 440 -28.17 29.88 5.60
N HIS B 441 -27.49 29.52 4.52
CA HIS B 441 -27.79 28.35 3.76
C HIS B 441 -26.55 27.52 3.82
N ASP B 442 -26.40 26.65 4.81
CA ASP B 442 -27.51 26.14 5.67
C ASP B 442 -27.23 26.19 7.17
N ARG B 443 -25.97 26.30 7.56
CA ARG B 443 -25.61 26.35 8.97
C ARG B 443 -24.35 27.15 9.09
N ALA B 444 -24.26 28.06 10.06
CA ALA B 444 -22.99 28.68 10.32
C ALA B 444 -22.54 28.49 11.78
N TYR B 445 -21.25 28.24 11.94
CA TYR B 445 -20.57 28.11 13.24
C TYR B 445 -19.83 29.40 13.49
N VAL B 446 -20.33 30.14 14.44
CA VAL B 446 -19.88 31.51 14.68
C VAL B 446 -18.86 31.60 15.82
N ALA B 447 -17.84 32.43 15.62
CA ALA B 447 -16.86 32.74 16.65
C ALA B 447 -16.40 34.20 16.59
N VAL B 448 -15.99 34.76 17.72
CA VAL B 448 -15.38 36.12 17.81
C VAL B 448 -14.07 36.14 18.60
N ASP B 449 -12.99 36.64 17.99
CA ASP B 449 -11.59 36.47 18.46
C ASP B 449 -11.34 35.07 19.06
N GLY B 450 -11.82 34.07 18.32
CA GLY B 450 -11.57 32.71 18.67
C GLY B 450 -12.42 32.18 19.81
N ILE B 451 -13.46 32.91 20.23
CA ILE B 451 -14.41 32.40 21.20
C ILE B 451 -15.69 32.00 20.49
N PRO B 452 -16.04 30.72 20.58
CA PRO B 452 -17.23 30.30 19.89
C PRO B 452 -18.51 30.90 20.49
N GLN B 453 -19.49 31.25 19.64
CA GLN B 453 -20.72 31.87 20.07
C GLN B 453 -22.00 31.02 19.87
N GLY B 454 -21.96 29.96 19.11
CA GLY B 454 -23.18 29.20 18.84
C GLY B 454 -23.37 29.09 17.36
N VAL B 455 -24.62 28.86 16.96
CA VAL B 455 -24.97 28.48 15.61
C VAL B 455 -26.18 29.21 15.00
N LEU B 456 -26.01 29.76 13.79
CA LEU B 456 -27.12 30.15 12.92
C LEU B 456 -27.58 28.98 12.03
N GLU B 457 -28.87 28.88 11.81
CA GLU B 457 -29.38 27.74 11.04
C GLU B 457 -30.58 28.14 10.20
N ARG B 458 -30.60 27.66 8.97
CA ARG B 458 -31.67 27.97 8.04
C ARG B 458 -32.99 27.60 8.66
N ASN B 459 -33.96 28.51 8.48
CA ASN B 459 -35.32 28.40 9.01
C ASN B 459 -35.37 28.55 10.51
N ASN B 460 -34.61 27.74 11.23
CA ASN B 460 -34.75 27.59 12.68
C ASN B 460 -34.18 28.72 13.54
N VAL B 461 -33.00 29.21 13.23
CA VAL B 461 -32.34 30.19 14.09
C VAL B 461 -31.64 31.18 13.20
N ILE B 462 -32.24 32.37 13.09
CA ILE B 462 -31.69 33.41 12.25
C ILE B 462 -31.10 34.55 13.07
N THR B 463 -31.20 34.45 14.41
CA THR B 463 -30.49 35.38 15.25
C THR B 463 -29.68 34.72 16.36
N LEU B 464 -28.47 35.19 16.55
CA LEU B 464 -27.62 34.76 17.63
C LEU B 464 -26.97 36.03 18.26
N ASN B 465 -27.05 36.13 19.58
CA ASN B 465 -26.31 37.18 20.28
C ASN B 465 -24.84 36.85 20.41
N ILE B 466 -23.99 37.86 20.23
CA ILE B 466 -22.53 37.70 20.31
C ILE B 466 -21.91 38.72 21.22
N THR B 467 -20.71 38.43 21.73
CA THR B 467 -19.94 39.47 22.40
C THR B 467 -18.51 39.56 21.90
N GLY B 468 -17.97 40.77 21.97
CA GLY B 468 -16.53 40.99 21.73
C GLY B 468 -16.21 42.48 21.65
N LYS B 469 -14.93 42.77 21.49
CA LYS B 469 -14.45 44.16 21.44
C LYS B 469 -14.63 44.76 20.07
N ALA B 470 -14.79 46.07 20.04
CA ALA B 470 -14.68 46.77 18.78
C ALA B 470 -13.41 46.28 18.08
N GLY B 471 -13.52 46.10 16.77
CA GLY B 471 -12.41 45.57 16.00
C GLY B 471 -12.13 44.08 16.15
N ALA B 472 -12.95 43.33 16.90
CA ALA B 472 -12.70 41.89 17.01
C ALA B 472 -12.93 41.22 15.66
N THR B 473 -12.23 40.15 15.35
CA THR B 473 -12.51 39.39 14.13
C THR B 473 -13.76 38.51 14.36
N LEU B 474 -14.72 38.60 13.45
CA LEU B 474 -15.93 37.79 13.43
C LEU B 474 -15.87 36.80 12.29
N ASP B 475 -15.90 35.51 12.65
CA ASP B 475 -15.89 34.36 11.71
C ASP B 475 -17.26 33.61 11.73
N LEU B 476 -17.74 33.27 10.53
CA LEU B 476 -18.84 32.36 10.31
C LEU B 476 -18.39 31.25 9.36
N LEU B 477 -18.16 30.06 9.92
CA LEU B 477 -17.87 28.86 9.11
C LEU B 477 -19.18 28.35 8.55
N VAL B 478 -19.44 28.48 7.25
CA VAL B 478 -20.71 28.07 6.64
C VAL B 478 -20.62 26.72 5.92
N GLU B 479 -21.58 25.87 6.23
CA GLU B 479 -21.69 24.53 5.67
C GLU B 479 -22.89 24.44 4.73
N ASN B 480 -22.67 23.88 3.54
CA ASN B 480 -23.71 23.41 2.64
C ASN B 480 -24.10 21.97 3.07
N MET B 481 -25.29 21.80 3.56
CA MET B 481 -25.77 20.47 4.04
C MET B 481 -26.41 19.65 2.96
N GLY B 482 -26.45 20.18 1.74
CA GLY B 482 -26.98 19.56 0.59
C GLY B 482 -28.03 20.36 -0.13
N ARG B 483 -27.94 20.38 -1.46
CA ARG B 483 -28.78 21.20 -2.30
C ARG B 483 -30.01 20.40 -2.58
N VAL B 484 -31.15 21.07 -2.49
CA VAL B 484 -32.45 20.47 -2.69
C VAL B 484 -32.49 19.76 -4.06
N ASN B 485 -33.03 18.55 -4.08
CA ASN B 485 -33.03 17.72 -5.29
C ASN B 485 -34.43 17.47 -5.86
N TYR B 486 -35.39 18.22 -5.31
CA TYR B 486 -36.83 18.07 -5.65
C TYR B 486 -37.66 19.27 -5.37
N GLY B 487 -38.58 19.55 -6.27
CA GLY B 487 -39.47 20.69 -6.08
C GLY B 487 -38.91 21.85 -6.86
N ALA B 488 -39.52 23.01 -6.63
CA ALA B 488 -39.21 24.21 -7.39
C ALA B 488 -37.94 24.89 -6.90
N TYR B 489 -37.48 24.55 -5.68
CA TYR B 489 -36.29 25.23 -5.10
C TYR B 489 -34.93 24.47 -5.25
N ILE B 490 -34.75 23.77 -6.36
CA ILE B 490 -33.46 23.12 -6.73
C ILE B 490 -32.32 24.14 -7.11
N ASN B 491 -32.69 25.36 -7.48
CA ASN B 491 -31.70 26.46 -7.67
C ASN B 491 -31.21 27.12 -6.34
N ASP B 492 -30.31 26.43 -5.65
CA ASP B 492 -30.11 26.60 -4.20
C ASP B 492 -28.66 27.00 -4.07
N PHE B 493 -28.38 28.32 -4.07
CA PHE B 493 -26.99 28.80 -4.21
C PHE B 493 -26.02 28.31 -3.10
N LYS B 494 -26.48 28.37 -1.84
CA LYS B 494 -25.70 28.18 -0.58
C LYS B 494 -24.70 29.32 -0.26
N GLY B 495 -24.35 29.40 1.01
CA GLY B 495 -23.54 30.45 1.52
C GLY B 495 -24.43 31.38 2.33
N LEU B 496 -23.87 32.53 2.63
CA LEU B 496 -24.66 33.67 3.08
C LEU B 496 -25.22 34.27 1.78
N VAL B 497 -26.47 33.91 1.47
CA VAL B 497 -27.15 34.34 0.26
C VAL B 497 -27.89 35.65 0.42
N SER B 498 -27.94 36.18 1.64
CA SER B 498 -28.36 37.54 1.85
C SER B 498 -27.54 38.21 2.98
N ASN B 499 -27.80 39.49 3.22
CA ASN B 499 -27.06 40.21 4.21
C ASN B 499 -27.13 39.74 5.63
N LEU B 500 -26.01 39.84 6.38
CA LEU B 500 -26.06 39.81 7.86
C LEU B 500 -26.17 41.23 8.45
N THR B 501 -26.99 41.38 9.49
CA THR B 501 -26.99 42.59 10.31
C THR B 501 -26.47 42.32 11.72
N LEU B 502 -25.93 43.34 12.34
CA LEU B 502 -25.57 43.36 13.76
C LEU B 502 -26.23 44.62 14.39
N SER B 503 -27.06 44.40 15.40
CA SER B 503 -27.90 45.45 16.00
C SER B 503 -28.70 46.16 14.90
N SER B 504 -29.15 45.39 13.89
CA SER B 504 -29.94 45.90 12.72
C SER B 504 -29.22 46.74 11.63
N ASN B 505 -27.91 46.93 11.78
CA ASN B 505 -27.05 47.52 10.75
C ASN B 505 -26.35 46.45 9.91
N ILE B 506 -26.47 46.56 8.59
CA ILE B 506 -25.87 45.64 7.62
C ILE B 506 -24.37 45.60 7.87
N LEU B 507 -23.77 44.40 7.91
CA LEU B 507 -22.35 44.28 8.12
C LEU B 507 -21.69 44.29 6.76
N THR B 508 -20.58 45.01 6.63
CA THR B 508 -19.95 45.15 5.32
C THR B 508 -18.46 44.85 5.47
N ASP B 509 -17.74 44.75 4.35
CA ASP B 509 -16.29 44.44 4.34
C ASP B 509 -15.95 42.99 4.76
N TRP B 510 -16.22 42.09 3.82
CA TRP B 510 -16.05 40.69 4.01
C TRP B 510 -14.78 40.19 3.31
N THR B 511 -14.03 39.37 4.04
CA THR B 511 -12.97 38.54 3.51
C THR B 511 -13.46 37.11 3.57
N ILE B 512 -13.55 36.48 2.40
CA ILE B 512 -14.17 35.17 2.24
C ILE B 512 -13.23 34.09 1.74
N PHE B 513 -13.12 33.01 2.51
CA PHE B 513 -12.20 31.92 2.27
C PHE B 513 -12.98 30.63 1.80
N PRO B 514 -12.97 30.31 0.47
CA PRO B 514 -13.23 28.95 0.09
C PRO B 514 -12.20 28.02 0.67
N LEU B 515 -12.66 26.87 1.14
CA LEU B 515 -11.84 25.94 1.91
C LEU B 515 -11.72 24.60 1.22
N ASP B 516 -10.49 24.24 0.87
CA ASP B 516 -10.19 22.98 0.20
C ASP B 516 -9.92 21.90 1.22
N THR B 517 -10.97 21.52 1.93
CA THR B 517 -10.91 20.49 2.92
C THR B 517 -10.23 19.21 2.39
N GLU B 518 -10.61 18.81 1.18
CA GLU B 518 -10.25 17.47 0.74
C GLU B 518 -8.74 17.38 0.54
N ASP B 519 -8.19 18.35 -0.19
CA ASP B 519 -6.75 18.41 -0.40
C ASP B 519 -5.98 18.53 0.90
N ALA B 520 -6.41 19.43 1.79
CA ALA B 520 -5.71 19.66 3.06
C ALA B 520 -5.63 18.41 3.97
N VAL B 521 -6.74 17.71 4.12
CA VAL B 521 -6.76 16.45 4.84
C VAL B 521 -5.79 15.48 4.19
N ARG B 522 -5.89 15.31 2.88
CA ARG B 522 -4.98 14.39 2.19
C ARG B 522 -3.47 14.76 2.37
N SER B 523 -3.15 16.00 2.75
CA SER B 523 -1.80 16.43 3.03
C SER B 523 -1.51 16.52 4.52
N HIS B 524 -2.45 16.02 5.34
CA HIS B 524 -2.38 16.09 6.82
C HIS B 524 -2.12 17.54 7.22
N LEU B 525 -2.97 18.41 6.69
CA LEU B 525 -2.87 19.85 6.91
C LEU B 525 -1.48 20.37 6.58
N GLY B 526 -0.85 19.77 5.56
CA GLY B 526 0.42 20.22 5.04
C GLY B 526 1.63 19.62 5.76
N GLY B 527 1.42 18.87 6.82
CA GLY B 527 2.52 18.14 7.43
C GLY B 527 3.22 17.14 6.52
N TRP B 528 2.54 16.63 5.48
CA TRP B 528 3.18 15.70 4.55
C TRP B 528 3.63 16.32 3.23
N GLY B 529 3.57 17.64 3.12
CA GLY B 529 4.01 18.29 1.88
C GLY B 529 3.04 18.05 0.72
N HIS B 530 3.50 18.35 -0.48
CA HIS B 530 2.62 18.37 -1.63
C HIS B 530 3.07 17.54 -2.85
N ARG B 531 4.07 16.68 -2.68
CA ARG B 531 4.22 15.53 -3.56
C ARG B 531 2.96 14.65 -3.50
N ASN B 546 -22.86 24.36 25.27
CA ASN B 546 -21.51 24.91 25.09
C ASN B 546 -20.86 24.41 23.78
N TYR B 547 -19.80 25.12 23.33
CA TYR B 547 -19.24 24.93 21.96
C TYR B 547 -17.72 24.98 21.97
N THR B 548 -17.06 24.28 21.05
CA THR B 548 -15.65 24.48 20.82
C THR B 548 -15.49 24.99 19.41
N LEU B 549 -14.35 25.57 19.14
CA LEU B 549 -14.02 26.00 17.80
C LEU B 549 -13.95 24.83 16.84
N PRO B 550 -14.56 24.99 15.66
CA PRO B 550 -14.35 24.03 14.63
C PRO B 550 -12.85 23.69 14.46
N ALA B 551 -12.53 22.39 14.48
CA ALA B 551 -11.15 21.94 14.36
C ALA B 551 -11.01 20.47 13.90
N PHE B 552 -9.80 20.13 13.54
CA PHE B 552 -9.37 18.86 13.00
C PHE B 552 -8.66 18.07 14.11
N TYR B 553 -9.16 16.87 14.36
CA TYR B 553 -8.64 15.95 15.37
C TYR B 553 -8.15 14.71 14.69
N MET B 554 -6.96 14.25 15.05
CA MET B 554 -6.35 13.09 14.39
C MET B 554 -5.87 11.97 15.24
N GLY B 555 -5.97 10.74 14.70
CA GLY B 555 -5.50 9.54 15.36
C GLY B 555 -5.11 8.45 14.38
N ASN B 556 -4.10 7.68 14.77
CA ASN B 556 -3.61 6.58 13.97
C ASN B 556 -4.05 5.25 14.65
N PHE B 557 -4.34 4.22 13.86
CA PHE B 557 -4.41 2.84 14.38
C PHE B 557 -3.81 1.88 13.34
N SER B 558 -3.15 0.85 13.85
CA SER B 558 -2.53 -0.19 13.08
C SER B 558 -3.34 -1.52 13.00
N ILE B 559 -3.12 -2.27 11.93
CA ILE B 559 -3.82 -3.50 11.66
C ILE B 559 -2.65 -4.35 11.21
N PRO B 560 -2.51 -5.56 11.78
CA PRO B 560 -1.37 -6.43 11.38
C PRO B 560 -1.47 -6.89 9.92
N SER B 561 -0.31 -7.12 9.32
CA SER B 561 -0.19 -7.68 7.97
C SER B 561 -0.12 -9.19 8.04
N GLY B 562 -0.26 -9.86 6.93
CA GLY B 562 -0.07 -11.33 6.93
C GLY B 562 -1.21 -12.15 7.54
N ILE B 563 -2.32 -11.46 7.78
CA ILE B 563 -3.54 -12.05 8.37
C ILE B 563 -4.56 -12.03 7.23
N PRO B 564 -4.91 -13.22 6.71
CA PRO B 564 -5.72 -13.33 5.52
C PRO B 564 -7.04 -12.59 5.64
N ASP B 565 -7.59 -12.57 6.84
CA ASP B 565 -8.89 -11.98 7.01
C ASP B 565 -8.91 -10.58 7.67
N LEU B 566 -7.85 -9.82 7.49
CA LEU B 566 -7.82 -8.42 7.89
C LEU B 566 -7.07 -7.67 6.79
N PRO B 567 -7.49 -6.45 6.50
CA PRO B 567 -8.54 -5.78 7.16
C PRO B 567 -9.94 -6.21 6.72
N GLN B 568 -10.91 -6.00 7.63
CA GLN B 568 -12.36 -6.15 7.38
C GLN B 568 -13.12 -4.85 7.42
N ASP B 569 -14.32 -4.89 6.82
CA ASP B 569 -15.32 -3.83 6.94
C ASP B 569 -15.59 -3.54 8.37
N THR B 570 -16.06 -2.32 8.67
CA THR B 570 -16.41 -1.92 10.06
C THR B 570 -17.34 -0.73 10.00
N PHE B 571 -17.76 -0.28 11.16
CA PHE B 571 -18.67 0.80 11.30
C PHE B 571 -18.00 1.72 12.31
N ILE B 572 -17.98 3.01 12.00
CA ILE B 572 -17.43 3.96 12.94
C ILE B 572 -18.53 4.67 13.70
N GLN B 573 -18.26 4.91 14.99
CA GLN B 573 -19.16 5.53 15.97
C GLN B 573 -18.48 6.72 16.71
N PHE B 574 -19.23 7.75 17.09
CA PHE B 574 -18.64 8.99 17.65
C PHE B 574 -19.27 9.48 18.98
N PRO B 575 -19.23 8.65 20.05
CA PRO B 575 -19.88 9.08 21.29
C PRO B 575 -19.13 10.20 21.97
N GLY B 576 -19.85 11.22 22.42
CA GLY B 576 -19.25 12.45 22.91
C GLY B 576 -19.09 13.56 21.86
N TRP B 577 -18.96 13.21 20.58
CA TRP B 577 -18.83 14.18 19.52
C TRP B 577 -20.24 14.72 19.18
N THR B 578 -20.32 15.73 18.33
CA THR B 578 -21.57 16.38 18.14
C THR B 578 -22.01 16.36 16.67
N LYS B 579 -21.33 17.15 15.84
CA LYS B 579 -21.61 17.19 14.40
C LYS B 579 -20.37 17.50 13.59
N GLY B 580 -20.15 16.77 12.49
CA GLY B 580 -19.00 17.00 11.60
C GLY B 580 -18.77 16.03 10.44
N GLN B 581 -17.53 16.07 9.92
CA GLN B 581 -17.08 15.30 8.75
C GLN B 581 -15.92 14.41 9.17
N VAL B 582 -15.85 13.24 8.54
CA VAL B 582 -14.81 12.26 8.86
C VAL B 582 -14.16 11.68 7.62
N TRP B 583 -12.82 11.60 7.65
CA TRP B 583 -11.98 10.91 6.66
C TRP B 583 -11.17 9.75 7.31
N ILE B 584 -10.93 8.67 6.57
CA ILE B 584 -9.92 7.71 6.93
C ILE B 584 -8.96 7.56 5.76
N ASN B 585 -7.67 7.66 6.06
CA ASN B 585 -6.64 7.79 5.04
C ASN B 585 -7.00 8.74 3.92
N GLY B 586 -7.58 9.88 4.24
CA GLY B 586 -7.99 10.82 3.20
C GLY B 586 -9.26 10.46 2.40
N PHE B 587 -9.91 9.33 2.69
CA PHE B 587 -11.20 9.08 2.05
C PHE B 587 -12.31 9.65 2.88
N ASN B 588 -13.15 10.50 2.25
CA ASN B 588 -14.20 11.21 2.94
C ASN B 588 -15.43 10.33 3.08
N LEU B 589 -15.65 9.77 4.26
CA LEU B 589 -16.76 8.82 4.50
C LEU B 589 -18.16 9.44 4.55
N GLY B 590 -18.23 10.75 4.62
CA GLY B 590 -19.44 11.47 4.89
C GLY B 590 -19.55 12.18 6.22
N ARG B 591 -20.79 12.49 6.58
CA ARG B 591 -21.11 13.37 7.68
C ARG B 591 -21.70 12.58 8.83
N TYR B 592 -21.33 12.97 10.06
CA TYR B 592 -21.80 12.34 11.31
C TYR B 592 -22.63 13.38 12.04
N TRP B 593 -23.74 12.94 12.68
CA TRP B 593 -24.56 13.83 13.50
C TRP B 593 -25.33 13.10 14.59
N PRO B 594 -24.62 12.57 15.62
CA PRO B 594 -25.28 11.71 16.62
C PRO B 594 -26.21 12.49 17.48
N ALA B 595 -25.91 13.79 17.63
CA ALA B 595 -26.87 14.69 18.27
C ALA B 595 -28.29 14.59 17.65
N ARG B 596 -28.47 14.29 16.36
CA ARG B 596 -29.85 14.23 15.76
C ARG B 596 -30.32 12.83 15.49
N GLY B 597 -29.47 12.03 14.88
CA GLY B 597 -29.88 10.69 14.47
C GLY B 597 -30.66 10.83 13.18
N PRO B 598 -31.27 9.73 12.69
CA PRO B 598 -31.32 8.38 13.32
C PRO B 598 -30.03 7.54 13.21
N GLN B 599 -29.19 7.95 12.27
CA GLN B 599 -27.94 7.26 11.99
C GLN B 599 -26.87 7.63 13.05
N LEU B 600 -26.35 6.65 13.80
CA LEU B 600 -25.23 6.85 14.76
C LEU B 600 -23.87 6.44 14.16
N THR B 601 -23.85 5.29 13.46
CA THR B 601 -22.67 4.77 12.76
C THR B 601 -22.55 5.23 11.29
N LEU B 602 -21.33 5.25 10.77
CA LEU B 602 -21.10 5.29 9.37
C LEU B 602 -20.32 4.04 8.92
N PHE B 603 -20.65 3.53 7.74
CA PHE B 603 -19.98 2.43 7.05
C PHE B 603 -18.56 2.79 6.59
N VAL B 604 -17.61 1.90 6.93
CA VAL B 604 -16.22 2.01 6.53
C VAL B 604 -15.81 0.77 5.72
N PRO B 605 -15.71 0.90 4.37
CA PRO B 605 -15.30 -0.22 3.53
C PRO B 605 -13.88 -0.59 3.80
N GLN B 606 -13.57 -1.88 3.73
CA GLN B 606 -12.27 -2.35 4.13
C GLN B 606 -11.12 -1.89 3.22
N HIS B 607 -11.44 -1.58 1.96
CA HIS B 607 -10.43 -1.39 0.97
C HIS B 607 -9.70 -0.06 1.13
N ILE B 608 -10.24 0.91 1.86
CA ILE B 608 -9.46 2.08 2.24
C ILE B 608 -8.54 1.85 3.48
N LEU B 609 -8.72 0.77 4.24
CA LEU B 609 -7.87 0.49 5.40
C LEU B 609 -6.59 -0.18 4.96
N MET B 610 -5.53 0.00 5.73
CA MET B 610 -4.26 -0.55 5.32
C MET B 610 -3.51 -1.32 6.44
N THR B 611 -2.66 -2.29 6.07
CA THR B 611 -1.85 -3.07 7.04
C THR B 611 -0.37 -2.62 7.07
N SER B 612 0.06 -1.99 5.99
CA SER B 612 1.45 -1.59 5.81
C SER B 612 1.75 -0.56 6.91
N ALA B 613 1.08 0.59 6.76
CA ALA B 613 1.31 1.76 7.56
C ALA B 613 0.16 1.98 8.53
N PRO B 614 0.29 2.98 9.42
CA PRO B 614 -0.81 3.47 10.24
C PRO B 614 -1.97 4.08 9.41
N ASN B 615 -3.18 3.76 9.81
CA ASN B 615 -4.38 4.33 9.27
C ASN B 615 -4.70 5.60 10.02
N THR B 616 -4.87 6.70 9.28
CA THR B 616 -5.01 8.01 9.86
C THR B 616 -6.44 8.42 9.80
N ILE B 617 -7.01 8.69 10.97
CA ILE B 617 -8.39 9.13 11.05
C ILE B 617 -8.39 10.63 11.24
N THR B 618 -9.15 11.34 10.39
CA THR B 618 -9.39 12.76 10.53
C THR B 618 -10.83 13.07 10.78
N VAL B 619 -11.07 13.87 11.83
CA VAL B 619 -12.40 14.33 12.19
C VAL B 619 -12.42 15.85 12.26
N LEU B 620 -13.29 16.46 11.44
CA LEU B 620 -13.65 17.85 11.54
C LEU B 620 -14.87 17.97 12.44
N GLU B 621 -14.70 18.37 13.69
CA GLU B 621 -15.85 18.61 14.60
C GLU B 621 -16.22 20.08 14.57
N LEU B 622 -17.49 20.31 14.38
CA LEU B 622 -17.95 21.65 14.11
C LEU B 622 -18.62 22.36 15.32
N GLU B 623 -19.18 21.59 16.25
CA GLU B 623 -19.93 22.16 17.37
C GLU B 623 -19.29 21.92 18.70
N TRP B 624 -18.95 20.64 19.03
CA TRP B 624 -18.40 20.33 20.38
C TRP B 624 -17.72 19.01 20.36
N ALA B 625 -16.47 19.03 20.83
CA ALA B 625 -15.54 17.89 20.83
C ALA B 625 -15.36 17.43 22.26
N PRO B 626 -15.23 16.14 22.48
CA PRO B 626 -15.11 15.74 23.88
C PRO B 626 -13.63 15.71 24.28
N CYS B 627 -12.91 16.82 24.18
CA CYS B 627 -11.44 16.75 24.20
C CYS B 627 -10.71 17.79 25.03
N SER B 628 -11.43 18.64 25.75
CA SER B 628 -10.81 19.71 26.57
C SER B 628 -10.43 19.12 27.93
N SER B 629 -11.17 18.11 28.35
CA SER B 629 -10.86 17.42 29.60
C SER B 629 -9.46 16.79 29.52
N ASP B 630 -8.86 16.61 30.69
CA ASP B 630 -7.53 16.06 30.81
C ASP B 630 -7.59 14.55 30.97
N ASP B 631 -8.71 13.96 30.51
CA ASP B 631 -8.86 12.52 30.31
C ASP B 631 -8.85 12.26 28.79
N PRO B 632 -7.65 11.99 28.23
CA PRO B 632 -7.52 11.82 26.79
C PRO B 632 -8.28 10.59 26.29
N GLU B 633 -8.46 9.61 27.17
CA GLU B 633 -9.28 8.45 26.87
C GLU B 633 -10.63 8.85 26.24
N LEU B 634 -11.20 10.01 26.64
CA LEU B 634 -12.51 10.44 26.09
C LEU B 634 -12.39 11.06 24.70
N CYS B 635 -11.21 11.56 24.32
CA CYS B 635 -11.03 12.11 22.99
C CYS B 635 -10.82 10.97 21.99
N ALA B 636 -11.92 10.35 21.57
CA ALA B 636 -11.78 9.05 20.90
C ALA B 636 -12.96 8.71 20.07
N VAL B 637 -12.76 7.83 19.08
CA VAL B 637 -13.86 7.21 18.34
C VAL B 637 -13.78 5.70 18.52
N THR B 638 -14.82 5.01 18.12
CA THR B 638 -14.92 3.57 18.37
C THR B 638 -15.39 2.85 17.14
N PHE B 639 -14.70 1.78 16.77
CA PHE B 639 -15.12 0.92 15.67
C PHE B 639 -15.91 -0.27 16.17
N VAL B 640 -17.11 -0.46 15.66
CA VAL B 640 -17.96 -1.57 16.00
C VAL B 640 -18.34 -2.43 14.75
N ASP B 641 -18.85 -3.63 14.97
CA ASP B 641 -19.13 -4.60 13.90
C ASP B 641 -20.60 -4.71 13.46
N ARG B 642 -21.45 -3.88 14.05
CA ARG B 642 -22.86 -3.79 13.69
C ARG B 642 -23.23 -2.29 13.57
N PRO B 643 -24.01 -1.92 12.53
CA PRO B 643 -24.39 -0.56 12.34
C PRO B 643 -25.50 -0.19 13.23
N VAL B 644 -25.61 1.10 13.54
CA VAL B 644 -26.81 1.65 14.16
C VAL B 644 -27.34 2.78 13.26
N ILE B 645 -28.26 2.47 12.34
CA ILE B 645 -28.85 3.55 11.48
C ILE B 645 -30.28 3.92 11.85
N GLY B 646 -30.86 3.16 12.78
CA GLY B 646 -32.28 3.27 13.09
C GLY B 646 -32.44 3.23 14.57
N SER B 647 -31.81 4.21 15.24
CA SER B 647 -31.72 4.22 16.70
C SER B 647 -33.00 3.65 17.33
N SER B 648 -32.88 2.41 17.82
CA SER B 648 -34.00 1.53 18.24
C SER B 648 -34.85 1.07 17.04
N GLN C 30 25.60 -8.80 23.89
CA GLN C 30 25.69 -10.27 23.65
C GLN C 30 24.72 -11.06 24.59
N ARG C 31 23.86 -11.89 23.98
CA ARG C 31 22.69 -12.48 24.63
C ARG C 31 22.94 -13.80 25.32
N MET C 32 22.22 -14.06 26.42
CA MET C 32 22.38 -15.30 27.19
C MET C 32 21.08 -15.80 27.87
N PHE C 33 20.96 -17.11 27.91
CA PHE C 33 19.87 -17.79 28.56
C PHE C 33 20.39 -19.03 29.30
N GLU C 34 20.35 -19.02 30.63
CA GLU C 34 20.79 -20.15 31.41
C GLU C 34 19.87 -20.48 32.57
N ILE C 35 20.11 -21.64 33.17
CA ILE C 35 19.47 -22.05 34.40
C ILE C 35 20.22 -21.40 35.55
N ASP C 36 19.45 -20.80 36.45
CA ASP C 36 20.01 -20.30 37.69
C ASP C 36 19.70 -21.25 38.85
N TYR C 37 20.72 -21.97 39.29
CA TYR C 37 20.55 -22.96 40.33
C TYR C 37 20.41 -22.31 41.72
N SER C 38 20.73 -21.03 41.84
CA SER C 38 20.60 -20.28 43.09
C SER C 38 19.21 -19.69 43.33
N ARG C 39 18.54 -19.16 42.30
CA ARG C 39 17.17 -18.65 42.48
C ARG C 39 16.09 -19.60 41.94
N ASP C 40 16.48 -20.84 41.59
CA ASP C 40 15.54 -21.86 41.10
C ASP C 40 14.66 -21.33 39.96
N SER C 41 15.34 -20.77 38.96
CA SER C 41 14.71 -20.14 37.80
C SER C 41 15.71 -20.01 36.64
N PHE C 42 15.23 -19.46 35.54
CA PHE C 42 16.10 -19.15 34.43
C PHE C 42 16.57 -17.73 34.58
N LEU C 43 17.67 -17.45 33.89
CA LEU C 43 18.11 -16.10 33.70
C LEU C 43 18.12 -15.80 32.23
N LYS C 44 17.43 -14.75 31.83
CA LYS C 44 17.55 -14.29 30.46
C LYS C 44 18.32 -12.92 30.45
N ASP C 45 19.44 -12.91 29.74
CA ASP C 45 20.35 -11.74 29.74
C ASP C 45 20.66 -11.24 31.16
N GLY C 46 21.07 -12.12 32.05
CA GLY C 46 21.21 -11.77 33.49
C GLY C 46 19.98 -11.44 34.39
N GLN C 47 18.74 -11.49 33.88
CA GLN C 47 17.56 -11.28 34.75
C GLN C 47 16.64 -12.50 34.88
N PRO C 48 15.98 -12.66 36.05
CA PRO C 48 14.99 -13.69 36.27
C PRO C 48 13.97 -13.78 35.15
N PHE C 49 13.77 -14.99 34.62
CA PHE C 49 12.78 -15.20 33.57
C PHE C 49 12.04 -16.50 33.83
N ARG C 50 10.72 -16.49 33.64
CA ARG C 50 10.04 -17.72 33.37
C ARG C 50 9.10 -17.65 32.17
N TYR C 51 8.92 -18.79 31.54
CA TYR C 51 8.19 -18.80 30.31
C TYR C 51 6.82 -19.38 30.54
N ILE C 52 5.91 -18.85 29.71
CA ILE C 52 4.54 -19.30 29.61
C ILE C 52 4.36 -19.54 28.11
N SER C 53 4.38 -20.81 27.75
CA SER C 53 4.44 -21.19 26.38
C SER C 53 3.20 -21.95 25.97
N GLY C 54 2.97 -22.04 24.67
CA GLY C 54 1.91 -22.94 24.16
C GLY C 54 2.44 -23.72 22.98
N SER C 55 1.98 -24.95 22.82
CA SER C 55 2.43 -25.83 21.72
C SER C 55 1.67 -25.55 20.40
N ILE C 56 2.42 -25.43 19.31
CA ILE C 56 1.86 -25.31 17.96
C ILE C 56 2.79 -26.06 17.07
N HIS C 57 2.26 -26.89 16.20
CA HIS C 57 3.05 -27.71 15.34
C HIS C 57 2.92 -27.20 13.91
N TYR C 58 4.04 -26.66 13.37
CA TYR C 58 4.03 -26.03 12.06
C TYR C 58 3.68 -27.04 11.00
N SER C 59 3.96 -28.33 11.25
CA SER C 59 3.60 -29.47 10.38
C SER C 59 2.11 -29.74 10.30
N ARG C 60 1.34 -29.04 11.12
CA ARG C 60 -0.10 -29.30 11.33
C ARG C 60 -1.01 -28.15 10.95
N VAL C 61 -0.39 -27.00 10.58
CA VAL C 61 -1.06 -25.76 10.20
C VAL C 61 -0.46 -25.37 8.88
N PRO C 62 -1.28 -25.06 7.86
CA PRO C 62 -0.65 -24.57 6.64
C PRO C 62 0.07 -23.22 6.86
N ARG C 63 1.18 -23.00 6.18
CA ARG C 63 2.00 -21.84 6.34
C ARG C 63 1.21 -20.58 6.06
N PHE C 64 0.22 -20.68 5.19
CA PHE C 64 -0.70 -19.57 4.91
C PHE C 64 -1.24 -18.97 6.20
N TYR C 65 -1.46 -19.80 7.21
CA TYR C 65 -2.04 -19.40 8.46
C TYR C 65 -1.04 -19.37 9.59
N TRP C 66 0.26 -19.56 9.34
CA TRP C 66 1.17 -19.62 10.51
C TRP C 66 1.12 -18.30 11.27
N LYS C 67 1.07 -17.18 10.55
CA LYS C 67 1.16 -15.88 11.23
C LYS C 67 -0.10 -15.63 11.98
N ASP C 68 -1.23 -15.98 11.40
CA ASP C 68 -2.47 -15.87 12.17
C ASP C 68 -2.46 -16.66 13.53
N ARG C 69 -1.93 -17.87 13.58
CA ARG C 69 -2.01 -18.63 14.85
C ARG C 69 -1.03 -18.06 15.89
N LEU C 70 0.19 -17.80 15.40
CA LEU C 70 1.22 -17.26 16.27
C LEU C 70 0.80 -15.98 16.89
N LEU C 71 0.14 -15.12 16.10
CA LEU C 71 -0.27 -13.82 16.61
C LEU C 71 -1.43 -13.93 17.58
N LYS C 72 -2.40 -14.78 17.30
CA LYS C 72 -3.38 -15.05 18.35
C LYS C 72 -2.68 -15.56 19.65
N MET C 73 -1.60 -16.33 19.50
CA MET C 73 -0.91 -16.92 20.69
C MET C 73 -0.29 -15.85 21.52
N LYS C 74 0.32 -14.89 20.82
CA LYS C 74 0.90 -13.76 21.48
C LYS C 74 -0.17 -12.92 22.21
N MET C 75 -1.34 -12.77 21.57
CA MET C 75 -2.39 -11.94 22.14
C MET C 75 -2.95 -12.58 23.38
N ALA C 76 -2.75 -13.87 23.54
CA ALA C 76 -3.19 -14.55 24.76
C ALA C 76 -2.25 -14.23 25.97
N GLY C 77 -1.06 -13.67 25.71
CA GLY C 77 -0.05 -13.46 26.75
C GLY C 77 1.10 -14.43 26.85
N LEU C 78 1.14 -15.44 25.99
CA LEU C 78 2.29 -16.34 25.85
C LEU C 78 3.57 -15.53 25.50
N ASN C 79 4.70 -15.87 26.12
CA ASN C 79 5.94 -15.23 25.85
C ASN C 79 6.82 -16.15 25.06
N ALA C 80 6.30 -17.34 24.77
CA ALA C 80 7.07 -18.32 23.98
C ALA C 80 6.18 -19.41 23.41
N ILE C 81 6.66 -20.09 22.38
CA ILE C 81 5.94 -21.20 21.83
C ILE C 81 6.86 -22.40 21.87
N GLN C 82 6.22 -23.59 21.84
CA GLN C 82 6.87 -24.90 21.78
C GLN C 82 6.41 -25.66 20.57
N THR C 83 7.34 -26.33 19.90
CA THR C 83 7.07 -27.12 18.72
C THR C 83 7.98 -28.32 18.52
N TYR C 84 7.51 -29.24 17.68
CA TYR C 84 8.19 -30.48 17.36
C TYR C 84 8.72 -30.42 15.90
N VAL C 85 9.90 -30.96 15.67
CA VAL C 85 10.40 -31.17 14.34
C VAL C 85 10.30 -32.61 13.97
N PRO C 86 9.40 -32.97 13.03
CA PRO C 86 9.17 -34.40 12.77
C PRO C 86 10.06 -34.86 11.65
N TRP C 87 10.91 -35.85 11.93
CA TRP C 87 12.05 -36.15 11.03
C TRP C 87 11.48 -36.61 9.69
N ASN C 88 10.43 -37.40 9.73
CA ASN C 88 9.83 -37.94 8.52
C ASN C 88 9.11 -36.89 7.67
N PHE C 89 8.75 -35.76 8.24
CA PHE C 89 8.22 -34.61 7.47
C PHE C 89 9.31 -33.90 6.67
N HIS C 90 10.58 -34.07 7.05
CA HIS C 90 11.70 -33.40 6.38
C HIS C 90 12.63 -34.33 5.61
N GLU C 91 12.66 -35.61 5.90
CA GLU C 91 13.58 -36.52 5.18
C GLU C 91 12.78 -37.74 4.83
N PRO C 92 11.90 -37.61 3.80
CA PRO C 92 11.03 -38.68 3.27
C PRO C 92 11.74 -39.96 2.73
N TRP C 93 12.96 -39.79 2.22
CA TRP C 93 13.85 -40.81 1.74
C TRP C 93 15.25 -40.33 2.11
N PRO C 94 16.15 -41.27 2.47
CA PRO C 94 17.55 -40.91 2.78
C PRO C 94 18.22 -39.92 1.77
N GLY C 95 18.68 -38.77 2.26
CA GLY C 95 19.34 -37.75 1.45
C GLY C 95 18.40 -36.82 0.67
N GLN C 96 17.10 -36.99 0.83
CA GLN C 96 16.09 -36.16 0.18
C GLN C 96 15.34 -35.24 1.19
N TYR C 97 15.68 -33.96 1.17
CA TYR C 97 15.19 -33.04 2.18
C TYR C 97 14.07 -32.10 1.67
N GLN C 98 13.27 -31.64 2.62
CA GLN C 98 12.14 -30.74 2.35
C GLN C 98 12.14 -29.70 3.42
N PHE C 99 12.63 -28.52 3.05
CA PHE C 99 12.64 -27.41 3.92
C PHE C 99 11.94 -26.22 3.29
N SER C 100 11.11 -26.43 2.28
CA SER C 100 10.39 -25.31 1.57
C SER C 100 8.89 -25.19 1.85
N GLU C 101 8.39 -23.96 1.79
CA GLU C 101 6.97 -23.74 1.83
C GLU C 101 6.46 -24.30 3.14
N ASP C 102 5.46 -25.19 3.12
CA ASP C 102 4.90 -25.74 4.32
C ASP C 102 5.89 -26.56 5.20
N HIS C 103 7.04 -26.94 4.65
CA HIS C 103 8.11 -27.62 5.40
C HIS C 103 9.25 -26.62 5.83
N ASP C 104 9.02 -25.31 5.70
CA ASP C 104 10.09 -24.33 6.03
C ASP C 104 10.11 -23.98 7.50
N VAL C 105 10.64 -24.89 8.29
CA VAL C 105 10.79 -24.71 9.74
C VAL C 105 11.70 -23.57 10.10
N GLU C 106 12.76 -23.31 9.37
CA GLU C 106 13.58 -22.12 9.68
C GLU C 106 12.77 -20.81 9.62
N TYR C 107 11.93 -20.66 8.57
CA TYR C 107 11.09 -19.50 8.44
C TYR C 107 10.03 -19.43 9.53
N PHE C 108 9.53 -20.56 9.95
CA PHE C 108 8.57 -20.55 11.03
C PHE C 108 9.15 -19.99 12.32
N LEU C 109 10.31 -20.51 12.71
CA LEU C 109 10.98 -19.99 13.87
C LEU C 109 11.34 -18.48 13.69
N ARG C 110 11.70 -18.02 12.50
CA ARG C 110 12.03 -16.54 12.30
C ARG C 110 10.78 -15.74 12.45
N LEU C 111 9.70 -16.32 11.93
CA LEU C 111 8.38 -15.66 12.06
C LEU C 111 7.97 -15.49 13.55
N ALA C 112 8.17 -16.55 14.30
CA ALA C 112 7.82 -16.53 15.73
C ALA C 112 8.64 -15.46 16.41
N HIS C 113 9.89 -15.41 15.99
CA HIS C 113 10.83 -14.42 16.49
C HIS C 113 10.51 -12.94 16.14
N GLU C 114 10.09 -12.69 14.88
CA GLU C 114 9.64 -11.37 14.48
C GLU C 114 8.44 -10.88 15.32
N LEU C 115 7.53 -11.80 15.74
CA LEU C 115 6.44 -11.47 16.65
C LEU C 115 6.82 -11.36 18.12
N GLY C 116 8.10 -11.50 18.46
CA GLY C 116 8.53 -11.31 19.87
C GLY C 116 8.23 -12.54 20.72
N LEU C 117 8.20 -13.70 20.08
CA LEU C 117 8.02 -14.96 20.77
C LEU C 117 9.33 -15.70 20.82
N LEU C 118 9.61 -16.32 21.97
CA LEU C 118 10.74 -17.21 22.12
C LEU C 118 10.28 -18.64 21.80
N VAL C 119 11.21 -19.53 21.55
CA VAL C 119 10.93 -20.89 21.09
C VAL C 119 11.61 -21.94 22.01
N ILE C 120 10.83 -22.92 22.39
CA ILE C 120 11.34 -24.11 23.01
C ILE C 120 11.28 -25.15 21.92
N LEU C 121 12.45 -25.57 21.46
CA LEU C 121 12.53 -26.51 20.36
C LEU C 121 12.68 -27.95 20.78
N ARG C 122 11.91 -28.81 20.12
CA ARG C 122 11.82 -30.23 20.45
C ARG C 122 12.03 -31.09 19.19
N PRO C 123 13.30 -31.35 18.86
CA PRO C 123 13.71 -32.00 17.64
C PRO C 123 13.83 -33.56 17.66
N GLY C 124 13.41 -34.19 18.73
CA GLY C 124 13.47 -35.63 18.80
C GLY C 124 14.89 -36.13 18.99
N PRO C 125 15.27 -37.16 18.22
CA PRO C 125 14.67 -37.53 16.94
C PRO C 125 13.38 -38.30 16.95
N TYR C 126 12.97 -38.78 18.10
CA TYR C 126 11.59 -39.32 18.27
C TYR C 126 10.76 -38.24 18.99
N ILE C 127 9.52 -38.01 18.54
CA ILE C 127 8.66 -36.93 19.11
C ILE C 127 7.30 -37.38 19.68
N CYS C 128 6.88 -38.59 19.33
CA CYS C 128 5.59 -39.18 19.73
C CYS C 128 4.45 -38.42 19.03
N ALA C 129 3.79 -37.49 19.75
CA ALA C 129 3.00 -36.42 19.14
C ALA C 129 1.81 -36.87 18.28
N GLU C 130 1.36 -38.13 18.43
CA GLU C 130 0.23 -38.63 17.68
C GLU C 130 0.45 -38.46 16.17
N TRP C 131 1.72 -38.60 15.77
CA TRP C 131 2.22 -38.38 14.39
C TRP C 131 2.81 -39.68 13.87
N GLU C 132 2.55 -40.06 12.61
CA GLU C 132 3.15 -41.29 11.98
C GLU C 132 4.51 -41.71 12.56
N MET C 133 4.56 -42.87 13.16
CA MET C 133 5.81 -43.47 13.72
C MET C 133 6.58 -42.57 14.71
N GLY C 134 5.86 -41.73 15.42
CA GLY C 134 6.48 -40.88 16.37
C GLY C 134 7.47 -39.93 15.72
N GLY C 135 7.27 -39.62 14.45
CA GLY C 135 8.23 -38.78 13.70
C GLY C 135 9.37 -39.52 13.02
N LEU C 136 9.50 -40.84 13.25
CA LEU C 136 10.68 -41.59 12.75
C LEU C 136 10.39 -41.98 11.31
N PRO C 137 11.35 -41.88 10.42
CA PRO C 137 11.12 -42.26 9.02
C PRO C 137 11.01 -43.75 8.81
N ALA C 138 9.94 -44.19 8.15
CA ALA C 138 9.70 -45.61 7.93
C ALA C 138 10.83 -46.33 7.20
N TRP C 139 11.64 -45.60 6.45
CA TRP C 139 12.76 -46.20 5.82
C TRP C 139 13.80 -46.72 6.78
N LEU C 140 13.74 -46.39 8.07
CA LEU C 140 14.70 -47.02 8.98
C LEU C 140 14.41 -48.52 9.02
N LEU C 141 13.18 -48.91 8.71
CA LEU C 141 12.75 -50.29 8.83
C LEU C 141 13.20 -51.20 7.65
N GLU C 142 14.00 -50.67 6.73
CA GLU C 142 14.68 -51.53 5.73
C GLU C 142 15.66 -52.40 6.48
N LYS C 143 16.15 -51.97 7.64
CA LYS C 143 16.75 -52.94 8.58
C LYS C 143 15.61 -53.55 9.43
N GLU C 144 15.21 -54.76 9.03
CA GLU C 144 14.08 -55.38 9.64
C GLU C 144 14.20 -55.51 11.19
N SER C 145 15.42 -55.76 11.68
CA SER C 145 15.71 -56.02 13.10
C SER C 145 16.15 -54.77 13.89
N ILE C 146 16.02 -53.61 13.27
CA ILE C 146 16.45 -52.37 13.93
C ILE C 146 15.72 -52.20 15.25
N LEU C 147 16.47 -51.91 16.30
CA LEU C 147 15.92 -51.45 17.59
C LEU C 147 15.87 -49.89 17.60
N LEU C 148 14.70 -49.36 17.36
CA LEU C 148 14.57 -47.92 17.32
C LEU C 148 14.79 -47.36 18.74
N ARG C 149 15.26 -46.11 18.79
CA ARG C 149 15.46 -45.39 20.05
C ARG C 149 16.42 -46.15 21.00
N SER C 150 17.59 -46.48 20.49
CA SER C 150 18.64 -47.15 21.26
C SER C 150 19.98 -46.90 20.58
N SER C 151 21.00 -47.55 21.12
CA SER C 151 22.37 -47.45 20.62
C SER C 151 22.65 -48.42 19.46
N ASP C 152 21.58 -49.09 18.97
CA ASP C 152 21.64 -49.84 17.71
C ASP C 152 22.45 -48.99 16.70
N PRO C 153 23.59 -49.50 16.21
CA PRO C 153 24.50 -48.68 15.45
C PRO C 153 23.97 -48.17 14.10
N ASP C 154 23.03 -48.91 13.49
CA ASP C 154 22.41 -48.43 12.25
C ASP C 154 21.43 -47.28 12.55
N TYR C 155 20.68 -47.40 13.64
CA TYR C 155 19.84 -46.29 14.12
C TYR C 155 20.67 -45.04 14.35
N LEU C 156 21.74 -45.15 15.13
CA LEU C 156 22.51 -43.99 15.49
C LEU C 156 23.12 -43.35 14.27
N ALA C 157 23.57 -44.15 13.31
CA ALA C 157 24.19 -43.66 12.09
C ALA C 157 23.24 -42.75 11.30
N ALA C 158 21.99 -43.19 11.15
CA ALA C 158 20.95 -42.41 10.52
C ALA C 158 20.65 -41.11 11.31
N VAL C 159 20.59 -41.25 12.62
CA VAL C 159 20.28 -40.13 13.48
C VAL C 159 21.39 -39.12 13.35
N ASP C 160 22.62 -39.57 13.44
CA ASP C 160 23.75 -38.67 13.27
C ASP C 160 23.78 -37.89 11.92
N LYS C 161 23.48 -38.52 10.79
CA LYS C 161 23.32 -37.81 9.51
C LYS C 161 22.23 -36.73 9.57
N TRP C 162 21.06 -37.12 10.08
CA TRP C 162 19.99 -36.17 10.27
C TRP C 162 20.40 -35.05 11.22
N LEU C 163 21.04 -35.35 12.35
CA LEU C 163 21.43 -34.24 13.22
C LEU C 163 22.48 -33.32 12.54
N GLY C 164 23.23 -33.85 11.57
CA GLY C 164 24.19 -33.05 10.84
C GLY C 164 23.56 -32.14 9.78
N VAL C 165 22.28 -32.34 9.49
CA VAL C 165 21.57 -31.46 8.59
C VAL C 165 20.65 -30.49 9.32
N LEU C 166 19.92 -30.98 10.33
CA LEU C 166 19.02 -30.13 11.11
C LEU C 166 19.69 -29.19 12.03
N LEU C 167 20.54 -29.70 12.89
CA LEU C 167 21.11 -28.82 13.94
C LEU C 167 21.95 -27.63 13.46
N PRO C 168 22.73 -27.78 12.39
CA PRO C 168 23.43 -26.57 11.93
C PRO C 168 22.47 -25.51 11.34
N LYS C 169 21.29 -25.92 10.87
CA LYS C 169 20.20 -24.99 10.63
C LYS C 169 19.65 -24.35 11.90
N MET C 170 19.58 -25.09 13.01
CA MET C 170 19.04 -24.52 14.23
C MET C 170 20.04 -23.59 14.95
N LYS C 171 21.34 -23.73 14.65
CA LYS C 171 22.37 -22.99 15.38
C LYS C 171 22.19 -21.51 15.31
N PRO C 172 22.17 -20.94 14.09
CA PRO C 172 21.94 -19.49 14.00
C PRO C 172 20.71 -18.97 14.74
N LEU C 173 19.73 -19.83 14.96
CA LEU C 173 18.46 -19.50 15.67
C LEU C 173 18.45 -19.69 17.21
N LEU C 174 19.52 -20.19 17.79
CA LEU C 174 19.68 -20.10 19.23
C LEU C 174 19.66 -18.62 19.76
N TYR C 175 19.04 -18.45 20.93
CA TYR C 175 19.03 -17.19 21.64
C TYR C 175 20.42 -16.53 21.60
N GLN C 176 21.47 -17.30 21.91
CA GLN C 176 22.76 -16.67 22.17
C GLN C 176 23.35 -16.11 20.87
N ASN C 177 22.81 -16.54 19.74
CA ASN C 177 23.27 -16.16 18.40
C ASN C 177 22.26 -15.29 17.72
N GLY C 178 21.33 -14.74 18.46
CA GLY C 178 20.39 -13.82 17.89
C GLY C 178 19.01 -14.32 17.49
N GLY C 179 18.70 -15.59 17.72
CA GLY C 179 17.38 -16.17 17.34
C GLY C 179 16.41 -16.28 18.50
N PRO C 180 15.29 -16.99 18.28
CA PRO C 180 14.31 -17.25 19.30
C PRO C 180 14.59 -18.40 20.27
N VAL C 181 15.46 -19.33 19.88
CA VAL C 181 15.49 -20.60 20.58
C VAL C 181 16.24 -20.58 21.96
N ILE C 182 15.50 -20.87 23.03
CA ILE C 182 16.04 -20.78 24.39
C ILE C 182 16.45 -22.14 25.05
N THR C 183 15.72 -23.21 24.70
CA THR C 183 15.94 -24.50 25.28
C THR C 183 15.64 -25.50 24.21
N VAL C 184 16.35 -26.64 24.27
CA VAL C 184 16.11 -27.76 23.38
C VAL C 184 15.86 -29.06 24.13
N GLN C 185 14.79 -29.75 23.78
CA GLN C 185 14.53 -31.10 24.32
C GLN C 185 15.26 -32.18 23.51
N VAL C 186 15.99 -33.01 24.24
CA VAL C 186 16.63 -34.24 23.74
C VAL C 186 15.70 -35.46 23.94
N GLU C 187 15.42 -36.15 22.84
CA GLU C 187 14.43 -37.26 22.83
C GLU C 187 13.08 -36.79 23.40
N ASN C 188 12.19 -37.73 23.69
CA ASN C 188 10.86 -37.40 24.20
C ASN C 188 10.33 -38.55 25.05
N GLU C 189 10.17 -38.30 26.34
CA GLU C 189 9.71 -39.34 27.27
C GLU C 189 10.44 -40.71 27.15
N TYR C 190 11.77 -40.66 27.07
CA TYR C 190 12.53 -41.93 26.89
C TYR C 190 12.21 -42.93 28.04
N GLY C 191 11.87 -42.39 29.21
CA GLY C 191 11.57 -43.11 30.41
C GLY C 191 10.32 -43.97 30.32
N SER C 192 9.60 -43.86 29.21
CA SER C 192 8.42 -44.67 29.04
C SER C 192 8.71 -45.79 28.06
N TYR C 193 9.86 -45.81 27.42
CA TYR C 193 10.19 -46.86 26.45
C TYR C 193 10.93 -47.99 27.15
N PHE C 194 10.73 -49.22 26.67
CA PHE C 194 11.29 -50.42 27.36
C PHE C 194 12.81 -50.49 27.39
N ALA C 195 13.48 -49.88 26.42
CA ALA C 195 14.88 -50.17 26.19
C ALA C 195 15.85 -49.64 27.23
N CYS C 196 15.65 -48.43 27.74
CA CYS C 196 16.44 -47.94 28.87
C CYS C 196 17.97 -47.98 28.55
N ASP C 197 18.33 -47.56 27.35
CA ASP C 197 19.73 -47.44 26.89
C ASP C 197 20.33 -46.03 27.17
N PHE C 198 21.05 -45.87 28.26
CA PHE C 198 21.63 -44.58 28.59
C PHE C 198 22.77 -44.18 27.65
N ASP C 199 23.43 -45.15 27.04
CA ASP C 199 24.42 -44.83 26.00
C ASP C 199 23.81 -44.02 24.87
N TYR C 200 22.58 -44.35 24.47
CA TYR C 200 21.83 -43.61 23.44
C TYR C 200 21.68 -42.15 23.81
N LEU C 201 21.12 -41.94 25.01
CA LEU C 201 20.98 -40.55 25.54
C LEU C 201 22.28 -39.79 25.63
N ARG C 202 23.33 -40.44 26.10
CA ARG C 202 24.64 -39.75 26.12
C ARG C 202 25.14 -39.42 24.71
N PHE C 203 24.81 -40.27 23.74
CA PHE C 203 25.21 -39.99 22.35
C PHE C 203 24.41 -38.77 21.82
N LEU C 204 23.11 -38.76 22.04
CA LEU C 204 22.36 -37.56 21.66
C LEU C 204 22.96 -36.29 22.30
N GLN C 205 23.32 -36.38 23.57
CA GLN C 205 23.79 -35.25 24.35
C GLN C 205 25.11 -34.73 23.77
N LYS C 206 25.97 -35.65 23.37
CA LYS C 206 27.27 -35.30 22.87
C LYS C 206 27.10 -34.72 21.44
N ARG C 207 26.16 -35.24 20.66
CA ARG C 207 25.94 -34.69 19.31
C ARG C 207 25.21 -33.33 19.26
N PHE C 208 24.30 -33.08 20.20
CA PHE C 208 23.68 -31.76 20.27
C PHE C 208 24.73 -30.70 20.63
N ARG C 209 25.59 -31.07 21.57
CA ARG C 209 26.64 -30.21 22.08
C ARG C 209 27.59 -29.93 20.95
N HIS C 210 28.00 -30.94 20.20
CA HIS C 210 28.89 -30.70 19.10
C HIS C 210 28.32 -29.66 18.12
N HIS C 211 27.02 -29.74 17.83
CA HIS C 211 26.49 -28.87 16.75
C HIS C 211 26.04 -27.54 17.27
N LEU C 212 25.60 -27.52 18.54
CA LEU C 212 24.93 -26.33 19.08
C LEU C 212 25.78 -25.55 20.10
N GLY C 213 26.85 -26.14 20.62
CA GLY C 213 27.69 -25.46 21.61
C GLY C 213 27.33 -25.84 23.05
N ASP C 214 28.04 -25.25 23.99
CA ASP C 214 28.00 -25.71 25.38
C ASP C 214 27.08 -24.89 26.27
N ASP C 215 26.52 -23.82 25.74
CA ASP C 215 25.70 -22.99 26.58
C ASP C 215 24.23 -23.28 26.46
N VAL C 216 23.79 -23.76 25.32
CA VAL C 216 22.37 -24.05 25.15
C VAL C 216 21.84 -24.99 26.23
N VAL C 217 20.75 -24.59 26.83
CA VAL C 217 20.05 -25.41 27.80
C VAL C 217 19.41 -26.64 27.13
N LEU C 218 19.83 -27.85 27.55
CA LEU C 218 19.28 -29.10 27.01
C LEU C 218 18.51 -29.76 28.13
N PHE C 219 17.38 -30.34 27.78
CA PHE C 219 16.55 -30.94 28.79
C PHE C 219 15.80 -32.16 28.27
N THR C 220 15.23 -32.88 29.24
CA THR C 220 14.36 -33.99 29.01
C THR C 220 13.00 -33.70 29.60
N THR C 221 12.05 -34.47 29.09
CA THR C 221 10.71 -34.43 29.59
C THR C 221 10.30 -35.84 29.85
N ASP C 222 9.70 -36.12 31.01
CA ASP C 222 9.08 -37.43 31.31
C ASP C 222 7.87 -37.30 32.22
N GLY C 223 7.09 -38.36 32.35
CA GLY C 223 5.90 -38.39 33.20
C GLY C 223 6.32 -38.15 34.64
N ALA C 224 5.43 -37.55 35.42
CA ALA C 224 5.83 -36.99 36.73
C ALA C 224 5.83 -38.05 37.83
N HIS C 225 6.65 -39.06 37.66
CA HIS C 225 6.75 -40.13 38.63
C HIS C 225 8.14 -40.73 38.55
N LYS C 226 8.62 -41.26 39.68
CA LYS C 226 9.95 -41.88 39.69
C LYS C 226 10.10 -43.05 38.69
N THR C 227 9.08 -43.90 38.52
CA THR C 227 9.16 -44.97 37.50
C THR C 227 9.39 -44.46 36.09
N PHE C 228 8.84 -43.27 35.76
CA PHE C 228 9.05 -42.70 34.42
C PHE C 228 10.39 -42.01 34.37
N LEU C 229 10.78 -41.40 35.47
CA LEU C 229 12.05 -40.70 35.54
C LEU C 229 13.30 -41.55 35.70
N LYS C 230 13.16 -42.80 36.12
CA LYS C 230 14.33 -43.68 36.33
C LYS C 230 15.17 -43.91 35.04
N CYS C 231 14.52 -44.03 33.88
CA CYS C 231 15.24 -44.31 32.63
C CYS C 231 15.32 -43.10 31.71
N GLY C 232 14.64 -42.03 32.07
CA GLY C 232 14.56 -40.83 31.25
C GLY C 232 15.54 -39.73 31.58
N ALA C 233 15.87 -39.59 32.86
CA ALA C 233 16.78 -38.56 33.35
C ALA C 233 18.23 -38.92 33.04
N LEU C 234 19.06 -37.91 32.79
CA LEU C 234 20.49 -38.09 32.53
C LEU C 234 21.32 -36.94 33.09
N GLN C 235 22.48 -37.26 33.68
CA GLN C 235 23.38 -36.22 34.15
C GLN C 235 23.58 -35.31 32.97
N GLY C 236 23.54 -34.00 33.19
CA GLY C 236 23.92 -33.05 32.16
C GLY C 236 22.75 -32.65 31.26
N LEU C 237 21.60 -33.31 31.40
CA LEU C 237 20.34 -32.88 30.82
C LEU C 237 19.35 -32.50 31.91
N TYR C 238 18.92 -31.25 31.95
CA TYR C 238 17.98 -30.81 32.97
C TYR C 238 16.66 -31.56 32.93
N THR C 239 16.21 -32.07 34.07
CA THR C 239 14.99 -32.88 34.11
C THR C 239 13.67 -32.09 34.38
N THR C 240 12.68 -32.32 33.49
CA THR C 240 11.37 -31.69 33.56
C THR C 240 10.35 -32.79 33.45
N VAL C 241 9.11 -32.46 33.79
CA VAL C 241 8.08 -33.47 33.82
C VAL C 241 6.91 -32.98 33.02
N ASP C 242 5.95 -33.84 32.76
CA ASP C 242 4.69 -33.43 32.21
C ASP C 242 3.52 -34.03 33.00
N PHE C 243 2.43 -33.27 33.01
CA PHE C 243 1.19 -33.66 33.67
C PHE C 243 0.00 -32.74 33.32
N GLY C 244 -1.19 -33.29 33.51
CA GLY C 244 -2.42 -32.67 33.15
C GLY C 244 -3.23 -32.40 34.38
N THR C 245 -4.52 -32.14 34.17
CA THR C 245 -5.37 -31.55 35.19
C THR C 245 -5.88 -32.58 36.22
N GLY C 246 -5.72 -33.87 35.96
CA GLY C 246 -6.14 -34.87 36.94
C GLY C 246 -5.08 -35.10 38.04
N SER C 247 -3.86 -34.60 37.82
CA SER C 247 -2.76 -34.90 38.73
C SER C 247 -2.60 -33.92 39.90
N ASN C 248 -2.08 -34.44 41.01
CA ASN C 248 -1.64 -33.57 42.11
C ASN C 248 -0.41 -32.82 41.70
N ILE C 249 -0.53 -31.51 41.71
CA ILE C 249 0.56 -30.61 41.25
C ILE C 249 1.78 -30.70 42.18
N THR C 250 1.54 -30.65 43.49
CA THR C 250 2.63 -30.71 44.45
C THR C 250 3.45 -31.97 44.29
N ASP C 251 2.75 -33.08 44.17
CA ASP C 251 3.40 -34.39 44.03
C ASP C 251 4.16 -34.49 42.72
N ALA C 252 3.57 -33.96 41.64
CA ALA C 252 4.22 -33.93 40.36
C ALA C 252 5.55 -33.18 40.42
N PHE C 253 5.57 -32.03 41.05
CA PHE C 253 6.84 -31.28 41.16
C PHE C 253 7.79 -31.84 42.22
N LEU C 254 7.26 -32.48 43.26
CA LEU C 254 8.19 -33.21 44.19
C LEU C 254 9.00 -34.23 43.39
N SER C 255 8.37 -34.93 42.45
CA SER C 255 9.10 -35.89 41.62
C SER C 255 10.18 -35.24 40.73
N GLN C 256 9.91 -34.06 40.19
CA GLN C 256 10.96 -33.29 39.47
C GLN C 256 12.13 -32.93 40.41
N ARG C 257 11.80 -32.49 41.63
CA ARG C 257 12.82 -32.02 42.60
C ARG C 257 13.77 -33.11 43.12
N LYS C 258 13.29 -34.33 43.24
CA LYS C 258 14.15 -35.48 43.51
C LYS C 258 15.26 -35.70 42.43
N CYS C 259 14.98 -35.31 41.19
CA CYS C 259 15.97 -35.43 40.09
C CYS C 259 16.75 -34.16 39.93
N GLU C 260 16.17 -33.04 40.31
CA GLU C 260 16.78 -31.74 40.17
C GLU C 260 16.37 -30.89 41.35
N PRO C 261 17.08 -31.04 42.48
CA PRO C 261 16.86 -30.29 43.70
C PRO C 261 16.96 -28.77 43.54
N LYS C 262 17.68 -28.28 42.53
CA LYS C 262 17.77 -26.81 42.28
C LYS C 262 17.51 -26.49 40.79
N GLY C 263 17.23 -25.23 40.47
CA GLY C 263 16.80 -24.87 39.13
C GLY C 263 15.30 -24.72 39.02
N PRO C 264 14.81 -24.35 37.84
CA PRO C 264 13.37 -24.06 37.71
C PRO C 264 12.43 -25.29 37.76
N LEU C 265 11.26 -25.11 38.33
CA LEU C 265 10.16 -26.04 38.10
C LEU C 265 9.62 -25.85 36.69
N ILE C 266 9.36 -26.94 35.99
CA ILE C 266 8.87 -26.91 34.62
C ILE C 266 7.95 -28.07 34.36
N ASN C 267 6.79 -27.75 33.81
CA ASN C 267 5.86 -28.71 33.24
C ASN C 267 5.86 -28.48 31.72
N SER C 268 6.49 -29.39 30.98
CA SER C 268 6.72 -29.15 29.56
C SER C 268 5.49 -29.42 28.67
N GLU C 269 4.52 -30.16 29.21
CA GLU C 269 3.29 -30.45 28.50
C GLU C 269 2.13 -30.46 29.50
N PHE C 270 1.54 -29.30 29.76
CA PHE C 270 0.38 -29.22 30.58
C PHE C 270 -0.86 -29.37 29.67
N TYR C 271 -1.58 -30.51 29.81
CA TYR C 271 -2.58 -30.89 28.81
C TYR C 271 -3.81 -30.03 28.88
N THR C 272 -4.07 -29.29 27.81
CA THR C 272 -5.30 -28.47 27.70
C THR C 272 -6.49 -29.27 27.26
N GLY C 273 -6.24 -30.45 26.71
CA GLY C 273 -7.29 -31.38 26.28
C GLY C 273 -6.64 -32.76 26.14
N TRP C 274 -7.11 -33.60 25.24
CA TRP C 274 -6.47 -34.89 25.02
C TRP C 274 -6.76 -35.38 23.62
N LEU C 275 -5.96 -36.34 23.17
CA LEU C 275 -6.15 -36.99 21.91
C LEU C 275 -7.43 -37.84 21.75
N ASP C 276 -7.68 -38.19 20.49
CA ASP C 276 -8.85 -38.94 20.07
C ASP C 276 -8.39 -40.19 19.32
N HIS C 277 -9.33 -41.15 19.23
CA HIS C 277 -9.17 -42.34 18.33
C HIS C 277 -10.45 -42.52 17.55
N TRP C 278 -10.34 -43.01 16.32
CA TRP C 278 -11.50 -43.31 15.53
C TRP C 278 -12.27 -44.33 16.35
N GLY C 279 -13.58 -44.23 16.37
CA GLY C 279 -14.40 -45.17 17.13
C GLY C 279 -14.59 -44.85 18.62
N GLN C 280 -13.96 -43.79 19.13
CA GLN C 280 -14.07 -43.46 20.57
C GLN C 280 -14.63 -42.06 20.67
N PRO C 281 -15.36 -41.72 21.78
CA PRO C 281 -15.86 -40.35 22.06
C PRO C 281 -14.78 -39.29 21.96
N HIS C 282 -15.10 -38.16 21.34
CA HIS C 282 -14.19 -37.04 21.30
C HIS C 282 -13.83 -36.65 22.74
N SER C 283 -12.55 -36.57 23.00
CA SER C 283 -12.03 -36.11 24.27
C SER C 283 -12.20 -34.59 24.51
N THR C 284 -12.68 -34.23 25.72
CA THR C 284 -12.78 -32.86 26.17
C THR C 284 -12.25 -32.70 27.60
N ILE C 285 -11.57 -31.57 27.84
CA ILE C 285 -11.24 -31.12 29.21
C ILE C 285 -11.94 -29.77 29.46
N LYS C 286 -12.59 -29.68 30.60
CA LYS C 286 -13.35 -28.50 30.90
C LYS C 286 -12.45 -27.32 31.12
N THR C 287 -12.92 -26.16 30.68
CA THR C 287 -12.15 -24.92 30.77
C THR C 287 -11.76 -24.56 32.20
N GLU C 288 -12.68 -24.69 33.10
CA GLU C 288 -12.45 -24.46 34.53
C GLU C 288 -11.22 -25.27 35.04
N ALA C 289 -11.16 -26.56 34.73
CA ALA C 289 -10.08 -27.43 35.20
C ALA C 289 -8.73 -26.97 34.67
N VAL C 290 -8.70 -26.57 33.40
CA VAL C 290 -7.45 -26.10 32.80
C VAL C 290 -7.02 -24.80 33.44
N ALA C 291 -7.95 -23.86 33.57
CA ALA C 291 -7.68 -22.55 34.21
C ALA C 291 -7.18 -22.64 35.66
N SER C 292 -7.83 -23.45 36.50
CA SER C 292 -7.33 -23.63 37.91
C SER C 292 -5.95 -24.11 37.93
N SER C 293 -5.70 -25.19 37.17
CA SER C 293 -4.42 -25.83 37.33
C SER C 293 -3.37 -24.87 36.82
N LEU C 294 -3.67 -24.16 35.71
CA LEU C 294 -2.71 -23.18 35.14
C LEU C 294 -2.37 -22.11 36.14
N TYR C 295 -3.41 -21.53 36.77
CA TYR C 295 -3.19 -20.56 37.85
C TYR C 295 -2.22 -21.09 38.93
N ASP C 296 -2.52 -22.30 39.37
CA ASP C 296 -1.72 -22.94 40.37
C ASP C 296 -0.26 -23.12 39.91
N ILE C 297 -0.02 -23.58 38.69
CA ILE C 297 1.36 -23.79 38.21
C ILE C 297 2.09 -22.45 38.21
N LEU C 298 1.50 -21.43 37.60
CA LEU C 298 2.12 -20.10 37.53
C LEU C 298 2.46 -19.49 38.89
N ALA C 299 1.61 -19.74 39.86
CA ALA C 299 1.81 -19.14 41.20
C ALA C 299 3.03 -19.72 41.92
N ARG C 300 3.48 -20.92 41.51
CA ARG C 300 4.66 -21.53 42.11
C ARG C 300 5.94 -21.00 41.45
N GLY C 301 5.79 -20.14 40.44
CA GLY C 301 6.96 -19.64 39.70
C GLY C 301 7.42 -20.62 38.63
N ALA C 302 6.65 -21.68 38.36
CA ALA C 302 7.07 -22.69 37.39
C ALA C 302 6.93 -22.15 36.00
N SER C 303 7.83 -22.57 35.09
CA SER C 303 7.66 -22.38 33.67
C SER C 303 6.77 -23.50 33.17
N VAL C 304 5.95 -23.22 32.15
CA VAL C 304 4.92 -24.18 31.71
C VAL C 304 4.61 -24.02 30.22
N ASN C 305 4.41 -25.16 29.58
CA ASN C 305 3.95 -25.20 28.20
C ASN C 305 2.63 -25.89 28.14
N LEU C 306 1.68 -25.19 27.54
CA LEU C 306 0.36 -25.71 27.26
C LEU C 306 0.34 -26.59 26.03
N TYR C 307 0.11 -27.89 26.23
CA TYR C 307 0.03 -28.86 25.13
C TYR C 307 -1.42 -29.31 24.97
N MET C 308 -2.15 -29.02 23.87
CA MET C 308 -1.75 -28.12 22.78
C MET C 308 -2.35 -26.75 23.00
N PHE C 309 -1.72 -25.71 22.40
CA PHE C 309 -2.41 -24.45 22.29
C PHE C 309 -3.26 -24.34 21.02
N ILE C 310 -2.70 -24.61 19.84
CA ILE C 310 -3.55 -24.98 18.70
C ILE C 310 -3.07 -26.35 18.27
N GLY C 311 -4.01 -27.23 17.91
CA GLY C 311 -3.63 -28.55 17.40
C GLY C 311 -3.58 -28.60 15.89
N GLY C 312 -4.71 -28.26 15.28
CA GLY C 312 -4.83 -28.25 13.82
C GLY C 312 -5.21 -29.62 13.29
N THR C 313 -4.50 -30.01 12.21
CA THR C 313 -4.88 -31.10 11.36
C THR C 313 -3.72 -32.04 10.95
N ASN C 314 -4.02 -33.33 10.93
CA ASN C 314 -3.15 -34.38 10.32
C ASN C 314 -3.66 -34.54 8.89
N PHE C 315 -3.06 -33.78 8.00
CA PHE C 315 -3.36 -33.86 6.60
C PHE C 315 -2.74 -35.14 5.98
N ALA C 316 -3.15 -35.49 4.76
CA ALA C 316 -2.59 -36.66 4.09
C ALA C 316 -2.61 -37.91 4.99
N TYR C 317 -1.46 -38.58 5.19
CA TYR C 317 -1.32 -39.81 6.02
C TYR C 317 -0.49 -39.59 7.29
N TRP C 318 -0.55 -38.39 7.86
CA TRP C 318 0.38 -38.09 8.93
C TRP C 318 -0.04 -38.56 10.31
N ASN C 319 -1.30 -38.95 10.50
CA ASN C 319 -1.77 -39.43 11.81
C ASN C 319 -0.93 -40.60 12.37
N GLY C 320 -1.00 -40.78 13.69
CA GLY C 320 -0.35 -41.89 14.38
C GLY C 320 -1.39 -42.90 14.79
N ALA C 321 -1.06 -43.68 15.80
CA ALA C 321 -1.95 -44.68 16.36
C ALA C 321 -1.38 -45.20 17.68
N ASN C 322 -2.20 -45.92 18.43
CA ASN C 322 -1.77 -46.58 19.65
C ASN C 322 -2.01 -48.07 19.63
N SER C 323 -1.32 -48.77 20.54
CA SER C 323 -1.40 -50.20 20.76
C SER C 323 -2.22 -50.47 22.02
N PRO C 324 -3.04 -51.53 22.04
CA PRO C 324 -3.54 -52.34 20.89
C PRO C 324 -4.12 -51.48 19.77
N TYR C 325 -3.81 -51.80 18.49
CA TYR C 325 -3.95 -50.88 17.35
C TYR C 325 -5.21 -50.05 17.33
N ALA C 326 -5.05 -48.74 17.45
CA ALA C 326 -6.17 -47.80 17.32
C ALA C 326 -5.59 -46.48 16.78
N ALA C 327 -6.08 -46.06 15.62
CA ALA C 327 -5.56 -44.89 14.96
C ALA C 327 -6.22 -43.59 15.45
N GLN C 328 -5.44 -42.53 15.49
CA GLN C 328 -6.00 -41.22 15.70
C GLN C 328 -6.57 -40.69 14.39
N PRO C 329 -7.54 -39.78 14.47
CA PRO C 329 -8.22 -39.22 13.27
C PRO C 329 -7.49 -38.04 12.66
N THR C 330 -8.10 -37.51 11.58
CA THR C 330 -7.54 -36.50 10.77
C THR C 330 -7.44 -35.23 11.56
N SER C 331 -8.53 -34.85 12.22
CA SER C 331 -8.51 -33.70 13.11
C SER C 331 -7.61 -33.89 14.34
N TYR C 332 -6.75 -32.90 14.60
CA TYR C 332 -5.96 -32.84 15.86
C TYR C 332 -6.45 -31.63 16.64
N ASP C 333 -7.75 -31.41 16.65
CA ASP C 333 -8.36 -30.27 17.36
C ASP C 333 -7.90 -30.22 18.83
N TYR C 334 -7.92 -31.40 19.45
CA TYR C 334 -7.49 -31.60 20.81
C TYR C 334 -8.34 -30.97 21.92
N ASP C 335 -9.44 -30.35 21.56
CA ASP C 335 -10.14 -29.47 22.49
C ASP C 335 -9.23 -28.30 22.97
N ALA C 336 -8.31 -27.88 22.11
CA ALA C 336 -7.34 -26.86 22.45
C ALA C 336 -8.00 -25.50 22.50
N PRO C 337 -7.35 -24.54 23.13
CA PRO C 337 -7.79 -23.17 23.19
C PRO C 337 -8.08 -22.55 21.84
N LEU C 338 -7.25 -22.87 20.85
CA LEU C 338 -7.54 -22.48 19.47
C LEU C 338 -8.04 -23.71 18.79
N SER C 339 -9.24 -23.62 18.19
CA SER C 339 -9.90 -24.78 17.57
C SER C 339 -9.06 -25.18 16.34
N GLU C 340 -9.42 -26.30 15.69
CA GLU C 340 -8.70 -26.78 14.50
C GLU C 340 -8.43 -25.70 13.44
N ALA C 341 -9.40 -24.78 13.24
CA ALA C 341 -9.38 -23.82 12.13
C ALA C 341 -8.89 -22.49 12.64
N GLY C 342 -8.47 -22.50 13.89
CA GLY C 342 -7.92 -21.34 14.51
C GLY C 342 -8.88 -20.53 15.32
N ASP C 343 -10.08 -21.04 15.61
CA ASP C 343 -11.06 -20.19 16.23
C ASP C 343 -10.70 -19.86 17.67
N LEU C 344 -11.07 -18.66 18.07
CA LEU C 344 -11.09 -18.24 19.47
C LEU C 344 -12.24 -18.96 20.21
N THR C 345 -11.91 -19.68 21.27
CA THR C 345 -12.92 -20.38 22.05
C THR C 345 -13.02 -19.71 23.41
N GLU C 346 -13.97 -20.17 24.22
CA GLU C 346 -14.08 -19.75 25.60
C GLU C 346 -12.80 -20.13 26.36
N LYS C 347 -12.21 -21.26 25.99
CA LYS C 347 -10.99 -21.71 26.58
C LYS C 347 -9.86 -20.72 26.37
N TYR C 348 -9.81 -20.12 25.18
CA TYR C 348 -8.78 -19.12 24.87
C TYR C 348 -8.97 -17.97 25.82
N PHE C 349 -10.20 -17.48 25.98
CA PHE C 349 -10.33 -16.20 26.70
C PHE C 349 -10.09 -16.45 28.19
N ALA C 350 -10.47 -17.62 28.65
CA ALA C 350 -10.34 -17.90 30.06
C ALA C 350 -8.85 -18.00 30.43
N LEU C 351 -8.05 -18.68 29.60
CA LEU C 351 -6.63 -18.86 29.91
C LEU C 351 -5.89 -17.54 29.79
N ARG C 352 -6.30 -16.73 28.84
CA ARG C 352 -5.68 -15.42 28.65
C ARG C 352 -5.91 -14.58 29.92
N ASN C 353 -7.13 -14.61 30.42
CA ASN C 353 -7.46 -13.95 31.66
C ASN C 353 -6.65 -14.40 32.91
N ILE C 354 -6.30 -15.69 32.96
CA ILE C 354 -5.34 -16.20 33.97
C ILE C 354 -3.95 -15.63 33.72
N ILE C 355 -3.50 -15.62 32.47
CA ILE C 355 -2.15 -15.23 32.21
C ILE C 355 -2.03 -13.73 32.59
N GLN C 356 -3.09 -12.97 32.31
CA GLN C 356 -3.22 -11.57 32.74
C GLN C 356 -2.96 -11.32 34.21
N LYS C 357 -3.31 -12.27 35.06
CA LYS C 357 -3.11 -12.12 36.49
C LYS C 357 -1.64 -12.07 36.88
N PHE C 358 -0.77 -12.43 35.96
CA PHE C 358 0.66 -12.54 36.21
C PHE C 358 1.51 -11.63 35.34
N GLU C 359 1.04 -11.35 34.14
CA GLU C 359 1.83 -10.60 33.18
C GLU C 359 0.91 -9.76 32.36
N LYS C 360 1.41 -8.59 31.96
CA LYS C 360 0.68 -7.77 31.00
C LYS C 360 0.62 -8.53 29.70
N VAL C 361 -0.52 -8.34 29.05
CA VAL C 361 -0.91 -9.02 27.85
C VAL C 361 -0.98 -7.94 26.77
N PRO C 362 -0.59 -8.23 25.54
CA PRO C 362 -0.60 -7.08 24.60
C PRO C 362 -1.98 -6.44 24.36
N GLU C 363 -1.97 -5.14 24.11
CA GLU C 363 -3.21 -4.40 23.82
C GLU C 363 -3.59 -4.45 22.36
N GLY C 364 -4.79 -3.97 22.10
CA GLY C 364 -5.35 -3.98 20.75
C GLY C 364 -6.32 -5.17 20.61
N PRO C 365 -7.07 -5.18 19.51
CA PRO C 365 -7.95 -6.27 19.27
C PRO C 365 -7.20 -7.48 18.69
N ILE C 366 -7.73 -8.62 19.06
CA ILE C 366 -7.23 -9.88 18.61
C ILE C 366 -7.79 -10.12 17.20
N PRO C 367 -6.95 -10.57 16.25
CA PRO C 367 -7.39 -11.10 14.97
C PRO C 367 -8.45 -12.15 15.13
N PRO C 368 -9.45 -12.13 14.24
CA PRO C 368 -10.64 -12.88 14.50
C PRO C 368 -10.56 -14.31 14.03
N SER C 369 -11.51 -15.12 14.50
CA SER C 369 -11.84 -16.37 13.85
C SER C 369 -12.10 -16.06 12.41
N THR C 370 -11.64 -16.96 11.55
CA THR C 370 -11.89 -16.80 10.13
C THR C 370 -13.33 -17.11 9.76
N PRO C 371 -13.85 -16.43 8.72
CA PRO C 371 -15.16 -16.74 8.25
C PRO C 371 -15.17 -18.04 7.55
N LYS C 372 -16.30 -18.70 7.65
CA LYS C 372 -16.50 -20.00 7.05
C LYS C 372 -17.72 -19.89 6.11
N PHE C 373 -17.60 -20.42 4.91
CA PHE C 373 -18.72 -20.42 3.95
C PHE C 373 -19.24 -21.85 3.64
N ALA C 374 -20.54 -22.10 3.83
CA ALA C 374 -21.21 -23.24 3.21
C ALA C 374 -21.30 -23.16 1.66
N TYR C 375 -20.43 -23.88 0.92
CA TYR C 375 -20.51 -23.97 -0.56
C TYR C 375 -21.71 -24.80 -1.04
N GLY C 376 -22.28 -25.63 -0.15
CA GLY C 376 -23.44 -26.45 -0.42
C GLY C 376 -23.07 -27.80 -1.03
N LYS C 377 -24.08 -28.47 -1.59
CA LYS C 377 -23.92 -29.80 -2.24
C LYS C 377 -23.08 -29.73 -3.53
N VAL C 378 -22.10 -30.61 -3.66
CA VAL C 378 -21.38 -30.76 -4.93
C VAL C 378 -21.46 -32.25 -5.37
N THR C 379 -21.95 -32.47 -6.59
CA THR C 379 -22.15 -33.83 -7.07
C THR C 379 -20.84 -34.37 -7.68
N LEU C 380 -20.62 -35.65 -7.48
CA LEU C 380 -19.51 -36.33 -8.09
C LEU C 380 -20.01 -37.48 -8.95
N GLU C 381 -19.15 -37.96 -9.82
CA GLU C 381 -19.42 -39.21 -10.51
C GLU C 381 -18.21 -40.10 -10.53
N LYS C 382 -18.48 -41.40 -10.66
CA LYS C 382 -17.41 -42.36 -10.66
C LYS C 382 -16.45 -42.06 -11.78
N LEU C 383 -15.16 -42.13 -11.48
CA LEU C 383 -14.16 -41.92 -12.52
C LEU C 383 -13.60 -43.29 -12.86
N LYS C 384 -12.99 -43.96 -11.88
CA LYS C 384 -12.40 -45.27 -12.05
C LYS C 384 -12.29 -46.09 -10.78
N THR C 385 -12.36 -47.43 -10.95
CA THR C 385 -12.08 -48.34 -9.89
C THR C 385 -10.59 -48.34 -9.63
N VAL C 386 -10.18 -48.64 -8.40
CA VAL C 386 -8.76 -48.88 -8.18
C VAL C 386 -8.33 -49.94 -9.18
N GLY C 387 -9.14 -51.00 -9.36
CA GLY C 387 -8.81 -52.05 -10.37
C GLY C 387 -8.42 -51.62 -11.80
N ALA C 388 -9.07 -50.58 -12.30
CA ALA C 388 -8.93 -50.15 -13.69
C ALA C 388 -7.89 -49.06 -13.83
N ALA C 389 -7.36 -48.63 -12.70
CA ALA C 389 -6.44 -47.53 -12.66
C ALA C 389 -5.02 -48.00 -12.36
N LEU C 390 -4.76 -49.30 -12.47
CA LEU C 390 -3.41 -49.80 -12.15
C LEU C 390 -2.25 -49.25 -13.01
N ASP C 391 -2.52 -48.88 -14.25
CA ASP C 391 -1.46 -48.38 -15.12
C ASP C 391 -1.07 -46.94 -14.80
N ILE C 392 -2.03 -46.17 -14.29
CA ILE C 392 -1.73 -44.82 -13.80
C ILE C 392 -1.19 -44.81 -12.35
N LEU C 393 -1.72 -45.72 -11.53
CA LEU C 393 -1.32 -45.89 -10.15
C LEU C 393 -0.01 -46.63 -9.92
N CYS C 394 0.37 -47.49 -10.87
CA CYS C 394 1.60 -48.27 -10.82
C CYS C 394 2.23 -48.40 -12.23
N PRO C 395 2.85 -47.32 -12.70
CA PRO C 395 3.39 -47.28 -14.06
C PRO C 395 4.64 -48.15 -14.24
N SER C 396 5.42 -48.36 -13.19
CA SER C 396 6.58 -49.24 -13.29
C SER C 396 6.23 -50.73 -13.25
N GLY C 397 4.98 -51.07 -13.01
CA GLY C 397 4.56 -52.48 -13.04
C GLY C 397 4.73 -53.23 -11.73
N PRO C 398 4.06 -54.39 -11.61
CA PRO C 398 4.03 -55.07 -10.33
C PRO C 398 5.31 -55.82 -9.95
N ILE C 399 5.43 -56.12 -8.67
CA ILE C 399 6.52 -56.90 -8.11
C ILE C 399 5.96 -58.30 -7.81
N LYS C 400 6.63 -59.32 -8.35
CA LYS C 400 6.22 -60.72 -8.19
C LYS C 400 6.99 -61.34 -7.03
N SER C 401 6.30 -62.05 -6.17
CA SER C 401 6.89 -62.67 -5.00
C SER C 401 6.04 -63.85 -4.65
N LEU C 402 6.65 -64.89 -4.12
CA LEU C 402 5.99 -66.16 -3.86
C LEU C 402 5.15 -66.07 -2.60
N TYR C 403 5.68 -65.38 -1.58
CA TYR C 403 4.89 -64.97 -0.42
C TYR C 403 4.71 -63.43 -0.34
N PRO C 404 3.86 -62.97 0.58
CA PRO C 404 3.61 -61.54 0.65
C PRO C 404 4.78 -60.67 1.14
N LEU C 405 4.87 -59.45 0.61
CA LEU C 405 5.87 -58.49 1.04
C LEU C 405 5.18 -57.38 1.86
N THR C 406 5.93 -56.82 2.80
CA THR C 406 5.54 -55.58 3.47
C THR C 406 5.62 -54.25 2.62
N PHE C 407 4.86 -53.24 3.04
CA PHE C 407 4.99 -51.90 2.45
C PHE C 407 6.46 -51.47 2.29
N ILE C 408 7.25 -51.64 3.36
CA ILE C 408 8.67 -51.24 3.39
C ILE C 408 9.47 -51.97 2.35
N GLN C 409 9.28 -53.30 2.26
CA GLN C 409 9.97 -54.16 1.25
C GLN C 409 9.64 -53.72 -0.17
N VAL C 410 8.42 -53.24 -0.34
CA VAL C 410 7.95 -52.68 -1.59
C VAL C 410 8.29 -51.20 -1.84
N LYS C 411 8.90 -50.51 -0.89
CA LYS C 411 9.34 -49.11 -1.17
C LYS C 411 8.19 -48.08 -1.18
N GLN C 412 7.08 -48.43 -0.51
CA GLN C 412 6.05 -47.49 -0.15
C GLN C 412 5.82 -47.40 1.36
N HIS C 413 5.62 -46.18 1.82
CA HIS C 413 5.46 -45.93 3.27
C HIS C 413 4.04 -45.69 3.72
N TYR C 414 3.29 -44.94 2.90
CA TYR C 414 1.98 -44.44 3.23
C TYR C 414 0.96 -44.83 2.18
N GLY C 415 -0.30 -44.78 2.59
CA GLY C 415 -1.36 -45.05 1.68
C GLY C 415 -1.70 -46.55 1.56
N PHE C 416 -1.56 -47.04 0.33
CA PHE C 416 -2.33 -48.20 -0.13
C PHE C 416 -1.48 -49.08 -1.02
N VAL C 417 -1.55 -50.38 -0.80
CA VAL C 417 -0.91 -51.30 -1.69
C VAL C 417 -1.91 -52.39 -2.04
N LEU C 418 -1.86 -52.82 -3.30
CA LEU C 418 -2.81 -53.83 -3.79
C LEU C 418 -2.08 -55.13 -3.85
N TYR C 419 -2.56 -56.11 -3.09
CA TYR C 419 -2.06 -57.49 -3.20
C TYR C 419 -2.99 -58.39 -4.05
N ARG C 420 -2.44 -59.06 -5.06
CA ARG C 420 -3.21 -59.87 -6.01
C ARG C 420 -2.63 -61.28 -6.13
N THR C 421 -3.50 -62.28 -6.00
CA THR C 421 -3.18 -63.68 -6.37
C THR C 421 -4.35 -64.29 -7.21
N THR C 422 -4.35 -65.60 -7.32
CA THR C 422 -5.34 -66.31 -8.12
C THR C 422 -5.88 -67.40 -7.19
N LEU C 423 -7.18 -67.64 -7.19
CA LEU C 423 -7.74 -68.78 -6.43
C LEU C 423 -7.23 -70.11 -6.98
N PRO C 424 -6.52 -70.91 -6.15
CA PRO C 424 -6.04 -72.19 -6.68
C PRO C 424 -7.20 -73.21 -6.80
N GLN C 425 -8.04 -73.26 -5.76
CA GLN C 425 -9.20 -74.14 -5.73
C GLN C 425 -10.47 -73.39 -6.14
N ASP C 426 -11.56 -74.13 -6.25
CA ASP C 426 -12.86 -73.55 -6.54
C ASP C 426 -13.59 -73.35 -5.21
N CYS C 427 -14.31 -72.24 -5.09
CA CYS C 427 -15.01 -71.91 -3.84
C CYS C 427 -16.46 -71.48 -4.12
N SER C 428 -17.23 -72.34 -4.77
CA SER C 428 -18.65 -72.07 -5.00
C SER C 428 -19.42 -72.12 -3.69
N ASN C 429 -18.82 -72.72 -2.67
CA ASN C 429 -19.25 -72.51 -1.30
C ASN C 429 -18.30 -71.54 -0.58
N PRO C 430 -18.83 -70.77 0.40
CA PRO C 430 -18.02 -69.94 1.30
C PRO C 430 -16.75 -70.64 1.81
N ALA C 431 -15.60 -70.14 1.38
CA ALA C 431 -14.31 -70.63 1.83
C ALA C 431 -13.68 -69.57 2.74
N PRO C 432 -13.07 -69.97 3.89
CA PRO C 432 -12.45 -68.98 4.78
C PRO C 432 -11.07 -68.51 4.25
N LEU C 433 -10.89 -67.20 4.27
CA LEU C 433 -9.61 -66.54 3.95
C LEU C 433 -9.17 -65.89 5.24
N SER C 434 -8.02 -66.32 5.75
CA SER C 434 -7.60 -65.89 7.08
C SER C 434 -6.16 -65.34 7.13
N SER C 435 -5.92 -64.42 8.06
CA SER C 435 -4.56 -64.05 8.49
C SER C 435 -4.35 -64.64 9.89
N PRO C 436 -3.99 -65.93 9.95
CA PRO C 436 -4.02 -66.68 11.21
C PRO C 436 -3.15 -66.10 12.28
N LEU C 437 -2.13 -65.33 11.90
CA LEU C 437 -1.30 -64.54 12.85
C LEU C 437 -1.63 -63.03 12.90
N ASN C 438 -2.81 -62.60 12.48
CA ASN C 438 -3.18 -61.22 12.65
C ASN C 438 -2.25 -60.25 11.90
N GLY C 439 -1.89 -60.60 10.68
CA GLY C 439 -0.90 -59.86 9.94
C GLY C 439 -1.44 -59.11 8.73
N VAL C 440 -2.72 -58.71 8.77
CA VAL C 440 -3.27 -57.68 7.86
C VAL C 440 -3.15 -56.32 8.59
N HIS C 441 -2.11 -55.57 8.21
CA HIS C 441 -1.72 -54.39 8.90
C HIS C 441 -1.92 -53.20 7.89
N ASP C 442 -3.06 -52.52 7.92
CA ASP C 442 -4.06 -52.53 8.98
C ASP C 442 -5.51 -52.78 8.56
N ARG C 443 -5.81 -52.71 7.28
CA ARG C 443 -7.17 -53.01 6.83
C ARG C 443 -7.08 -53.38 5.39
N ALA C 444 -7.86 -54.37 4.96
CA ALA C 444 -7.84 -54.85 3.60
C ALA C 444 -9.23 -55.00 3.03
N TYR C 445 -9.40 -54.44 1.85
CA TYR C 445 -10.70 -54.40 1.17
C TYR C 445 -10.57 -55.44 0.09
N VAL C 446 -11.43 -56.46 0.13
CA VAL C 446 -11.17 -57.73 -0.59
C VAL C 446 -12.20 -57.95 -1.68
N ALA C 447 -11.76 -58.25 -2.89
CA ALA C 447 -12.68 -58.48 -4.01
C ALA C 447 -12.27 -59.77 -4.72
N VAL C 448 -13.24 -60.40 -5.38
CA VAL C 448 -13.00 -61.60 -6.20
C VAL C 448 -13.62 -61.46 -7.59
N ASP C 449 -12.77 -61.43 -8.62
CA ASP C 449 -13.18 -61.06 -9.97
C ASP C 449 -14.11 -59.85 -9.89
N GLY C 450 -13.63 -58.75 -9.31
CA GLY C 450 -14.43 -57.53 -9.22
C GLY C 450 -15.71 -57.58 -8.39
N ILE C 451 -15.83 -58.53 -7.47
CA ILE C 451 -17.02 -58.64 -6.60
C ILE C 451 -16.60 -58.47 -5.12
N PRO C 452 -16.89 -57.29 -4.53
CA PRO C 452 -16.54 -57.07 -3.13
C PRO C 452 -17.01 -58.20 -2.22
N GLN C 453 -16.11 -58.63 -1.34
CA GLN C 453 -16.36 -59.68 -0.37
C GLN C 453 -16.49 -59.17 1.06
N GLY C 454 -15.96 -57.95 1.31
CA GLY C 454 -15.89 -57.34 2.66
C GLY C 454 -14.48 -56.87 3.04
N VAL C 455 -14.17 -56.94 4.33
CA VAL C 455 -13.00 -56.34 4.96
C VAL C 455 -12.34 -57.28 6.03
N LEU C 456 -11.02 -57.36 6.02
CA LEU C 456 -10.24 -57.90 7.13
C LEU C 456 -9.65 -56.76 7.91
N GLU C 457 -9.63 -56.88 9.23
CA GLU C 457 -9.25 -55.76 10.11
C GLU C 457 -8.22 -56.20 11.15
N ARG C 458 -7.20 -55.38 11.38
CA ARG C 458 -6.15 -55.64 12.37
C ARG C 458 -6.73 -55.77 13.78
N ASN C 459 -6.39 -56.86 14.48
CA ASN C 459 -6.81 -57.13 15.85
C ASN C 459 -8.33 -57.27 15.99
N ASN C 460 -9.03 -57.66 14.95
CA ASN C 460 -10.48 -57.45 14.93
C ASN C 460 -11.34 -58.48 14.20
N VAL C 461 -10.92 -58.79 12.98
CA VAL C 461 -11.62 -59.62 12.05
C VAL C 461 -10.50 -60.17 11.22
N ILE C 462 -10.04 -61.37 11.57
CA ILE C 462 -8.89 -61.95 10.91
C ILE C 462 -9.25 -63.01 9.86
N THR C 463 -10.56 -63.32 9.77
CA THR C 463 -11.11 -64.29 8.82
C THR C 463 -12.34 -63.78 8.05
N LEU C 464 -12.42 -64.09 6.76
CA LEU C 464 -13.52 -63.59 5.92
C LEU C 464 -13.91 -64.60 4.84
N ASN C 465 -15.19 -64.99 4.79
CA ASN C 465 -15.66 -65.94 3.79
C ASN C 465 -15.67 -65.39 2.36
N ILE C 466 -15.25 -66.18 1.39
CA ILE C 466 -15.25 -65.72 0.01
C ILE C 466 -15.81 -66.74 -0.96
N THR C 467 -16.48 -66.27 -2.01
CA THR C 467 -17.04 -67.13 -3.04
C THR C 467 -16.42 -66.71 -4.34
N GLY C 468 -16.29 -67.65 -5.27
CA GLY C 468 -15.62 -67.38 -6.55
C GLY C 468 -15.08 -68.64 -7.20
N LYS C 469 -14.72 -68.51 -8.48
CA LYS C 469 -14.31 -69.63 -9.29
C LYS C 469 -12.83 -69.87 -9.20
N ALA C 470 -12.39 -71.08 -9.55
CA ALA C 470 -10.97 -71.39 -9.59
C ALA C 470 -10.36 -70.51 -10.66
N GLY C 471 -9.16 -70.02 -10.41
CA GLY C 471 -8.52 -69.10 -11.36
C GLY C 471 -8.99 -67.66 -11.18
N ALA C 472 -10.05 -67.48 -10.38
CA ALA C 472 -10.55 -66.13 -10.11
C ALA C 472 -9.44 -65.23 -9.55
N THR C 473 -9.52 -63.95 -9.86
CA THR C 473 -8.56 -62.99 -9.36
C THR C 473 -9.02 -62.53 -7.97
N LEU C 474 -8.15 -62.72 -6.98
CA LEU C 474 -8.34 -62.26 -5.61
C LEU C 474 -7.53 -60.96 -5.37
N ASP C 475 -8.19 -59.92 -4.88
CA ASP C 475 -7.52 -58.63 -4.57
C ASP C 475 -7.72 -58.24 -3.10
N LEU C 476 -6.63 -57.87 -2.46
CA LEU C 476 -6.68 -57.20 -1.19
C LEU C 476 -6.09 -55.85 -1.40
N LEU C 477 -6.92 -54.82 -1.24
CA LEU C 477 -6.41 -53.46 -1.21
C LEU C 477 -6.17 -53.19 0.27
N VAL C 478 -4.94 -52.94 0.61
CA VAL C 478 -4.59 -52.83 2.03
C VAL C 478 -4.07 -51.43 2.28
N GLU C 479 -4.56 -50.87 3.38
CA GLU C 479 -4.28 -49.53 3.86
C GLU C 479 -3.32 -49.48 5.10
N ASN C 480 -2.29 -48.62 5.01
CA ASN C 480 -1.58 -48.15 6.17
C ASN C 480 -2.41 -47.05 6.91
N MET C 481 -2.99 -47.42 8.05
CA MET C 481 -3.85 -46.51 8.83
C MET C 481 -3.08 -45.64 9.81
N GLY C 482 -1.75 -45.72 9.79
CA GLY C 482 -0.91 -44.91 10.61
C GLY C 482 -0.04 -45.73 11.52
N ARG C 483 1.26 -45.52 11.41
CA ARG C 483 2.24 -46.25 12.21
C ARG C 483 2.15 -45.81 13.66
N VAL C 484 1.94 -46.79 14.53
CA VAL C 484 1.96 -46.60 15.96
C VAL C 484 3.06 -45.62 16.40
N ASN C 485 2.74 -44.66 17.26
CA ASN C 485 3.72 -43.63 17.70
C ASN C 485 4.20 -43.71 19.13
N TYR C 486 3.74 -44.71 19.85
CA TYR C 486 4.07 -44.84 21.31
C TYR C 486 4.02 -46.28 21.76
N GLY C 487 4.95 -46.64 22.61
CA GLY C 487 5.02 -47.99 23.09
C GLY C 487 6.06 -48.76 22.33
N ALA C 488 6.11 -50.05 22.60
CA ALA C 488 7.19 -50.90 22.15
C ALA C 488 7.12 -51.10 20.65
N TYR C 489 5.90 -51.15 20.11
CA TYR C 489 5.65 -51.62 18.74
C TYR C 489 5.65 -50.49 17.65
N ILE C 490 6.55 -49.52 17.82
CA ILE C 490 6.76 -48.42 16.82
C ILE C 490 7.42 -48.92 15.52
N ASN C 491 7.95 -50.14 15.55
CA ASN C 491 8.49 -50.85 14.35
C ASN C 491 7.40 -51.54 13.52
N ASP C 492 6.49 -50.72 13.03
CA ASP C 492 5.21 -51.13 12.47
C ASP C 492 5.37 -51.05 10.96
N PHE C 493 5.71 -52.19 10.35
CA PHE C 493 6.03 -52.30 8.91
C PHE C 493 4.91 -51.95 7.93
N LYS C 494 3.72 -52.49 8.20
CA LYS C 494 2.51 -52.40 7.40
C LYS C 494 2.51 -53.27 6.17
N GLY C 495 1.28 -53.61 5.71
CA GLY C 495 1.02 -54.51 4.61
C GLY C 495 0.59 -55.89 5.10
N LEU C 496 0.73 -56.89 4.23
CA LEU C 496 0.53 -58.27 4.66
C LEU C 496 1.87 -58.61 5.26
N VAL C 497 1.96 -58.56 6.58
CA VAL C 497 3.25 -58.81 7.23
C VAL C 497 3.41 -60.28 7.60
N SER C 498 2.36 -61.06 7.37
CA SER C 498 2.44 -62.54 7.39
C SER C 498 1.40 -63.16 6.42
N ASN C 499 1.47 -64.49 6.26
CA ASN C 499 0.76 -65.19 5.17
C ASN C 499 -0.76 -65.16 5.33
N LEU C 500 -1.44 -65.40 4.20
CA LEU C 500 -2.87 -65.71 4.20
C LEU C 500 -3.19 -67.17 3.88
N THR C 501 -4.19 -67.71 4.55
CA THR C 501 -4.70 -69.03 4.24
C THR C 501 -6.06 -68.97 3.54
N LEU C 502 -6.30 -69.95 2.68
CA LEU C 502 -7.62 -70.19 2.10
C LEU C 502 -7.92 -71.66 2.33
N SER C 503 -9.01 -71.92 3.05
CA SER C 503 -9.32 -73.25 3.57
C SER C 503 -8.08 -73.86 4.22
N SER C 504 -7.47 -73.13 5.16
CA SER C 504 -6.32 -73.60 5.91
C SER C 504 -5.00 -73.65 5.13
N ASN C 505 -5.03 -73.46 3.82
CA ASN C 505 -3.83 -73.58 3.01
C ASN C 505 -3.25 -72.23 2.62
N ILE C 506 -1.94 -72.10 2.81
CA ILE C 506 -1.24 -70.86 2.56
C ILE C 506 -1.32 -70.57 1.07
N LEU C 507 -1.57 -69.31 0.77
CA LEU C 507 -1.74 -68.82 -0.57
C LEU C 507 -0.44 -68.24 -1.07
N THR C 508 -0.06 -68.59 -2.28
CA THR C 508 1.24 -68.22 -2.78
C THR C 508 1.12 -67.60 -4.15
N ASP C 509 2.24 -67.04 -4.61
CA ASP C 509 2.36 -66.43 -5.95
C ASP C 509 1.60 -65.11 -6.04
N TRP C 510 2.20 -64.08 -5.47
CA TRP C 510 1.56 -62.78 -5.30
C TRP C 510 2.07 -61.84 -6.36
N THR C 511 1.15 -60.98 -6.83
CA THR C 511 1.43 -59.85 -7.72
C THR C 511 1.05 -58.57 -6.96
N ILE C 512 2.05 -57.78 -6.60
CA ILE C 512 1.89 -56.73 -5.59
C ILE C 512 2.10 -55.39 -6.27
N PHE C 513 1.05 -54.56 -6.23
CA PHE C 513 1.05 -53.22 -6.86
C PHE C 513 1.15 -52.09 -5.82
N PRO C 514 2.31 -51.43 -5.74
CA PRO C 514 2.43 -50.16 -5.02
C PRO C 514 1.64 -49.09 -5.74
N LEU C 515 0.77 -48.39 -5.03
CA LEU C 515 -0.08 -47.37 -5.63
C LEU C 515 0.41 -45.91 -5.40
N ASP C 516 0.70 -45.17 -6.48
CA ASP C 516 1.05 -43.72 -6.42
C ASP C 516 -0.19 -42.82 -6.55
N THR C 517 -1.05 -42.89 -5.52
CA THR C 517 -2.30 -42.16 -5.46
C THR C 517 -2.07 -40.65 -5.48
N GLU C 518 -1.07 -40.13 -4.80
CA GLU C 518 -0.88 -38.68 -4.83
C GLU C 518 -0.67 -38.21 -6.27
N ASP C 519 0.30 -38.80 -6.97
CA ASP C 519 0.55 -38.50 -8.42
C ASP C 519 -0.67 -38.68 -9.29
N ALA C 520 -1.31 -39.85 -9.15
CA ALA C 520 -2.47 -40.22 -9.92
C ALA C 520 -3.58 -39.21 -9.72
N VAL C 521 -3.87 -38.83 -8.47
CA VAL C 521 -4.94 -37.85 -8.23
C VAL C 521 -4.52 -36.48 -8.78
N ARG C 522 -3.24 -36.15 -8.74
CA ARG C 522 -2.84 -34.82 -9.23
C ARG C 522 -3.02 -34.74 -10.74
N SER C 523 -2.87 -35.87 -11.39
CA SER C 523 -3.02 -35.93 -12.82
C SER C 523 -4.47 -36.25 -13.20
N HIS C 524 -5.38 -36.22 -12.22
CA HIS C 524 -6.80 -36.58 -12.47
C HIS C 524 -6.88 -37.95 -13.12
N LEU C 525 -6.15 -38.92 -12.55
CA LEU C 525 -6.13 -40.30 -13.06
C LEU C 525 -5.84 -40.42 -14.57
N GLY C 526 -4.79 -39.75 -15.04
CA GLY C 526 -4.40 -39.77 -16.46
C GLY C 526 -5.34 -39.04 -17.42
N GLY C 527 -6.30 -38.29 -16.89
CA GLY C 527 -7.04 -37.31 -17.69
C GLY C 527 -6.15 -36.10 -17.97
N TRP C 528 -5.17 -35.86 -17.10
CA TRP C 528 -4.15 -34.79 -17.25
C TRP C 528 -2.69 -35.33 -17.29
N GLY C 529 -2.46 -36.45 -17.99
CA GLY C 529 -1.10 -36.86 -18.43
C GLY C 529 -0.50 -38.04 -17.72
N ASN C 546 -23.09 -55.01 3.00
CA ASN C 546 -23.00 -54.69 1.58
C ASN C 546 -21.92 -53.62 1.20
N TYR C 547 -21.25 -53.80 0.07
CA TYR C 547 -20.03 -53.05 -0.28
C TYR C 547 -19.97 -52.66 -1.75
N THR C 548 -19.03 -51.77 -2.12
CA THR C 548 -18.67 -51.40 -3.50
C THR C 548 -17.13 -51.51 -3.73
N LEU C 549 -16.70 -51.69 -4.97
CA LEU C 549 -15.26 -51.73 -5.24
C LEU C 549 -14.66 -50.38 -4.93
N PRO C 550 -13.50 -50.37 -4.28
CA PRO C 550 -12.76 -49.13 -4.12
C PRO C 550 -12.63 -48.41 -5.43
N ALA C 551 -13.05 -47.14 -5.42
CA ALA C 551 -13.06 -46.33 -6.61
C ALA C 551 -12.92 -44.84 -6.31
N PHE C 552 -12.39 -44.12 -7.29
CA PHE C 552 -12.23 -42.67 -7.26
C PHE C 552 -13.46 -42.05 -7.83
N TYR C 553 -13.99 -41.05 -7.14
CA TYR C 553 -15.14 -40.30 -7.58
C TYR C 553 -14.75 -38.80 -7.71
N MET C 554 -15.13 -38.15 -8.80
CA MET C 554 -14.68 -36.81 -9.09
C MET C 554 -15.86 -35.89 -9.36
N GLY C 555 -15.73 -34.63 -8.97
CA GLY C 555 -16.70 -33.57 -9.25
C GLY C 555 -16.04 -32.19 -9.09
N ASN C 556 -16.69 -31.16 -9.59
CA ASN C 556 -16.09 -29.82 -9.57
C ASN C 556 -17.07 -28.72 -9.13
N PHE C 557 -16.55 -27.62 -8.58
CA PHE C 557 -17.36 -26.44 -8.24
C PHE C 557 -16.54 -25.16 -8.45
N SER C 558 -17.24 -24.07 -8.76
CA SER C 558 -16.61 -22.81 -9.15
C SER C 558 -16.91 -21.79 -8.10
N ILE C 559 -16.01 -20.84 -7.96
CA ILE C 559 -16.15 -19.81 -6.98
C ILE C 559 -15.91 -18.55 -7.78
N PRO C 560 -16.76 -17.54 -7.60
CA PRO C 560 -16.64 -16.36 -8.47
C PRO C 560 -15.40 -15.52 -8.11
N SER C 561 -14.72 -14.96 -9.12
CA SER C 561 -13.60 -13.97 -8.90
C SER C 561 -14.11 -12.59 -8.59
N GLY C 562 -13.24 -11.65 -8.22
CA GLY C 562 -13.69 -10.29 -7.89
C GLY C 562 -14.57 -10.09 -6.63
N ILE C 563 -14.71 -11.12 -5.79
CA ILE C 563 -15.48 -11.00 -4.54
C ILE C 563 -14.46 -10.99 -3.37
N PRO C 564 -14.27 -9.87 -2.69
CA PRO C 564 -13.24 -9.69 -1.67
C PRO C 564 -13.19 -10.69 -0.53
N ASP C 565 -14.33 -11.24 -0.18
CA ASP C 565 -14.39 -12.21 0.92
C ASP C 565 -14.55 -13.66 0.43
N LEU C 566 -14.25 -13.95 -0.83
CA LEU C 566 -14.24 -15.32 -1.32
C LEU C 566 -12.92 -15.54 -2.05
N PRO C 567 -12.32 -16.75 -1.89
CA PRO C 567 -12.89 -17.90 -1.16
C PRO C 567 -12.71 -17.86 0.37
N GLN C 568 -13.44 -18.73 1.04
CA GLN C 568 -13.43 -18.85 2.49
C GLN C 568 -13.16 -20.31 2.86
N ASP C 569 -12.65 -20.51 4.09
CA ASP C 569 -12.43 -21.78 4.69
C ASP C 569 -13.78 -22.47 4.79
N THR C 570 -13.79 -23.78 4.83
CA THR C 570 -15.06 -24.51 4.91
C THR C 570 -14.80 -25.86 5.49
N PHE C 571 -15.84 -26.65 5.62
CA PHE C 571 -15.77 -28.02 6.19
C PHE C 571 -16.52 -28.95 5.27
N ILE C 572 -15.84 -29.98 4.82
CA ILE C 572 -16.45 -30.96 3.95
C ILE C 572 -16.99 -32.14 4.76
N GLN C 573 -18.18 -32.59 4.35
CA GLN C 573 -18.94 -33.69 4.97
C GLN C 573 -19.33 -34.75 3.93
N PHE C 574 -19.40 -36.02 4.32
CA PHE C 574 -19.65 -37.13 3.42
C PHE C 574 -20.91 -37.98 3.81
N PRO C 575 -22.05 -37.31 3.98
CA PRO C 575 -23.27 -38.10 4.23
C PRO C 575 -23.54 -39.18 3.16
N GLY C 576 -23.72 -40.41 3.62
CA GLY C 576 -23.94 -41.60 2.77
C GLY C 576 -22.68 -42.35 2.34
N TRP C 577 -21.52 -41.74 2.53
CA TRP C 577 -20.23 -42.37 2.20
C TRP C 577 -19.85 -43.19 3.43
N THR C 578 -18.75 -43.92 3.37
CA THR C 578 -18.41 -44.85 4.44
C THR C 578 -17.00 -44.64 4.98
N LYS C 579 -16.02 -44.82 4.11
CA LYS C 579 -14.66 -44.66 4.55
C LYS C 579 -13.80 -44.39 3.38
N GLY C 580 -12.97 -43.34 3.50
CA GLY C 580 -11.90 -43.15 2.52
C GLY C 580 -11.04 -41.93 2.69
N GLN C 581 -10.41 -41.52 1.59
CA GLN C 581 -9.48 -40.43 1.51
C GLN C 581 -10.01 -39.37 0.48
N VAL C 582 -9.71 -38.10 0.70
CA VAL C 582 -10.28 -37.02 -0.07
C VAL C 582 -9.25 -35.98 -0.46
N TRP C 583 -9.26 -35.59 -1.72
CA TRP C 583 -8.41 -34.52 -2.21
C TRP C 583 -9.23 -33.33 -2.82
N ILE C 584 -8.72 -32.11 -2.66
CA ILE C 584 -9.26 -30.95 -3.36
C ILE C 584 -8.12 -30.27 -4.07
N ASN C 585 -8.33 -30.05 -5.34
CA ASN C 585 -7.29 -29.57 -6.19
C ASN C 585 -5.97 -30.28 -5.97
N GLY C 586 -5.98 -31.59 -5.78
CA GLY C 586 -4.68 -32.29 -5.63
C GLY C 586 -4.09 -32.30 -4.21
N PHE C 587 -4.68 -31.54 -3.26
CA PHE C 587 -4.19 -31.49 -1.85
C PHE C 587 -5.00 -32.53 -1.05
N ASN C 588 -4.25 -33.41 -0.42
CA ASN C 588 -4.79 -34.49 0.37
C ASN C 588 -5.12 -33.99 1.74
N LEU C 589 -6.38 -33.74 1.97
CA LEU C 589 -6.91 -33.24 3.24
C LEU C 589 -7.10 -34.35 4.30
N GLY C 590 -6.78 -35.58 3.92
CA GLY C 590 -6.71 -36.69 4.88
C GLY C 590 -7.86 -37.69 4.75
N ARG C 591 -8.20 -38.30 5.87
CA ARG C 591 -9.12 -39.46 5.83
C ARG C 591 -10.48 -39.13 6.39
N TYR C 592 -11.53 -39.63 5.74
CA TYR C 592 -12.88 -39.53 6.32
C TYR C 592 -13.43 -40.90 6.78
N TRP C 593 -14.27 -40.90 7.81
CA TRP C 593 -14.82 -42.18 8.29
C TRP C 593 -16.04 -42.00 9.16
N PRO C 594 -17.12 -41.48 8.54
CA PRO C 594 -18.40 -41.23 9.20
C PRO C 594 -19.07 -42.51 9.69
N ALA C 595 -18.70 -43.64 9.11
CA ALA C 595 -19.22 -44.91 9.62
C ALA C 595 -18.79 -45.12 11.06
N ARG C 596 -17.54 -44.77 11.45
CA ARG C 596 -17.16 -44.87 12.87
C ARG C 596 -17.22 -43.59 13.73
N GLY C 597 -16.91 -42.40 13.18
CA GLY C 597 -16.85 -41.21 14.01
C GLY C 597 -15.67 -41.28 14.99
N PRO C 598 -15.51 -40.25 15.87
CA PRO C 598 -16.38 -39.14 16.13
C PRO C 598 -16.24 -38.00 15.14
N GLN C 599 -15.23 -38.02 14.30
CA GLN C 599 -15.05 -36.91 13.37
C GLN C 599 -15.89 -37.19 12.12
N LEU C 600 -16.83 -36.27 11.82
CA LEU C 600 -17.65 -36.33 10.62
C LEU C 600 -17.08 -35.41 9.52
N THR C 601 -16.72 -34.18 9.87
CA THR C 601 -16.29 -33.19 8.88
C THR C 601 -14.80 -33.10 8.83
N LEU C 602 -14.25 -32.77 7.67
CA LEU C 602 -12.83 -32.35 7.56
C LEU C 602 -12.66 -30.88 7.20
N PHE C 603 -11.54 -30.31 7.65
CA PHE C 603 -11.24 -28.89 7.53
C PHE C 603 -10.64 -28.57 6.16
N VAL C 604 -11.21 -27.58 5.46
CA VAL C 604 -10.70 -27.18 4.15
C VAL C 604 -10.21 -25.73 4.25
N PRO C 605 -8.90 -25.56 4.20
CA PRO C 605 -8.38 -24.22 4.28
C PRO C 605 -8.54 -23.52 2.94
N GLN C 606 -8.84 -22.22 2.99
CA GLN C 606 -9.27 -21.43 1.81
C GLN C 606 -8.20 -21.23 0.77
N HIS C 607 -6.94 -21.41 1.16
CA HIS C 607 -5.86 -21.05 0.24
C HIS C 607 -5.65 -22.04 -0.88
N ILE C 608 -6.24 -23.21 -0.76
CA ILE C 608 -6.11 -24.20 -1.84
C ILE C 608 -7.31 -24.13 -2.82
N LEU C 609 -8.26 -23.24 -2.52
CA LEU C 609 -9.43 -23.00 -3.38
C LEU C 609 -9.18 -21.90 -4.35
N MET C 610 -9.72 -22.05 -5.54
CA MET C 610 -9.38 -21.06 -6.57
C MET C 610 -10.61 -20.53 -7.22
N THR C 611 -10.45 -19.37 -7.85
CA THR C 611 -11.54 -18.65 -8.53
C THR C 611 -11.39 -18.54 -10.05
N SER C 612 -10.18 -18.68 -10.55
CA SER C 612 -9.97 -18.49 -11.98
C SER C 612 -10.23 -19.76 -12.84
N ALA C 613 -10.28 -20.94 -12.21
CA ALA C 613 -10.68 -22.20 -12.88
C ALA C 613 -11.51 -23.03 -11.88
N PRO C 614 -12.30 -24.01 -12.34
CA PRO C 614 -13.05 -24.86 -11.36
C PRO C 614 -12.20 -25.60 -10.32
N ASN C 615 -12.70 -25.69 -9.09
CA ASN C 615 -12.11 -26.58 -8.05
C ASN C 615 -12.59 -28.01 -8.17
N THR C 616 -11.66 -28.95 -8.01
CA THR C 616 -11.88 -30.37 -8.25
C THR C 616 -11.79 -31.20 -6.95
N ILE C 617 -12.86 -31.92 -6.61
CA ILE C 617 -12.86 -32.78 -5.47
C ILE C 617 -12.60 -34.18 -5.96
N THR C 618 -11.68 -34.88 -5.32
CA THR C 618 -11.54 -36.33 -5.61
C THR C 618 -11.75 -37.11 -4.33
N VAL C 619 -12.59 -38.12 -4.41
CA VAL C 619 -12.82 -39.01 -3.32
C VAL C 619 -12.42 -40.44 -3.69
N LEU C 620 -11.60 -41.05 -2.84
CA LEU C 620 -11.37 -42.50 -2.91
C LEU C 620 -12.15 -43.16 -1.76
N GLU C 621 -13.23 -43.85 -2.11
CA GLU C 621 -14.15 -44.52 -1.19
C GLU C 621 -13.81 -46.01 -1.28
N LEU C 622 -13.56 -46.58 -0.09
CA LEU C 622 -12.97 -47.89 0.12
C LEU C 622 -14.03 -48.96 0.46
N GLU C 623 -15.16 -48.58 1.05
CA GLU C 623 -16.21 -49.51 1.49
C GLU C 623 -17.53 -49.49 0.75
N TRP C 624 -18.20 -48.35 0.68
CA TRP C 624 -19.52 -48.24 0.07
C TRP C 624 -19.82 -46.79 -0.35
N ALA C 625 -20.11 -46.58 -1.62
CA ALA C 625 -20.44 -45.27 -2.20
C ALA C 625 -21.95 -45.14 -2.42
N PRO C 626 -22.54 -43.95 -2.17
CA PRO C 626 -23.96 -43.76 -2.36
C PRO C 626 -24.30 -43.34 -3.78
N CYS C 627 -23.85 -44.13 -4.77
CA CYS C 627 -23.78 -43.70 -6.13
C CYS C 627 -24.38 -44.69 -7.11
N SER C 628 -25.18 -45.64 -6.64
CA SER C 628 -25.72 -46.68 -7.52
C SER C 628 -27.13 -46.39 -8.01
N SER C 629 -27.81 -45.42 -7.40
CA SER C 629 -29.16 -45.04 -7.79
C SER C 629 -29.07 -44.04 -8.96
N ASP C 630 -30.22 -43.68 -9.54
CA ASP C 630 -30.30 -42.67 -10.61
C ASP C 630 -30.61 -41.26 -10.10
N ASP C 631 -30.58 -41.07 -8.79
CA ASP C 631 -30.73 -39.76 -8.16
C ASP C 631 -29.31 -39.25 -8.00
N PRO C 632 -28.90 -38.26 -8.82
CA PRO C 632 -27.52 -37.77 -8.78
C PRO C 632 -27.20 -36.99 -7.53
N GLU C 633 -28.23 -36.44 -6.89
CA GLU C 633 -28.14 -35.66 -5.65
C GLU C 633 -27.57 -36.52 -4.51
N LEU C 634 -27.59 -37.85 -4.64
CA LEU C 634 -27.05 -38.72 -3.58
C LEU C 634 -25.57 -38.90 -3.74
N CYS C 635 -25.08 -38.86 -4.97
CA CYS C 635 -23.65 -39.07 -5.18
C CYS C 635 -23.03 -37.72 -5.11
N ALA C 636 -22.96 -37.23 -3.86
CA ALA C 636 -22.48 -35.89 -3.57
C ALA C 636 -21.79 -35.73 -2.17
N VAL C 637 -20.98 -34.70 -2.08
CA VAL C 637 -20.47 -34.21 -0.81
C VAL C 637 -21.06 -32.81 -0.51
N THR C 638 -20.91 -32.39 0.73
CA THR C 638 -21.54 -31.19 1.21
C THR C 638 -20.53 -30.37 1.99
N PHE C 639 -20.39 -29.11 1.58
CA PHE C 639 -19.71 -28.05 2.33
C PHE C 639 -20.61 -27.28 3.31
N VAL C 640 -20.19 -27.29 4.57
CA VAL C 640 -20.87 -26.65 5.68
C VAL C 640 -19.93 -25.72 6.41
N ASP C 641 -20.51 -24.83 7.21
CA ASP C 641 -19.71 -23.77 7.78
C ASP C 641 -19.39 -24.00 9.25
N ARG C 642 -19.77 -25.16 9.80
CA ARG C 642 -19.41 -25.57 11.17
C ARG C 642 -18.85 -26.98 11.20
N PRO C 643 -17.78 -27.17 11.98
CA PRO C 643 -17.19 -28.51 12.13
C PRO C 643 -18.12 -29.46 12.91
N VAL C 644 -18.08 -30.75 12.60
CA VAL C 644 -18.68 -31.77 13.47
C VAL C 644 -17.62 -32.83 13.78
N ILE C 645 -16.95 -32.68 14.92
CA ILE C 645 -15.88 -33.60 15.35
C ILE C 645 -16.19 -34.38 16.65
N GLY C 646 -17.37 -34.17 17.21
CA GLY C 646 -17.75 -34.78 18.46
C GLY C 646 -19.05 -35.54 18.31
N SER C 647 -19.17 -36.26 17.21
CA SER C 647 -20.33 -37.11 16.97
C SER C 647 -20.34 -38.41 17.83
N SER C 648 -21.55 -38.99 18.02
CA SER C 648 -21.73 -40.39 18.47
C SER C 648 -20.50 -41.28 18.35
N GLN D 30 9.27 -4.52 34.36
CA GLN D 30 10.03 -3.69 35.36
C GLN D 30 11.45 -3.31 34.83
N ARG D 31 11.50 -2.24 34.03
CA ARG D 31 12.73 -1.81 33.36
C ARG D 31 13.51 -0.88 34.25
N MET D 32 14.81 -1.03 34.24
CA MET D 32 15.68 -0.29 35.17
C MET D 32 16.83 0.30 34.38
N PHE D 33 17.16 1.55 34.65
CA PHE D 33 18.37 2.14 34.15
C PHE D 33 18.97 2.83 35.36
N GLU D 34 20.26 2.60 35.60
CA GLU D 34 20.90 3.10 36.80
C GLU D 34 22.43 3.17 36.66
N ILE D 35 23.04 4.03 37.45
CA ILE D 35 24.51 4.00 37.61
C ILE D 35 24.83 2.88 38.60
N ASP D 36 25.82 2.03 38.27
CA ASP D 36 26.49 1.25 39.34
C ASP D 36 27.94 1.65 39.50
N TYR D 37 28.22 1.98 40.75
CA TYR D 37 29.42 2.65 41.15
C TYR D 37 30.52 1.63 41.37
N SER D 38 30.14 0.54 42.06
CA SER D 38 31.02 -0.63 42.20
C SER D 38 31.79 -0.91 40.93
N ARG D 39 31.14 -0.68 39.79
CA ARG D 39 31.60 -1.23 38.53
C ARG D 39 31.87 -0.19 37.44
N ASP D 40 31.83 1.11 37.81
CA ASP D 40 32.15 2.27 36.92
C ASP D 40 31.29 2.40 35.65
N SER D 41 30.01 2.08 35.80
CA SER D 41 29.10 2.08 34.65
C SER D 41 27.58 2.17 34.97
N PHE D 42 26.85 2.37 33.86
CA PHE D 42 25.39 2.17 33.80
C PHE D 42 25.02 0.70 33.76
N LEU D 43 23.87 0.38 34.34
CA LEU D 43 23.27 -0.95 34.13
C LEU D 43 21.95 -0.71 33.46
N LYS D 44 21.75 -1.32 32.29
CA LYS D 44 20.45 -1.30 31.69
C LYS D 44 19.83 -2.70 31.82
N ASP D 45 18.74 -2.78 32.58
CA ASP D 45 18.06 -4.02 32.91
C ASP D 45 18.99 -5.02 33.64
N GLY D 46 19.78 -4.54 34.58
CA GLY D 46 20.78 -5.35 35.27
C GLY D 46 22.07 -5.66 34.50
N GLN D 47 22.19 -5.21 33.25
CA GLN D 47 23.39 -5.49 32.40
C GLN D 47 24.21 -4.24 32.09
N PRO D 48 25.55 -4.39 32.08
CA PRO D 48 26.42 -3.28 31.68
C PRO D 48 25.94 -2.57 30.41
N PHE D 49 26.01 -1.24 30.41
CA PHE D 49 25.57 -0.47 29.25
C PHE D 49 26.43 0.78 29.07
N ARG D 50 26.87 1.08 27.85
CA ARG D 50 27.24 2.46 27.57
C ARG D 50 26.65 3.06 26.31
N TYR D 51 26.36 4.34 26.41
CA TYR D 51 25.73 5.03 25.26
C TYR D 51 26.68 5.71 24.36
N ILE D 52 26.31 5.71 23.09
CA ILE D 52 26.97 6.45 22.03
C ILE D 52 25.80 7.18 21.36
N SER D 53 25.78 8.49 21.61
CA SER D 53 24.69 9.36 21.22
C SER D 53 25.20 10.49 20.31
N GLY D 54 24.27 11.07 19.56
CA GLY D 54 24.51 12.31 18.78
C GLY D 54 23.39 13.31 19.13
N SER D 55 23.70 14.61 19.10
CA SER D 55 22.71 15.60 19.39
C SER D 55 21.85 15.83 18.17
N ILE D 56 20.56 15.96 18.39
CA ILE D 56 19.63 16.43 17.32
C ILE D 56 18.63 17.32 18.01
N HIS D 57 18.44 18.52 17.48
CA HIS D 57 17.46 19.40 18.07
C HIS D 57 16.14 19.48 17.27
N TYR D 58 15.03 18.96 17.84
CA TYR D 58 13.78 18.85 17.10
C TYR D 58 13.28 20.22 16.68
N SER D 59 13.51 21.23 17.52
CA SER D 59 13.24 22.63 17.17
C SER D 59 13.99 23.24 15.97
N ARG D 60 14.97 22.52 15.42
CA ARG D 60 15.79 22.96 14.29
C ARG D 60 15.64 22.10 13.01
N VAL D 61 14.81 21.05 13.05
CA VAL D 61 14.52 20.20 11.91
C VAL D 61 13.02 20.17 11.74
N PRO D 62 12.50 20.42 10.53
CA PRO D 62 11.03 20.33 10.48
C PRO D 62 10.56 18.91 10.77
N ARG D 63 9.38 18.76 11.33
CA ARG D 63 8.84 17.44 11.64
C ARG D 63 8.80 16.53 10.41
N PHE D 64 8.58 17.10 9.23
CA PHE D 64 8.60 16.40 7.95
C PHE D 64 9.81 15.54 7.84
N TYR D 65 10.95 16.04 8.29
CA TYR D 65 12.21 15.34 8.21
C TYR D 65 12.65 14.66 9.54
N TRP D 66 11.85 14.66 10.61
CA TRP D 66 12.33 14.02 11.86
C TRP D 66 12.70 12.54 11.68
N LYS D 67 11.94 11.77 10.89
CA LYS D 67 12.29 10.34 10.76
C LYS D 67 13.52 10.15 9.88
N ASP D 68 13.63 10.90 8.78
CA ASP D 68 14.91 10.92 8.01
C ASP D 68 16.18 11.10 8.91
N ARG D 69 16.20 12.10 9.76
CA ARG D 69 17.45 12.43 10.46
C ARG D 69 17.72 11.34 11.53
N LEU D 70 16.66 10.90 12.17
CA LEU D 70 16.78 9.90 13.22
C LEU D 70 17.21 8.55 12.67
N LEU D 71 16.65 8.18 11.54
CA LEU D 71 17.00 6.93 10.94
C LEU D 71 18.46 6.90 10.46
N LYS D 72 18.89 7.96 9.79
CA LYS D 72 20.32 8.15 9.48
C LYS D 72 21.28 8.10 10.70
N MET D 73 20.79 8.58 11.84
CA MET D 73 21.52 8.55 13.09
C MET D 73 21.67 7.14 13.58
N LYS D 74 20.59 6.36 13.53
CA LYS D 74 20.67 4.94 13.89
C LYS D 74 21.66 4.20 12.98
N MET D 75 21.63 4.52 11.69
CA MET D 75 22.41 3.76 10.70
C MET D 75 23.87 4.01 10.88
N ALA D 76 24.22 5.07 11.62
CA ALA D 76 25.64 5.37 11.88
C ALA D 76 26.14 4.52 13.09
N GLY D 77 25.23 3.88 13.81
CA GLY D 77 25.60 3.05 14.94
C GLY D 77 25.25 3.64 16.31
N LEU D 78 24.69 4.85 16.32
CA LEU D 78 24.20 5.44 17.57
C LEU D 78 23.14 4.55 18.23
N ASN D 79 23.30 4.39 19.54
CA ASN D 79 22.32 3.75 20.31
C ASN D 79 21.52 4.77 21.04
N ALA D 80 21.84 6.05 20.90
CA ALA D 80 21.00 7.04 21.56
C ALA D 80 21.09 8.40 20.91
N ILE D 81 20.11 9.24 21.19
CA ILE D 81 20.14 10.64 20.76
C ILE D 81 20.01 11.49 21.98
N GLN D 82 20.39 12.76 21.82
CA GLN D 82 20.36 13.72 22.87
C GLN D 82 19.75 15.01 22.34
N THR D 83 18.83 15.57 23.12
CA THR D 83 18.12 16.75 22.66
C THR D 83 17.89 17.73 23.76
N TYR D 84 17.69 19.01 23.38
CA TYR D 84 17.30 20.12 24.27
C TYR D 84 15.86 20.49 24.05
N VAL D 85 15.17 20.78 25.18
CA VAL D 85 13.84 21.33 25.19
C VAL D 85 13.89 22.85 25.46
N PRO D 86 13.62 23.67 24.40
CA PRO D 86 13.66 25.12 24.59
C PRO D 86 12.33 25.65 25.13
N TRP D 87 12.39 26.22 26.32
CA TRP D 87 11.21 26.67 27.02
C TRP D 87 10.44 27.62 26.11
N ASN D 88 11.14 28.59 25.55
CA ASN D 88 10.51 29.59 24.72
C ASN D 88 9.91 29.11 23.39
N PHE D 89 10.34 27.95 22.91
CA PHE D 89 9.70 27.30 21.74
C PHE D 89 8.31 26.86 22.12
N HIS D 90 8.08 26.54 23.39
CA HIS D 90 6.81 25.92 23.86
C HIS D 90 5.88 26.79 24.69
N GLU D 91 6.39 27.89 25.26
CA GLU D 91 5.57 28.79 26.09
C GLU D 91 5.90 30.21 25.69
N PRO D 92 5.40 30.64 24.54
CA PRO D 92 5.68 31.98 24.04
C PRO D 92 5.10 33.16 24.88
N TRP D 93 4.01 32.89 25.61
CA TRP D 93 3.45 33.79 26.61
C TRP D 93 3.03 32.93 27.80
N PRO D 94 2.99 33.51 29.00
CA PRO D 94 2.61 32.70 30.18
C PRO D 94 1.26 32.00 30.03
N GLY D 95 1.22 30.69 30.26
CA GLY D 95 -0.01 29.90 30.13
C GLY D 95 -0.51 29.60 28.71
N GLN D 96 0.31 29.89 27.70
CA GLN D 96 -0.04 29.69 26.27
C GLN D 96 0.98 28.72 25.58
N TYR D 97 0.54 27.49 25.41
CA TYR D 97 1.42 26.38 25.08
C TYR D 97 1.37 25.97 23.64
N GLN D 98 2.56 25.63 23.12
CA GLN D 98 2.74 24.98 21.80
C GLN D 98 3.33 23.54 21.85
N PHE D 99 2.51 22.52 21.65
CA PHE D 99 3.00 21.11 21.64
C PHE D 99 2.56 20.31 20.42
N SER D 100 2.07 21.00 19.40
CA SER D 100 1.62 20.39 18.14
C SER D 100 2.58 20.53 16.94
N GLU D 101 2.47 19.59 16.00
CA GLU D 101 3.18 19.68 14.73
C GLU D 101 4.64 19.80 15.02
N ASP D 102 5.30 20.85 14.53
CA ASP D 102 6.74 21.02 14.69
C ASP D 102 7.21 21.25 16.14
N HIS D 103 6.26 21.54 17.03
CA HIS D 103 6.53 21.77 18.46
C HIS D 103 6.12 20.52 19.28
N ASP D 104 5.86 19.37 18.62
CA ASP D 104 5.40 18.17 19.31
C ASP D 104 6.56 17.32 19.91
N VAL D 105 7.17 17.80 20.97
CA VAL D 105 8.25 17.06 21.56
C VAL D 105 7.95 15.63 21.98
N GLU D 106 6.76 15.37 22.54
CA GLU D 106 6.38 14.01 22.91
C GLU D 106 6.42 13.06 21.69
N TYR D 107 5.89 13.50 20.58
CA TYR D 107 5.94 12.73 19.35
C TYR D 107 7.41 12.45 18.93
N PHE D 108 8.24 13.46 19.00
CA PHE D 108 9.63 13.28 18.61
C PHE D 108 10.27 12.18 19.46
N LEU D 109 9.95 12.13 20.76
CA LEU D 109 10.57 11.13 21.62
C LEU D 109 10.01 9.73 21.34
N ARG D 110 8.71 9.63 21.11
CA ARG D 110 8.06 8.35 20.67
C ARG D 110 8.60 7.94 19.34
N LEU D 111 8.97 8.89 18.50
CA LEU D 111 9.56 8.51 17.21
C LEU D 111 10.96 7.92 17.36
N ALA D 112 11.74 8.53 18.22
CA ALA D 112 13.03 8.01 18.56
C ALA D 112 12.95 6.58 19.11
N HIS D 113 11.98 6.36 19.98
CA HIS D 113 11.76 5.03 20.61
C HIS D 113 11.36 3.93 19.64
N GLU D 114 10.36 4.22 18.81
CA GLU D 114 9.93 3.39 17.68
C GLU D 114 11.16 2.89 16.86
N LEU D 115 12.16 3.77 16.63
CA LEU D 115 13.30 3.40 15.80
C LEU D 115 14.40 2.73 16.60
N GLY D 116 14.15 2.44 17.88
CA GLY D 116 15.12 1.72 18.72
C GLY D 116 16.18 2.56 19.41
N LEU D 117 15.96 3.85 19.47
CA LEU D 117 16.91 4.77 20.06
C LEU D 117 16.48 5.15 21.44
N LEU D 118 17.42 5.07 22.39
CA LEU D 118 17.26 5.67 23.70
C LEU D 118 17.55 7.17 23.61
N VAL D 119 17.14 7.88 24.65
CA VAL D 119 17.17 9.34 24.67
C VAL D 119 17.79 9.88 25.94
N ILE D 120 18.73 10.82 25.78
CA ILE D 120 19.15 11.69 26.86
C ILE D 120 18.45 13.05 26.70
N LEU D 121 17.55 13.34 27.65
CA LEU D 121 16.77 14.57 27.64
C LEU D 121 17.41 15.72 28.38
N ARG D 122 17.41 16.89 27.76
CA ARG D 122 18.09 18.05 28.38
C ARG D 122 17.11 19.24 28.40
N PRO D 123 16.33 19.33 29.48
CA PRO D 123 15.19 20.25 29.46
C PRO D 123 15.47 21.62 30.10
N GLY D 124 16.72 21.87 30.44
CA GLY D 124 17.14 23.21 30.93
C GLY D 124 16.71 23.38 32.37
N PRO D 125 16.06 24.51 32.69
CA PRO D 125 15.30 25.39 31.83
C PRO D 125 16.07 26.35 30.98
N TYR D 126 17.37 26.34 31.12
CA TYR D 126 18.23 27.14 30.27
C TYR D 126 19.10 26.11 29.61
N ILE D 127 19.17 26.20 28.30
CA ILE D 127 19.84 25.20 27.46
C ILE D 127 21.11 25.77 26.74
N CYS D 128 21.27 27.10 26.72
CA CYS D 128 22.38 27.77 26.00
C CYS D 128 22.17 27.66 24.46
N ALA D 129 22.93 26.78 23.81
CA ALA D 129 22.55 26.17 22.55
C ALA D 129 22.49 27.06 21.38
N GLU D 130 23.22 28.16 21.38
CA GLU D 130 23.18 29.14 20.30
C GLU D 130 21.74 29.50 19.89
N TRP D 131 20.84 29.60 20.88
CA TRP D 131 19.42 29.80 20.64
C TRP D 131 18.97 30.96 21.48
N GLU D 132 17.91 31.65 21.05
CA GLU D 132 17.40 32.89 21.68
C GLU D 132 17.40 32.84 23.18
N MET D 133 18.18 33.71 23.81
CA MET D 133 18.25 33.78 25.28
C MET D 133 18.41 32.38 25.94
N GLY D 134 19.07 31.44 25.29
CA GLY D 134 19.37 30.16 25.96
C GLY D 134 18.12 29.38 26.24
N GLY D 135 17.09 29.69 25.45
CA GLY D 135 15.78 29.08 25.52
C GLY D 135 14.86 29.70 26.55
N LEU D 136 15.37 30.66 27.32
CA LEU D 136 14.53 31.39 28.30
C LEU D 136 13.54 32.32 27.62
N PRO D 137 12.28 32.27 28.04
CA PRO D 137 11.24 33.15 27.47
C PRO D 137 11.46 34.62 27.79
N ALA D 138 11.32 35.48 26.80
CA ALA D 138 11.63 36.87 27.01
C ALA D 138 10.62 37.55 27.90
N TRP D 139 9.43 36.98 28.07
CA TRP D 139 8.52 37.55 29.02
C TRP D 139 8.99 37.49 30.48
N LEU D 140 10.01 36.71 30.81
CA LEU D 140 10.54 36.74 32.14
C LEU D 140 11.07 38.13 32.50
N LEU D 141 11.59 38.83 31.49
CA LEU D 141 12.11 40.16 31.61
C LEU D 141 11.07 41.25 31.84
N GLU D 142 9.78 40.91 31.93
CA GLU D 142 8.80 41.90 32.42
C GLU D 142 9.10 42.35 33.85
N LYS D 143 9.71 41.47 34.67
CA LYS D 143 10.37 41.93 35.88
C LYS D 143 11.78 42.42 35.47
N GLU D 144 11.93 43.73 35.30
CA GLU D 144 13.18 44.35 34.85
C GLU D 144 14.44 43.87 35.58
N SER D 145 14.33 43.61 36.90
CA SER D 145 15.52 43.35 37.84
C SER D 145 15.86 41.88 38.06
N ILE D 146 15.07 41.01 37.39
CA ILE D 146 15.14 39.56 37.53
C ILE D 146 16.56 39.08 37.38
N LEU D 147 16.96 38.13 38.23
CA LEU D 147 18.26 37.54 38.09
C LEU D 147 18.01 36.16 37.51
N LEU D 148 18.26 36.04 36.20
CA LEU D 148 18.03 34.79 35.52
C LEU D 148 18.98 33.74 36.07
N ARG D 149 18.53 32.50 36.20
CA ARG D 149 19.42 31.40 36.57
C ARG D 149 19.99 31.47 38.02
N SER D 150 19.06 31.69 38.97
CA SER D 150 19.36 31.94 40.39
C SER D 150 18.09 31.56 41.14
N SER D 151 18.14 31.65 42.47
CA SER D 151 16.94 31.42 43.31
C SER D 151 16.09 32.69 43.49
N ASP D 152 16.28 33.69 42.63
CA ASP D 152 15.31 34.79 42.46
C ASP D 152 13.89 34.18 42.44
N PRO D 153 13.01 34.62 43.36
CA PRO D 153 11.76 33.88 43.50
C PRO D 153 10.76 34.02 42.38
N ASP D 154 10.82 35.11 41.60
CA ASP D 154 9.96 35.24 40.44
C ASP D 154 10.45 34.33 39.30
N TYR D 155 11.77 34.21 39.13
CA TYR D 155 12.35 33.23 38.23
C TYR D 155 11.94 31.79 38.65
N LEU D 156 12.12 31.45 39.91
CA LEU D 156 11.81 30.11 40.38
C LEU D 156 10.33 29.73 40.17
N ALA D 157 9.44 30.66 40.52
CA ALA D 157 7.97 30.40 40.37
C ALA D 157 7.50 30.18 38.91
N ALA D 158 8.17 30.81 37.98
CA ALA D 158 7.91 30.62 36.54
C ALA D 158 8.42 29.25 36.11
N VAL D 159 9.60 28.92 36.55
CA VAL D 159 10.27 27.68 36.18
C VAL D 159 9.44 26.55 36.71
N ASP D 160 8.93 26.72 37.92
CA ASP D 160 8.10 25.66 38.53
C ASP D 160 6.76 25.41 37.81
N LYS D 161 6.17 26.47 37.30
CA LYS D 161 4.96 26.33 36.51
C LYS D 161 5.30 25.60 35.22
N TRP D 162 6.38 25.99 34.57
CA TRP D 162 6.87 25.30 33.37
C TRP D 162 7.20 23.81 33.58
N LEU D 163 7.96 23.47 34.63
CA LEU D 163 8.24 22.08 34.95
C LEU D 163 6.98 21.31 35.25
N GLY D 164 6.01 21.99 35.84
CA GLY D 164 4.73 21.36 36.16
C GLY D 164 3.88 21.10 34.91
N VAL D 165 4.22 21.70 33.78
CA VAL D 165 3.57 21.36 32.52
C VAL D 165 4.42 20.38 31.70
N LEU D 166 5.74 20.57 31.68
CA LEU D 166 6.65 19.68 30.89
C LEU D 166 6.91 18.32 31.50
N LEU D 167 7.32 18.29 32.75
CA LEU D 167 7.80 17.01 33.30
C LEU D 167 6.66 15.94 33.41
N PRO D 168 5.44 16.31 33.78
CA PRO D 168 4.44 15.27 33.66
C PRO D 168 4.28 14.72 32.22
N LYS D 169 4.55 15.53 31.20
CA LYS D 169 4.56 14.97 29.84
C LYS D 169 5.75 14.01 29.60
N MET D 170 6.82 14.18 30.36
CA MET D 170 8.01 13.39 30.15
C MET D 170 8.01 12.16 31.01
N LYS D 171 7.32 12.16 32.14
CA LYS D 171 7.27 10.98 33.02
C LYS D 171 6.96 9.66 32.29
N PRO D 172 5.86 9.58 31.52
CA PRO D 172 5.63 8.31 30.79
C PRO D 172 6.70 7.95 29.70
N LEU D 173 7.47 8.91 29.23
CA LEU D 173 8.57 8.61 28.30
C LEU D 173 9.91 8.22 29.02
N LEU D 174 9.92 8.15 30.36
CA LEU D 174 11.10 7.54 31.05
C LEU D 174 11.24 6.05 30.73
N TYR D 175 12.51 5.61 30.68
CA TYR D 175 12.83 4.19 30.55
C TYR D 175 12.06 3.30 31.53
N GLN D 176 11.94 3.74 32.78
CA GLN D 176 11.39 2.89 33.83
C GLN D 176 9.91 2.63 33.57
N ASN D 177 9.26 3.51 32.79
CA ASN D 177 7.85 3.38 32.42
C ASN D 177 7.56 3.07 30.96
N GLY D 178 8.52 2.53 30.21
CA GLY D 178 8.27 1.99 28.84
C GLY D 178 8.64 2.89 27.68
N GLY D 179 9.35 3.97 28.03
CA GLY D 179 9.79 4.97 27.09
C GLY D 179 11.29 4.96 26.84
N PRO D 180 11.75 5.89 26.03
CA PRO D 180 13.17 6.03 25.68
C PRO D 180 14.07 6.83 26.63
N VAL D 181 13.55 7.65 27.55
CA VAL D 181 14.46 8.54 28.32
C VAL D 181 15.21 7.82 29.46
N ILE D 182 16.54 7.82 29.38
CA ILE D 182 17.36 7.07 30.31
C ILE D 182 18.06 7.95 31.33
N THR D 183 18.50 9.12 30.90
CA THR D 183 19.02 10.15 31.77
C THR D 183 18.48 11.53 31.39
N VAL D 184 18.52 12.44 32.36
CA VAL D 184 18.04 13.83 32.22
C VAL D 184 19.06 14.86 32.77
N GLN D 185 19.33 15.90 32.00
CA GLN D 185 20.31 16.90 32.44
C GLN D 185 19.59 18.01 33.16
N VAL D 186 20.06 18.31 34.37
CA VAL D 186 19.62 19.48 35.07
C VAL D 186 20.49 20.71 34.78
N GLU D 187 19.80 21.79 34.41
CA GLU D 187 20.41 23.05 34.00
C GLU D 187 21.33 22.76 32.84
N ASN D 188 22.26 23.66 32.54
CA ASN D 188 23.24 23.47 31.50
C ASN D 188 24.46 24.34 31.76
N GLU D 189 25.58 23.70 32.07
CA GLU D 189 26.85 24.39 32.40
C GLU D 189 26.70 25.52 33.42
N TYR D 190 26.03 25.28 34.53
CA TYR D 190 25.86 26.33 35.53
C TYR D 190 27.20 26.85 36.08
N GLY D 191 28.22 26.01 36.03
CA GLY D 191 29.51 26.36 36.58
C GLY D 191 30.14 27.44 35.77
N SER D 192 29.58 27.76 34.61
CA SER D 192 30.09 28.84 33.81
C SER D 192 29.35 30.16 34.09
N TYR D 193 28.23 30.11 34.79
CA TYR D 193 27.48 31.33 35.12
C TYR D 193 28.05 31.94 36.42
N PHE D 194 28.04 33.27 36.48
CA PHE D 194 28.64 34.06 37.58
C PHE D 194 27.91 33.86 38.91
N ALA D 195 26.67 33.41 38.90
CA ALA D 195 25.83 33.46 40.10
C ALA D 195 26.18 32.46 41.23
N CYS D 196 26.45 31.22 40.86
CA CYS D 196 26.85 30.19 41.83
C CYS D 196 25.81 29.93 42.93
N ASP D 197 24.54 30.00 42.56
CA ASP D 197 23.45 29.79 43.55
C ASP D 197 23.04 28.30 43.72
N PHE D 198 23.67 27.66 44.70
CA PHE D 198 23.45 26.24 44.95
C PHE D 198 22.02 25.87 45.34
N ASP D 199 21.31 26.81 45.96
CA ASP D 199 19.89 26.63 46.24
C ASP D 199 19.04 26.64 44.94
N TYR D 200 19.54 27.30 43.88
CA TYR D 200 18.88 27.16 42.56
C TYR D 200 18.95 25.66 42.10
N LEU D 201 20.14 25.10 42.10
CA LEU D 201 20.29 23.70 41.78
C LEU D 201 19.48 22.76 42.66
N ARG D 202 19.56 22.94 43.96
CA ARG D 202 18.84 22.10 44.89
C ARG D 202 17.33 22.21 44.59
N PHE D 203 16.87 23.38 44.20
CA PHE D 203 15.45 23.49 43.85
C PHE D 203 15.09 22.63 42.60
N LEU D 204 15.92 22.71 41.58
CA LEU D 204 15.71 22.00 40.36
C LEU D 204 15.72 20.50 40.60
N GLN D 205 16.68 20.04 41.38
CA GLN D 205 16.71 18.61 41.75
C GLN D 205 15.45 18.12 42.41
N LYS D 206 14.97 18.94 43.32
CA LYS D 206 13.87 18.60 44.15
C LYS D 206 12.59 18.57 43.25
N ARG D 207 12.42 19.60 42.42
CA ARG D 207 11.27 19.62 41.50
C ARG D 207 11.27 18.46 40.44
N PHE D 208 12.46 18.09 39.96
CA PHE D 208 12.59 17.03 38.98
C PHE D 208 12.22 15.71 39.66
N ARG D 209 12.72 15.50 40.89
CA ARG D 209 12.42 14.31 41.69
C ARG D 209 10.92 14.13 41.97
N HIS D 210 10.23 15.21 42.29
CA HIS D 210 8.80 15.26 42.51
C HIS D 210 8.03 14.80 41.24
N HIS D 211 8.39 15.30 40.07
CA HIS D 211 7.63 14.97 38.85
C HIS D 211 8.09 13.68 38.18
N LEU D 212 9.36 13.29 38.38
CA LEU D 212 9.93 12.13 37.63
C LEU D 212 10.15 10.88 38.51
N GLY D 213 10.13 11.02 39.84
CA GLY D 213 10.38 9.88 40.73
C GLY D 213 11.82 9.87 41.21
N ASP D 214 12.17 8.86 41.98
CA ASP D 214 13.49 8.76 42.61
C ASP D 214 14.47 7.92 41.83
N ASP D 215 13.95 7.22 40.84
CA ASP D 215 14.76 6.30 40.07
C ASP D 215 15.52 6.95 38.91
N VAL D 216 14.90 7.87 38.18
CA VAL D 216 15.59 8.54 37.05
C VAL D 216 16.98 9.10 37.36
N VAL D 217 17.91 8.79 36.47
CA VAL D 217 19.28 9.26 36.61
C VAL D 217 19.31 10.73 36.23
N LEU D 218 19.57 11.58 37.22
CA LEU D 218 19.72 13.03 36.98
C LEU D 218 21.20 13.35 36.90
N PHE D 219 21.60 14.27 36.03
CA PHE D 219 23.04 14.65 35.89
C PHE D 219 23.22 16.09 35.47
N THR D 220 24.47 16.56 35.59
CA THR D 220 24.88 17.90 35.17
C THR D 220 26.05 17.78 34.21
N THR D 221 26.22 18.83 33.43
CA THR D 221 27.30 18.89 32.43
C THR D 221 28.05 20.21 32.57
N ASP D 222 29.36 20.09 32.78
CA ASP D 222 30.26 21.22 32.84
C ASP D 222 31.58 21.05 32.06
N GLY D 223 32.25 22.17 31.88
CA GLY D 223 33.59 22.18 31.31
C GLY D 223 34.50 21.36 32.20
N ALA D 224 35.53 20.79 31.58
CA ALA D 224 36.38 19.78 32.24
C ALA D 224 37.57 20.48 32.85
N HIS D 225 37.30 21.18 33.93
CA HIS D 225 38.31 21.88 34.68
C HIS D 225 37.71 22.27 36.01
N LYS D 226 38.46 22.01 37.08
CA LYS D 226 38.00 22.27 38.43
C LYS D 226 37.36 23.68 38.59
N THR D 227 37.85 24.68 37.86
CA THR D 227 37.25 26.04 37.81
C THR D 227 35.79 26.05 37.37
N PHE D 228 35.39 25.11 36.50
CA PHE D 228 34.01 25.07 35.97
C PHE D 228 33.16 24.16 36.85
N LEU D 229 33.76 23.08 37.34
CA LEU D 229 33.02 22.13 38.15
C LEU D 229 32.67 22.64 39.56
N LYS D 230 33.41 23.63 40.04
CA LYS D 230 33.20 24.17 41.36
C LYS D 230 31.78 24.65 41.57
N CYS D 231 31.19 25.42 40.65
CA CYS D 231 29.81 25.91 40.87
C CYS D 231 28.72 25.04 40.17
N GLY D 232 29.14 24.12 39.32
CA GLY D 232 28.25 23.38 38.46
C GLY D 232 27.80 22.06 39.04
N ALA D 233 28.55 21.52 39.98
CA ALA D 233 28.31 20.22 40.53
C ALA D 233 27.55 20.31 41.83
N LEU D 234 26.81 19.24 42.10
CA LEU D 234 25.97 19.15 43.26
C LEU D 234 25.92 17.69 43.71
N GLN D 235 25.82 17.48 45.02
CA GLN D 235 25.52 16.17 45.58
C GLN D 235 24.19 15.73 45.07
N GLY D 236 24.12 14.50 44.59
CA GLY D 236 22.83 13.90 44.20
C GLY D 236 22.55 14.07 42.71
N LEU D 237 23.35 14.89 42.02
CA LEU D 237 23.38 14.92 40.57
C LEU D 237 24.72 14.41 40.02
N TYR D 238 24.68 13.44 39.14
CA TYR D 238 25.92 12.90 38.56
C TYR D 238 26.69 13.92 37.72
N THR D 239 27.96 14.16 38.06
CA THR D 239 28.71 15.21 37.40
C THR D 239 29.37 14.67 36.16
N THR D 240 29.09 15.29 35.01
CA THR D 240 29.72 14.98 33.75
C THR D 240 30.40 16.21 33.16
N VAL D 241 31.21 15.95 32.16
CA VAL D 241 32.01 17.01 31.55
C VAL D 241 31.77 17.13 30.06
N ASP D 242 32.21 18.23 29.49
CA ASP D 242 32.31 18.34 28.04
C ASP D 242 33.66 18.85 27.58
N PHE D 243 33.96 18.54 26.33
CA PHE D 243 35.22 18.89 25.71
C PHE D 243 35.25 18.29 24.32
N GLY D 244 36.02 18.93 23.44
CA GLY D 244 36.24 18.47 22.10
C GLY D 244 37.68 18.09 21.75
N THR D 245 37.95 18.19 20.46
CA THR D 245 39.13 17.57 19.89
C THR D 245 40.43 18.24 20.34
N GLY D 246 40.38 19.47 20.84
CA GLY D 246 41.60 20.20 21.26
C GLY D 246 42.11 19.77 22.63
N SER D 247 41.27 19.07 23.42
CA SER D 247 41.58 18.77 24.81
C SER D 247 42.33 17.47 25.04
N ASN D 248 43.16 17.47 26.10
CA ASN D 248 43.79 16.25 26.56
C ASN D 248 42.74 15.41 27.20
N ILE D 249 42.48 14.26 26.62
CA ILE D 249 41.35 13.40 27.08
C ILE D 249 41.59 12.78 28.47
N THR D 250 42.78 12.26 28.76
CA THR D 250 43.14 11.79 30.14
C THR D 250 42.86 12.83 31.19
N ASP D 251 43.23 14.09 30.96
CA ASP D 251 43.00 15.15 31.94
C ASP D 251 41.50 15.46 32.08
N ALA D 252 40.78 15.57 30.95
CA ALA D 252 39.36 15.89 31.01
C ALA D 252 38.62 14.90 31.92
N PHE D 253 38.92 13.62 31.74
CA PHE D 253 38.34 12.63 32.59
C PHE D 253 38.87 12.61 34.05
N LEU D 254 40.13 13.00 34.24
CA LEU D 254 40.67 13.14 35.58
C LEU D 254 39.90 14.19 36.35
N SER D 255 39.55 15.28 35.70
CA SER D 255 38.75 16.32 36.38
C SER D 255 37.29 15.84 36.72
N GLN D 256 36.65 15.08 35.84
CA GLN D 256 35.38 14.41 36.19
C GLN D 256 35.53 13.41 37.37
N ARG D 257 36.59 12.62 37.33
CA ARG D 257 36.81 11.62 38.40
C ARG D 257 37.03 12.22 39.81
N LYS D 258 37.60 13.42 39.87
CA LYS D 258 37.75 14.15 41.09
C LYS D 258 36.42 14.43 41.75
N CYS D 259 35.37 14.71 40.95
CA CYS D 259 33.98 14.91 41.44
C CYS D 259 33.18 13.63 41.65
N GLU D 260 33.45 12.62 40.83
CA GLU D 260 32.79 11.33 40.94
C GLU D 260 33.91 10.34 40.90
N PRO D 261 34.44 9.96 42.07
CA PRO D 261 35.50 8.92 42.10
C PRO D 261 35.03 7.58 41.46
N LYS D 262 33.73 7.26 41.52
CA LYS D 262 33.12 6.05 40.92
C LYS D 262 31.88 6.33 40.04
N GLY D 263 31.64 5.45 39.07
CA GLY D 263 30.57 5.61 38.09
C GLY D 263 31.14 5.70 36.69
N PRO D 264 30.28 5.82 35.66
CA PRO D 264 30.80 5.90 34.27
C PRO D 264 31.49 7.22 33.90
N LEU D 265 32.51 7.16 33.05
CA LEU D 265 33.02 8.38 32.39
C LEU D 265 32.05 8.82 31.31
N ILE D 266 31.83 10.12 31.21
CA ILE D 266 30.89 10.69 30.29
C ILE D 266 31.37 12.04 29.77
N ASN D 267 31.50 12.14 28.45
CA ASN D 267 31.60 13.39 27.72
C ASN D 267 30.24 13.70 27.07
N SER D 268 29.47 14.58 27.71
CA SER D 268 28.11 14.91 27.27
C SER D 268 28.08 15.78 26.01
N GLU D 269 29.20 16.43 25.67
CA GLU D 269 29.29 17.23 24.44
C GLU D 269 30.69 17.19 23.85
N PHE D 270 30.93 16.12 23.10
CA PHE D 270 32.11 15.96 22.30
C PHE D 270 31.91 16.65 20.95
N TYR D 271 32.60 17.76 20.76
CA TYR D 271 32.33 18.66 19.67
C TYR D 271 32.80 18.05 18.37
N THR D 272 31.84 17.84 17.45
CA THR D 272 32.10 17.46 16.08
C THR D 272 32.44 18.64 15.20
N GLY D 273 32.18 19.86 15.71
CA GLY D 273 32.32 21.10 14.91
C GLY D 273 32.23 22.30 15.85
N TRP D 274 31.64 23.39 15.42
CA TRP D 274 31.59 24.64 16.27
C TRP D 274 30.67 25.70 15.68
N LEU D 275 30.11 26.51 16.55
CA LEU D 275 29.23 27.59 16.12
C LEU D 275 29.90 28.65 15.19
N ASP D 276 29.04 29.42 14.55
CA ASP D 276 29.41 30.57 13.73
C ASP D 276 28.85 31.89 14.27
N HIS D 277 29.44 32.99 13.81
CA HIS D 277 28.86 34.35 13.97
C HIS D 277 28.86 35.09 12.65
N TRP D 278 27.84 35.90 12.42
CA TRP D 278 27.85 36.76 11.23
C TRP D 278 29.16 37.57 11.18
N GLY D 279 29.78 37.63 10.02
CA GLY D 279 31.02 38.37 9.81
C GLY D 279 32.30 37.64 10.16
N GLN D 280 32.21 36.38 10.58
CA GLN D 280 33.41 35.62 10.93
C GLN D 280 33.47 34.39 10.07
N PRO D 281 34.68 33.93 9.82
CA PRO D 281 34.78 32.80 8.92
C PRO D 281 34.07 31.58 9.52
N HIS D 282 33.55 30.74 8.63
CA HIS D 282 32.70 29.60 8.98
C HIS D 282 33.54 28.58 9.74
N SER D 283 33.08 28.07 10.89
CA SER D 283 33.92 27.12 11.69
C SER D 283 33.90 25.74 11.09
N THR D 284 35.04 25.06 11.17
CA THR D 284 35.19 23.70 10.65
C THR D 284 36.17 22.98 11.57
N ILE D 285 35.91 21.69 11.77
CA ILE D 285 36.78 20.80 12.55
C ILE D 285 37.01 19.63 11.61
N LYS D 286 38.28 19.23 11.48
CA LYS D 286 38.66 18.16 10.55
C LYS D 286 38.13 16.79 10.98
N THR D 287 37.71 16.00 9.99
CA THR D 287 37.21 14.63 10.18
C THR D 287 38.19 13.72 11.00
N GLU D 288 39.44 13.62 10.59
CA GLU D 288 40.39 12.82 11.36
C GLU D 288 40.53 13.19 12.86
N ALA D 289 40.51 14.46 13.21
CA ALA D 289 40.57 14.90 14.60
C ALA D 289 39.41 14.27 15.38
N VAL D 290 38.21 14.43 14.84
CA VAL D 290 36.98 13.89 15.47
C VAL D 290 37.08 12.38 15.64
N ALA D 291 37.43 11.67 14.56
CA ALA D 291 37.55 10.21 14.58
C ALA D 291 38.55 9.74 15.61
N SER D 292 39.72 10.33 15.57
CA SER D 292 40.78 10.06 16.52
C SER D 292 40.28 10.18 17.96
N SER D 293 39.71 11.32 18.29
CA SER D 293 39.30 11.50 19.68
C SER D 293 38.14 10.62 20.03
N LEU D 294 37.25 10.38 19.08
CA LEU D 294 36.11 9.53 19.32
C LEU D 294 36.56 8.13 19.63
N TYR D 295 37.53 7.65 18.85
CA TYR D 295 38.04 6.30 19.08
C TYR D 295 38.70 6.22 20.50
N ASP D 296 39.52 7.21 20.81
CA ASP D 296 40.11 7.30 22.14
C ASP D 296 39.05 7.30 23.28
N ILE D 297 37.95 8.06 23.15
CA ILE D 297 36.92 8.14 24.18
C ILE D 297 36.20 6.83 24.36
N LEU D 298 35.82 6.20 23.26
CA LEU D 298 35.14 4.91 23.30
C LEU D 298 35.95 3.74 23.90
N ALA D 299 37.24 3.77 23.63
CA ALA D 299 38.16 2.72 24.09
C ALA D 299 38.34 2.71 25.63
N ARG D 300 38.13 3.86 26.27
CA ARG D 300 38.12 3.95 27.73
C ARG D 300 36.86 3.35 28.37
N GLY D 301 35.89 2.91 27.56
CA GLY D 301 34.58 2.52 28.10
C GLY D 301 33.65 3.67 28.49
N ALA D 302 33.95 4.88 28.06
CA ALA D 302 33.11 6.02 28.33
C ALA D 302 31.86 6.08 27.47
N SER D 303 30.83 6.69 28.05
CA SER D 303 29.63 7.09 27.32
C SER D 303 29.89 8.46 26.76
N VAL D 304 29.38 8.70 25.57
CA VAL D 304 29.67 9.93 24.89
C VAL D 304 28.52 10.42 24.00
N ASN D 305 28.39 11.75 23.96
CA ASN D 305 27.51 12.43 23.05
C ASN D 305 28.18 13.42 22.08
N LEU D 306 28.00 13.16 20.80
CA LEU D 306 28.55 13.99 19.72
C LEU D 306 27.72 15.23 19.48
N TYR D 307 28.27 16.41 19.75
CA TYR D 307 27.52 17.64 19.68
C TYR D 307 28.10 18.49 18.55
N MET D 308 27.35 18.84 17.48
CA MET D 308 26.04 18.27 17.05
C MET D 308 26.22 17.05 16.17
N PHE D 309 25.23 16.17 16.11
CA PHE D 309 25.26 15.18 15.05
C PHE D 309 24.57 15.69 13.79
N ILE D 310 23.42 16.31 13.90
CA ILE D 310 22.95 17.16 12.84
C ILE D 310 22.54 18.46 13.51
N GLY D 311 22.92 19.60 12.91
CA GLY D 311 22.57 20.88 13.49
C GLY D 311 21.31 21.52 12.97
N GLY D 312 21.12 21.58 11.67
CA GLY D 312 19.88 22.10 11.12
C GLY D 312 19.91 23.61 10.99
N THR D 313 18.75 24.19 11.27
CA THR D 313 18.45 25.59 10.99
C THR D 313 17.74 26.35 12.18
N ASN D 314 18.15 27.61 12.36
CA ASN D 314 17.46 28.57 13.18
C ASN D 314 16.54 29.29 12.26
N PHE D 315 15.35 28.75 12.10
CA PHE D 315 14.33 29.43 11.30
C PHE D 315 13.84 30.70 11.98
N ALA D 316 13.00 31.46 11.28
CA ALA D 316 12.33 32.63 11.87
C ALA D 316 13.34 33.48 12.67
N TYR D 317 13.12 33.74 13.94
CA TYR D 317 14.00 34.55 14.81
C TYR D 317 14.71 33.81 15.97
N TRP D 318 14.96 32.51 15.80
CA TRP D 318 15.42 31.66 16.87
C TRP D 318 16.90 31.67 17.21
N ASN D 319 17.74 32.30 16.39
CA ASN D 319 19.16 32.34 16.71
C ASN D 319 19.52 33.08 18.01
N GLY D 320 20.64 32.70 18.59
CA GLY D 320 21.17 33.35 19.79
C GLY D 320 22.25 34.35 19.40
N ALA D 321 23.08 34.75 20.37
CA ALA D 321 24.17 35.74 20.20
C ALA D 321 25.13 35.58 21.39
N ASN D 322 26.38 36.02 21.22
CA ASN D 322 27.40 36.00 22.30
C ASN D 322 27.85 37.44 22.58
N SER D 323 28.53 37.60 23.73
CA SER D 323 29.04 38.88 24.21
C SER D 323 30.55 38.91 24.05
N PRO D 324 31.14 40.06 23.70
CA PRO D 324 30.44 41.25 23.24
C PRO D 324 29.59 40.97 21.99
N TYR D 325 28.52 41.75 21.81
CA TYR D 325 27.41 41.33 20.94
C TYR D 325 27.87 40.85 19.57
N ALA D 326 27.63 39.58 19.28
CA ALA D 326 27.83 39.08 17.93
C ALA D 326 26.85 37.95 17.70
N ALA D 327 26.01 38.10 16.70
CA ALA D 327 24.90 37.16 16.49
C ALA D 327 25.31 35.93 15.71
N GLN D 328 24.67 34.81 16.03
CA GLN D 328 24.84 33.62 15.21
C GLN D 328 23.89 33.66 13.98
N PRO D 329 24.33 33.08 12.87
CA PRO D 329 23.51 33.15 11.65
C PRO D 329 22.37 32.10 11.64
N THR D 330 21.57 32.15 10.60
CA THR D 330 20.43 31.30 10.36
C THR D 330 20.79 29.84 10.33
N SER D 331 21.84 29.49 9.59
CA SER D 331 22.30 28.09 9.47
C SER D 331 22.93 27.64 10.77
N TYR D 332 22.52 26.47 11.32
CA TYR D 332 23.25 25.82 12.41
C TYR D 332 23.87 24.53 11.86
N ASP D 333 24.43 24.59 10.67
CA ASP D 333 25.11 23.47 10.06
C ASP D 333 26.20 22.87 10.99
N TYR D 334 27.00 23.72 11.66
CA TYR D 334 27.99 23.27 12.64
C TYR D 334 29.19 22.48 12.08
N ASP D 335 29.21 22.26 10.78
CA ASP D 335 30.14 21.31 10.19
C ASP D 335 29.87 19.90 10.79
N ALA D 336 28.60 19.61 11.10
CA ALA D 336 28.24 18.34 11.75
C ALA D 336 28.32 17.18 10.75
N PRO D 337 28.25 15.94 11.24
CA PRO D 337 28.23 14.77 10.35
C PRO D 337 27.08 14.72 9.35
N LEU D 338 25.91 15.16 9.73
CA LEU D 338 24.86 15.45 8.77
C LEU D 338 24.80 16.95 8.59
N SER D 339 24.73 17.35 7.33
CA SER D 339 24.73 18.76 6.95
C SER D 339 23.39 19.35 7.28
N GLU D 340 23.29 20.66 7.14
CA GLU D 340 22.05 21.38 7.48
C GLU D 340 20.79 20.71 6.88
N ALA D 341 20.90 20.25 5.64
CA ALA D 341 19.79 19.71 4.87
C ALA D 341 19.69 18.20 5.04
N GLY D 342 20.48 17.63 5.96
CA GLY D 342 20.43 16.20 6.21
C GLY D 342 21.35 15.30 5.41
N ASP D 343 22.34 15.89 4.71
CA ASP D 343 23.18 15.14 3.78
C ASP D 343 24.25 14.32 4.48
N LEU D 344 24.56 13.16 3.86
CA LEU D 344 25.60 12.26 4.36
C LEU D 344 26.98 12.75 3.92
N THR D 345 27.83 13.12 4.86
CA THR D 345 29.12 13.70 4.54
C THR D 345 30.22 12.68 4.75
N GLU D 346 31.43 13.09 4.40
CA GLU D 346 32.55 12.23 4.62
C GLU D 346 32.74 11.99 6.09
N LYS D 347 32.45 13.02 6.87
CA LYS D 347 32.56 12.93 8.32
C LYS D 347 31.58 11.89 8.90
N TYR D 348 30.37 11.82 8.36
CA TYR D 348 29.35 10.84 8.78
C TYR D 348 29.90 9.43 8.63
N PHE D 349 30.54 9.15 7.51
CA PHE D 349 30.93 7.77 7.23
C PHE D 349 32.17 7.41 8.05
N ALA D 350 33.04 8.38 8.27
CA ALA D 350 34.23 8.20 9.07
C ALA D 350 33.87 7.81 10.47
N LEU D 351 32.93 8.53 11.09
CA LEU D 351 32.53 8.24 12.49
C LEU D 351 31.80 6.92 12.58
N ARG D 352 31.00 6.63 11.55
CA ARG D 352 30.29 5.35 11.50
C ARG D 352 31.34 4.24 11.52
N ASN D 353 32.42 4.36 10.74
CA ASN D 353 33.51 3.35 10.77
C ASN D 353 34.20 3.26 12.12
N ILE D 354 34.29 4.36 12.87
CA ILE D 354 34.85 4.24 14.25
C ILE D 354 33.87 3.46 15.12
N ILE D 355 32.58 3.78 15.01
CA ILE D 355 31.63 3.17 15.89
C ILE D 355 31.57 1.66 15.66
N GLN D 356 31.60 1.27 14.38
CA GLN D 356 31.78 -0.13 13.94
C GLN D 356 32.89 -0.94 14.61
N LYS D 357 33.90 -0.33 15.20
CA LYS D 357 34.98 -1.11 15.80
C LYS D 357 34.59 -1.56 17.19
N PHE D 358 33.52 -0.97 17.68
CA PHE D 358 33.00 -1.23 19.03
C PHE D 358 31.64 -1.93 19.14
N GLU D 359 30.76 -1.65 18.18
CA GLU D 359 29.35 -2.07 18.17
C GLU D 359 28.97 -2.57 16.79
N LYS D 360 28.24 -3.66 16.73
CA LYS D 360 27.58 -4.04 15.48
C LYS D 360 26.57 -2.94 15.16
N VAL D 361 26.58 -2.55 13.90
CA VAL D 361 25.89 -1.38 13.38
C VAL D 361 24.79 -1.91 12.46
N PRO D 362 23.67 -1.21 12.32
CA PRO D 362 22.62 -1.87 11.54
C PRO D 362 22.92 -2.06 10.04
N GLU D 363 22.25 -3.05 9.50
CA GLU D 363 22.38 -3.46 8.13
C GLU D 363 21.32 -2.81 7.28
N GLY D 364 21.50 -2.93 5.97
CA GLY D 364 20.58 -2.33 5.03
C GLY D 364 21.24 -1.10 4.43
N PRO D 365 20.64 -0.58 3.36
CA PRO D 365 21.20 0.64 2.80
C PRO D 365 20.75 1.86 3.65
N ILE D 366 21.57 2.90 3.60
CA ILE D 366 21.29 4.11 4.34
C ILE D 366 20.44 5.04 3.48
N PRO D 367 19.41 5.63 4.09
CA PRO D 367 18.60 6.58 3.38
C PRO D 367 19.48 7.69 2.86
N PRO D 368 19.14 8.24 1.68
CA PRO D 368 20.02 9.16 0.95
C PRO D 368 19.90 10.60 1.39
N SER D 369 20.94 11.39 1.11
CA SER D 369 20.80 12.81 0.97
C SER D 369 19.59 13.11 0.06
N THR D 370 18.78 14.07 0.46
CA THR D 370 17.71 14.50 -0.38
C THR D 370 18.20 15.11 -1.66
N PRO D 371 17.44 14.92 -2.76
CA PRO D 371 17.61 15.61 -4.03
C PRO D 371 17.34 17.08 -3.83
N LYS D 372 18.12 17.94 -4.52
CA LYS D 372 18.02 19.44 -4.46
C LYS D 372 17.82 20.00 -5.85
N PHE D 373 16.95 20.95 -6.03
CA PHE D 373 16.66 21.38 -7.39
C PHE D 373 16.86 22.89 -7.46
N ALA D 374 17.50 23.38 -8.54
CA ALA D 374 17.57 24.82 -8.72
C ALA D 374 16.37 25.31 -9.47
N TYR D 375 15.39 25.90 -8.79
CA TYR D 375 14.26 26.52 -9.49
C TYR D 375 14.64 27.76 -10.32
N GLY D 376 15.87 28.29 -10.18
CA GLY D 376 16.30 29.45 -10.93
C GLY D 376 15.93 30.83 -10.33
N LYS D 377 15.80 31.80 -11.24
CA LYS D 377 15.64 33.19 -10.95
C LYS D 377 14.16 33.45 -10.90
N VAL D 378 13.68 34.04 -9.80
CA VAL D 378 12.33 34.52 -9.66
C VAL D 378 12.36 36.06 -9.39
N THR D 379 11.65 36.79 -10.25
CA THR D 379 11.54 38.25 -10.20
C THR D 379 10.57 38.63 -9.11
N LEU D 380 10.90 39.69 -8.39
CA LEU D 380 10.08 40.23 -7.33
C LEU D 380 9.82 41.67 -7.67
N GLU D 381 8.72 42.20 -7.15
CA GLU D 381 8.44 43.63 -7.20
C GLU D 381 7.95 44.17 -5.86
N LYS D 382 8.18 45.48 -5.70
CA LYS D 382 7.89 46.20 -4.48
C LYS D 382 6.40 46.23 -4.19
N LEU D 383 6.08 46.01 -2.94
CA LEU D 383 4.72 45.97 -2.51
C LEU D 383 4.51 47.26 -1.70
N LYS D 384 5.19 47.38 -0.56
CA LYS D 384 5.03 48.53 0.34
C LYS D 384 6.26 48.67 1.16
N THR D 385 6.66 49.93 1.39
CA THR D 385 7.67 50.22 2.39
C THR D 385 7.05 49.86 3.74
N VAL D 386 7.90 49.66 4.76
CA VAL D 386 7.39 49.54 6.14
C VAL D 386 6.56 50.79 6.57
N GLY D 387 7.14 51.97 6.33
CA GLY D 387 6.42 53.28 6.30
C GLY D 387 4.92 53.24 5.97
N ALA D 388 4.59 52.70 4.79
CA ALA D 388 3.22 52.68 4.23
C ALA D 388 2.39 51.55 4.76
N ALA D 389 3.01 50.51 5.32
CA ALA D 389 2.22 49.36 5.82
C ALA D 389 1.82 49.39 7.30
N LEU D 390 1.85 50.55 7.95
CA LEU D 390 1.60 50.59 9.42
C LEU D 390 0.18 50.29 9.88
N ASP D 391 -0.79 50.47 8.99
CA ASP D 391 -2.19 50.10 9.22
C ASP D 391 -2.30 48.58 9.36
N ILE D 392 -1.50 47.89 8.57
CA ILE D 392 -1.55 46.46 8.55
C ILE D 392 -0.52 45.83 9.54
N LEU D 393 0.62 46.49 9.74
CA LEU D 393 1.60 46.00 10.70
C LEU D 393 1.22 46.24 12.15
N CYS D 394 0.39 47.23 12.41
CA CYS D 394 0.05 47.66 13.76
C CYS D 394 -1.45 47.99 13.81
N PRO D 395 -2.31 46.97 13.68
CA PRO D 395 -3.74 47.31 13.59
C PRO D 395 -4.30 47.91 14.91
N SER D 396 -3.56 47.79 16.01
CA SER D 396 -4.08 48.24 17.28
C SER D 396 -3.62 49.64 17.61
N GLY D 397 -2.68 50.16 16.84
CA GLY D 397 -2.32 51.54 16.94
C GLY D 397 -1.06 51.64 17.77
N PRO D 398 -0.32 52.76 17.61
CA PRO D 398 0.96 53.01 18.23
C PRO D 398 0.82 53.30 19.69
N ILE D 399 1.88 53.14 20.47
CA ILE D 399 1.92 53.59 21.87
C ILE D 399 2.75 54.88 22.00
N LYS D 400 2.24 55.86 22.75
CA LYS D 400 2.93 57.17 23.00
C LYS D 400 3.81 57.13 24.27
N SER D 401 5.07 57.45 24.18
CA SER D 401 5.88 57.53 25.41
C SER D 401 6.74 58.78 25.37
N LEU D 402 7.03 59.35 26.53
CA LEU D 402 7.88 60.55 26.58
C LEU D 402 9.30 60.16 26.20
N TYR D 403 9.81 59.10 26.83
CA TYR D 403 11.10 58.52 26.43
C TYR D 403 10.95 57.13 25.78
N PRO D 404 12.05 56.57 25.26
CA PRO D 404 11.82 55.29 24.57
C PRO D 404 11.52 54.02 25.46
N LEU D 405 10.65 53.16 24.95
CA LEU D 405 10.36 51.85 25.56
C LEU D 405 11.05 50.69 24.87
N THR D 406 11.45 49.70 25.68
CA THR D 406 12.01 48.44 25.21
C THR D 406 10.99 47.56 24.47
N PHE D 407 11.51 46.58 23.73
CA PHE D 407 10.66 45.61 23.05
C PHE D 407 9.79 44.95 24.12
N ILE D 408 10.41 44.56 25.24
CA ILE D 408 9.65 43.91 26.31
C ILE D 408 8.50 44.79 26.88
N GLN D 409 8.79 46.05 27.16
CA GLN D 409 7.76 46.98 27.68
C GLN D 409 6.57 47.05 26.74
N VAL D 410 6.84 46.89 25.45
CA VAL D 410 5.88 47.11 24.39
C VAL D 410 5.21 45.78 23.96
N LYS D 411 5.58 44.66 24.58
CA LYS D 411 4.89 43.38 24.38
C LYS D 411 5.24 42.68 23.05
N GLN D 412 6.41 42.96 22.50
CA GLN D 412 6.93 42.23 21.38
C GLN D 412 8.30 41.60 21.73
N HIS D 413 8.49 40.36 21.33
CA HIS D 413 9.72 39.63 21.70
C HIS D 413 10.76 39.53 20.58
N TYR D 414 10.26 39.38 19.35
CA TYR D 414 11.08 39.05 18.21
C TYR D 414 10.83 40.01 17.07
N GLY D 415 11.79 40.13 16.17
CA GLY D 415 11.58 40.91 14.94
C GLY D 415 11.90 42.39 15.06
N PHE D 416 10.90 43.22 14.77
CA PHE D 416 11.09 44.64 14.43
C PHE D 416 10.13 45.61 15.14
N VAL D 417 10.65 46.74 15.58
CA VAL D 417 9.80 47.75 16.19
C VAL D 417 10.16 49.15 15.67
N LEU D 418 9.13 49.88 15.22
CA LEU D 418 9.33 51.20 14.67
C LEU D 418 9.17 52.27 15.75
N TYR D 419 10.23 53.05 15.90
CA TYR D 419 10.25 54.17 16.85
C TYR D 419 10.23 55.49 16.08
N ARG D 420 9.23 56.31 16.32
CA ARG D 420 9.01 57.53 15.53
C ARG D 420 8.95 58.80 16.37
N THR D 421 9.77 59.79 16.04
CA THR D 421 9.68 61.08 16.74
C THR D 421 9.63 62.17 15.70
N THR D 422 9.65 63.42 16.14
CA THR D 422 9.56 64.58 15.25
C THR D 422 10.76 65.49 15.52
N LEU D 423 11.41 65.97 14.47
CA LEU D 423 12.62 66.79 14.64
C LEU D 423 12.28 68.11 15.36
N PRO D 424 13.02 68.47 16.43
CA PRO D 424 12.81 69.73 17.19
C PRO D 424 13.58 70.95 16.66
N GLN D 425 14.82 70.77 16.23
CA GLN D 425 15.63 71.82 15.59
C GLN D 425 15.54 71.69 14.05
N ASP D 426 16.35 72.47 13.33
CA ASP D 426 16.43 72.38 11.87
C ASP D 426 17.82 71.82 11.56
N CYS D 427 17.92 70.97 10.55
CA CYS D 427 19.17 70.23 10.28
C CYS D 427 19.60 70.31 8.82
N SER D 428 19.61 71.49 8.22
CA SER D 428 20.04 71.65 6.83
C SER D 428 21.52 71.29 6.72
N ASN D 429 22.22 71.44 7.85
CA ASN D 429 23.57 70.94 7.96
C ASN D 429 23.47 69.66 8.80
N PRO D 430 24.33 68.67 8.51
CA PRO D 430 24.40 67.45 9.33
C PRO D 430 24.26 67.76 10.82
N ALA D 431 23.63 66.84 11.55
CA ALA D 431 23.54 66.94 13.01
C ALA D 431 23.61 65.54 13.60
N PRO D 432 24.54 65.30 14.56
CA PRO D 432 24.71 63.99 15.17
C PRO D 432 23.51 63.47 15.95
N LEU D 433 22.90 62.42 15.42
CA LEU D 433 21.97 61.55 16.14
C LEU D 433 22.76 60.41 16.80
N SER D 434 22.71 60.34 18.13
CA SER D 434 23.58 59.43 18.87
C SER D 434 22.83 58.64 19.93
N SER D 435 23.32 57.44 20.25
CA SER D 435 22.92 56.76 21.47
C SER D 435 24.11 56.72 22.38
N PRO D 436 24.19 57.66 23.34
CA PRO D 436 25.51 57.81 23.97
C PRO D 436 25.87 56.65 24.88
N LEU D 437 24.87 55.93 25.36
CA LEU D 437 25.12 54.80 26.22
C LEU D 437 25.11 53.45 25.46
N ASN D 438 25.13 53.48 24.13
CA ASN D 438 25.21 52.25 23.33
C ASN D 438 23.89 51.47 23.42
N GLY D 439 22.79 52.21 23.32
CA GLY D 439 21.47 51.70 23.62
C GLY D 439 20.59 51.34 22.43
N VAL D 440 21.18 51.15 21.25
CA VAL D 440 20.44 50.58 20.12
C VAL D 440 20.65 49.05 20.09
N HIS D 441 19.68 48.31 20.60
CA HIS D 441 19.82 46.89 20.72
C HIS D 441 18.82 46.25 19.71
N ASP D 442 19.29 45.85 18.50
CA ASP D 442 20.72 45.72 18.14
C ASP D 442 21.14 46.52 16.92
N ARG D 443 20.17 47.05 16.19
CA ARG D 443 20.46 47.71 14.91
C ARG D 443 19.28 48.53 14.44
N ALA D 444 19.52 49.78 14.04
CA ALA D 444 18.42 50.65 13.64
C ALA D 444 18.54 51.16 12.21
N TYR D 445 17.43 51.10 11.49
CA TYR D 445 17.37 51.60 10.12
C TYR D 445 16.70 52.97 10.14
N VAL D 446 17.51 54.00 9.94
CA VAL D 446 17.08 55.41 10.14
C VAL D 446 16.62 56.12 8.88
N ALA D 447 15.43 56.71 8.91
CA ALA D 447 14.99 57.56 7.82
C ALA D 447 14.38 58.82 8.37
N VAL D 448 14.48 59.90 7.62
CA VAL D 448 13.95 61.23 8.03
C VAL D 448 13.06 61.77 6.93
N ASP D 449 11.76 61.97 7.19
CA ASP D 449 10.80 62.36 6.11
C ASP D 449 10.95 61.42 4.91
N GLY D 450 10.90 60.12 5.18
CA GLY D 450 10.99 59.12 4.14
C GLY D 450 12.27 59.07 3.30
N ILE D 451 13.37 59.67 3.80
CA ILE D 451 14.69 59.61 3.15
C ILE D 451 15.66 58.84 4.07
N PRO D 452 16.15 57.64 3.65
CA PRO D 452 17.12 56.86 4.39
C PRO D 452 18.38 57.61 4.74
N GLN D 453 18.80 57.50 6.00
CA GLN D 453 19.94 58.24 6.54
C GLN D 453 21.15 57.37 6.79
N GLY D 454 20.90 56.09 7.04
CA GLY D 454 21.98 55.15 7.37
C GLY D 454 21.60 54.21 8.49
N VAL D 455 22.59 53.72 9.22
CA VAL D 455 22.36 52.68 10.20
C VAL D 455 23.13 52.91 11.50
N LEU D 456 22.46 52.65 12.61
CA LEU D 456 23.10 52.54 13.94
C LEU D 456 23.25 51.07 14.35
N GLU D 457 24.40 50.69 14.94
CA GLU D 457 24.69 49.29 15.35
C GLU D 457 25.28 49.17 16.75
N ARG D 458 24.62 48.36 17.59
CA ARG D 458 25.13 47.94 18.92
C ARG D 458 26.64 47.76 18.89
N ASN D 459 27.36 48.41 19.80
CA ASN D 459 28.84 48.38 19.86
C ASN D 459 29.73 48.96 18.75
N ASN D 460 29.22 49.11 17.53
CA ASN D 460 30.09 49.51 16.38
C ASN D 460 29.82 50.92 15.88
N VAL D 461 28.56 51.33 15.90
CA VAL D 461 28.14 52.64 15.44
C VAL D 461 27.07 53.20 16.36
N ILE D 462 27.48 54.18 17.15
CA ILE D 462 26.62 54.84 18.11
C ILE D 462 26.25 56.28 17.70
N THR D 463 26.98 56.86 16.73
CA THR D 463 26.58 58.15 16.15
C THR D 463 26.33 58.09 14.64
N LEU D 464 25.34 58.86 14.17
CA LEU D 464 25.07 58.98 12.75
C LEU D 464 24.55 60.37 12.39
N ASN D 465 25.19 61.02 11.43
CA ASN D 465 24.73 62.35 11.00
C ASN D 465 23.46 62.28 10.14
N ILE D 466 22.51 63.18 10.40
CA ILE D 466 21.26 63.20 9.64
C ILE D 466 20.90 64.62 9.18
N THR D 467 19.95 64.72 8.25
CA THR D 467 19.43 66.00 7.79
C THR D 467 17.91 65.97 7.60
N GLY D 468 17.33 67.17 7.62
CA GLY D 468 15.90 67.38 7.38
C GLY D 468 15.40 68.69 7.96
N LYS D 469 14.07 68.84 7.95
CA LYS D 469 13.38 70.04 8.43
C LYS D 469 12.90 69.88 9.88
N ALA D 470 12.70 71.00 10.58
CA ALA D 470 12.00 70.99 11.86
C ALA D 470 10.63 70.39 11.63
N GLY D 471 10.15 69.55 12.55
CA GLY D 471 8.85 68.87 12.40
C GLY D 471 8.87 67.66 11.45
N ALA D 472 10.00 67.43 10.81
CA ALA D 472 10.17 66.25 9.97
C ALA D 472 10.15 64.99 10.83
N THR D 473 9.44 63.99 10.33
CA THR D 473 9.32 62.70 10.97
C THR D 473 10.70 61.99 10.94
N LEU D 474 11.23 61.68 12.14
CA LEU D 474 12.42 60.80 12.31
C LEU D 474 11.95 59.38 12.60
N ASP D 475 12.36 58.44 11.74
CA ASP D 475 12.00 57.03 11.85
C ASP D 475 13.19 56.16 12.18
N LEU D 476 13.03 55.29 13.19
CA LEU D 476 14.02 54.21 13.50
C LEU D 476 13.35 52.84 13.52
N LEU D 477 13.62 52.03 12.49
CA LEU D 477 13.23 50.63 12.50
C LEU D 477 14.29 49.80 13.24
N VAL D 478 13.95 49.32 14.42
CA VAL D 478 14.92 48.61 15.25
C VAL D 478 14.69 47.10 15.13
N GLU D 479 15.79 46.40 14.88
CA GLU D 479 15.83 44.94 14.80
C GLU D 479 16.42 44.23 16.09
N ASN D 480 15.64 43.31 16.69
CA ASN D 480 16.20 42.35 17.67
C ASN D 480 16.96 41.28 16.83
N MET D 481 18.27 41.35 16.85
CA MET D 481 19.09 40.41 16.07
C MET D 481 19.35 39.07 16.78
N GLY D 482 18.73 38.87 17.93
CA GLY D 482 18.90 37.66 18.69
C GLY D 482 19.38 37.92 20.11
N ARG D 483 18.71 37.31 21.10
CA ARG D 483 19.09 37.53 22.50
C ARG D 483 20.27 36.66 22.89
N VAL D 484 21.28 37.30 23.48
CA VAL D 484 22.51 36.65 23.98
C VAL D 484 22.12 35.39 24.77
N ASN D 485 22.85 34.29 24.59
CA ASN D 485 22.51 32.99 25.20
C ASN D 485 23.58 32.43 26.15
N TYR D 486 24.66 33.17 26.31
CA TYR D 486 25.74 32.70 27.15
C TYR D 486 26.37 33.89 27.81
N GLY D 487 26.76 33.68 29.07
CA GLY D 487 27.42 34.63 29.87
C GLY D 487 26.47 35.40 30.75
N ALA D 488 26.96 36.53 31.21
CA ALA D 488 26.29 37.32 32.21
C ALA D 488 25.09 38.03 31.65
N TYR D 489 25.11 38.40 30.35
CA TYR D 489 24.16 39.41 29.82
C TYR D 489 23.03 38.83 28.95
N ILE D 490 22.55 37.68 29.41
CA ILE D 490 21.34 36.98 28.92
C ILE D 490 20.03 37.73 29.23
N ASN D 491 20.07 38.65 30.20
CA ASN D 491 18.98 39.63 30.44
C ASN D 491 19.01 40.79 29.40
N ASP D 492 18.69 40.44 28.17
CA ASP D 492 18.89 41.27 26.99
C ASP D 492 17.53 41.72 26.46
N PHE D 493 17.04 42.86 26.94
CA PHE D 493 15.68 43.41 26.62
C PHE D 493 15.39 43.68 25.13
N LYS D 494 16.29 44.39 24.48
CA LYS D 494 16.17 44.72 23.06
C LYS D 494 15.29 45.95 22.85
N GLY D 495 15.62 46.71 21.82
CA GLY D 495 14.96 47.97 21.53
C GLY D 495 15.86 49.15 21.73
N LEU D 496 15.26 50.30 21.96
CA LEU D 496 16.03 51.47 22.39
C LEU D 496 15.98 51.33 23.91
N VAL D 497 17.08 50.89 24.52
CA VAL D 497 17.12 50.59 25.96
C VAL D 497 17.61 51.79 26.80
N SER D 498 18.33 52.73 26.17
CA SER D 498 18.55 54.10 26.68
C SER D 498 18.19 55.17 25.62
N ASN D 499 18.24 56.43 26.06
CA ASN D 499 17.86 57.58 25.24
C ASN D 499 18.77 57.80 24.04
N LEU D 500 18.19 58.43 23.02
CA LEU D 500 18.96 59.01 21.90
C LEU D 500 19.09 60.52 22.06
N THR D 501 20.22 61.05 21.58
CA THR D 501 20.40 62.51 21.53
C THR D 501 20.55 63.03 20.11
N LEU D 502 20.10 64.26 19.94
CA LEU D 502 20.30 64.97 18.69
C LEU D 502 20.95 66.36 18.96
N SER D 503 22.16 66.53 18.43
CA SER D 503 23.05 67.64 18.79
C SER D 503 23.08 67.71 20.31
N SER D 504 23.30 66.53 20.92
CA SER D 504 23.43 66.33 22.37
C SER D 504 22.16 66.56 23.20
N ASN D 505 21.06 66.91 22.57
CA ASN D 505 19.81 67.10 23.29
C ASN D 505 18.94 65.83 23.27
N ILE D 506 18.79 65.22 24.43
CA ILE D 506 17.91 64.09 24.57
C ILE D 506 16.64 64.33 23.77
N LEU D 507 16.36 63.42 22.83
CA LEU D 507 15.09 63.36 22.13
C LEU D 507 13.96 62.72 22.92
N THR D 508 12.79 63.34 22.83
CA THR D 508 11.63 62.97 23.61
C THR D 508 10.41 63.02 22.72
N ASP D 509 9.31 62.47 23.25
CA ASP D 509 8.01 62.38 22.60
C ASP D 509 8.02 61.37 21.44
N TRP D 510 7.69 60.12 21.81
CA TRP D 510 7.86 58.96 20.94
C TRP D 510 6.54 58.34 20.61
N THR D 511 6.44 57.91 19.35
CA THR D 511 5.31 57.13 18.87
C THR D 511 5.93 55.81 18.43
N ILE D 512 5.56 54.76 19.14
CA ILE D 512 6.25 53.49 19.03
C ILE D 512 5.29 52.47 18.48
N PHE D 513 5.73 51.85 17.40
CA PHE D 513 4.88 50.97 16.66
C PHE D 513 5.42 49.54 16.69
N PRO D 514 4.80 48.67 17.50
CA PRO D 514 5.14 47.23 17.45
C PRO D 514 4.66 46.66 16.10
N LEU D 515 5.47 45.84 15.44
CA LEU D 515 5.13 45.40 14.08
C LEU D 515 4.81 43.91 14.02
N ASP D 516 3.62 43.61 13.52
CA ASP D 516 3.15 42.24 13.32
C ASP D 516 3.51 41.70 11.91
N THR D 517 4.81 41.67 11.62
CA THR D 517 5.35 41.17 10.36
C THR D 517 4.85 39.79 9.95
N GLU D 518 4.72 38.88 10.89
CA GLU D 518 4.26 37.52 10.56
C GLU D 518 2.84 37.57 9.96
N ASP D 519 1.87 38.07 10.72
CA ASP D 519 0.48 38.23 10.19
C ASP D 519 0.43 39.03 8.89
N ALA D 520 1.11 40.17 8.84
CA ALA D 520 1.02 41.02 7.63
C ALA D 520 1.57 40.28 6.41
N VAL D 521 2.68 39.58 6.57
CA VAL D 521 3.22 38.84 5.44
C VAL D 521 2.25 37.80 4.96
N ARG D 522 1.64 37.06 5.87
CA ARG D 522 0.72 36.00 5.44
C ARG D 522 -0.50 36.55 4.67
N SER D 523 -0.95 37.75 5.02
CA SER D 523 -2.05 38.39 4.32
C SER D 523 -1.61 39.25 3.13
N HIS D 524 -0.35 39.13 2.69
CA HIS D 524 0.18 39.92 1.57
C HIS D 524 -0.01 41.42 1.87
N LEU D 525 0.33 41.79 3.10
CA LEU D 525 0.22 43.18 3.57
C LEU D 525 -1.12 43.80 3.25
N GLY D 526 -2.19 43.14 3.68
CA GLY D 526 -3.54 43.68 3.62
C GLY D 526 -4.29 43.32 2.35
N GLY D 527 -3.83 43.85 1.22
CA GLY D 527 -4.42 43.55 -0.07
C GLY D 527 -4.05 42.15 -0.52
N TRP D 528 -5.06 41.28 -0.66
CA TRP D 528 -4.92 40.01 -1.39
C TRP D 528 -5.96 39.87 -2.55
N GLY D 529 -7.24 39.68 -2.22
CA GLY D 529 -8.22 39.23 -3.24
C GLY D 529 -9.13 40.26 -3.88
N ASN D 546 25.12 53.99 0.28
CA ASN D 546 23.73 54.34 0.03
C ASN D 546 22.64 53.27 0.36
N TYR D 547 21.42 53.74 0.61
CA TYR D 547 20.39 52.96 1.23
C TYR D 547 19.05 53.13 0.51
N THR D 548 18.11 52.20 0.78
CA THR D 548 16.67 52.35 0.42
C THR D 548 15.87 52.22 1.68
N LEU D 549 14.61 52.60 1.59
CA LEU D 549 13.71 52.48 2.73
C LEU D 549 13.38 51.02 2.98
N PRO D 550 13.41 50.60 4.25
CA PRO D 550 12.98 49.27 4.49
C PRO D 550 11.64 48.97 3.80
N ALA D 551 11.64 47.87 3.04
CA ALA D 551 10.46 47.51 2.29
C ALA D 551 10.24 45.99 2.03
N PHE D 552 8.99 45.67 1.70
CA PHE D 552 8.55 44.33 1.38
C PHE D 552 8.46 44.21 -0.14
N TYR D 553 9.11 43.17 -0.70
CA TYR D 553 9.04 42.80 -2.12
C TYR D 553 8.54 41.36 -2.25
N MET D 554 7.75 41.12 -3.30
CA MET D 554 7.04 39.90 -3.47
C MET D 554 7.05 39.40 -4.94
N GLY D 555 6.96 38.08 -5.10
CA GLY D 555 6.80 37.44 -6.39
C GLY D 555 6.41 35.95 -6.28
N ASN D 556 6.11 35.34 -7.40
CA ASN D 556 5.60 33.99 -7.43
C ASN D 556 6.35 33.07 -8.38
N PHE D 557 6.25 31.77 -8.11
CA PHE D 557 6.71 30.71 -8.99
C PHE D 557 5.88 29.45 -8.83
N SER D 558 5.72 28.74 -9.93
CA SER D 558 4.84 27.59 -9.99
C SER D 558 5.68 26.34 -10.11
N ILE D 559 5.12 25.22 -9.69
CA ILE D 559 5.85 23.97 -9.82
C ILE D 559 4.80 23.01 -10.31
N PRO D 560 5.14 22.26 -11.36
CA PRO D 560 4.14 21.42 -11.95
C PRO D 560 3.78 20.30 -11.00
N SER D 561 2.47 20.04 -10.88
CA SER D 561 1.99 18.79 -10.22
C SER D 561 2.09 17.56 -11.09
N GLY D 562 1.95 16.36 -10.50
CA GLY D 562 1.98 15.12 -11.27
C GLY D 562 3.37 14.67 -11.69
N ILE D 563 4.35 15.24 -11.01
CA ILE D 563 5.73 14.91 -11.23
C ILE D 563 6.28 14.23 -9.98
N PRO D 564 6.36 12.90 -10.00
CA PRO D 564 6.74 12.17 -8.78
C PRO D 564 7.86 12.77 -7.93
N ASP D 565 8.84 13.41 -8.56
CA ASP D 565 9.94 13.90 -7.75
C ASP D 565 9.97 15.42 -7.64
N LEU D 566 8.80 16.08 -7.65
CA LEU D 566 8.73 17.54 -7.38
C LEU D 566 7.55 17.83 -6.48
N PRO D 567 7.70 18.80 -5.59
CA PRO D 567 8.88 19.65 -5.38
C PRO D 567 10.07 19.01 -4.66
N GLN D 568 11.25 19.60 -4.84
CA GLN D 568 12.43 19.19 -4.07
C GLN D 568 12.90 20.33 -3.21
N ASP D 569 13.73 19.99 -2.20
CA ASP D 569 14.41 20.94 -1.33
C ASP D 569 15.25 21.86 -2.21
N THR D 570 15.55 23.07 -1.75
CA THR D 570 16.45 23.96 -2.51
C THR D 570 17.17 24.94 -1.58
N PHE D 571 18.01 25.80 -2.16
CA PHE D 571 18.63 26.86 -1.41
C PHE D 571 18.38 28.18 -2.09
N ILE D 572 17.98 29.16 -1.31
CA ILE D 572 17.68 30.46 -1.87
C ILE D 572 18.85 31.39 -1.64
N GLN D 573 19.10 32.23 -2.63
CA GLN D 573 20.22 33.18 -2.67
C GLN D 573 19.72 34.57 -3.02
N PHE D 574 20.37 35.63 -2.54
CA PHE D 574 19.93 37.02 -2.76
C PHE D 574 21.08 37.85 -3.36
N PRO D 575 21.44 37.58 -4.62
CA PRO D 575 22.57 38.35 -5.17
C PRO D 575 22.15 39.81 -5.43
N GLY D 576 22.95 40.77 -4.97
CA GLY D 576 22.56 42.20 -5.02
C GLY D 576 21.68 42.80 -3.90
N TRP D 577 21.00 41.96 -3.10
CA TRP D 577 20.27 42.39 -1.90
C TRP D 577 21.30 42.60 -0.77
N THR D 578 20.90 42.99 0.44
CA THR D 578 21.90 43.35 1.49
C THR D 578 21.64 42.69 2.85
N LYS D 579 20.49 43.01 3.45
CA LYS D 579 20.13 42.48 4.72
C LYS D 579 18.65 42.44 4.84
N GLY D 580 18.11 41.30 5.32
CA GLY D 580 16.70 41.19 5.51
C GLY D 580 16.18 39.83 5.95
N GLN D 581 14.87 39.71 5.86
CA GLN D 581 14.13 38.58 6.32
C GLN D 581 13.41 38.03 5.10
N VAL D 582 13.17 36.72 5.05
CA VAL D 582 12.47 36.11 3.90
C VAL D 582 11.48 35.02 4.30
N TRP D 583 10.32 35.05 3.69
CA TRP D 583 9.33 34.01 3.81
C TRP D 583 9.01 33.38 2.43
N ILE D 584 8.63 32.13 2.46
CA ILE D 584 8.08 31.51 1.33
C ILE D 584 6.78 30.92 1.77
N ASN D 585 5.74 31.25 1.01
CA ASN D 585 4.34 30.82 1.39
C ASN D 585 4.00 31.12 2.85
N GLY D 586 4.48 32.26 3.36
CA GLY D 586 4.23 32.61 4.76
C GLY D 586 5.09 31.95 5.87
N PHE D 587 6.00 31.01 5.55
CA PHE D 587 6.93 30.36 6.48
C PHE D 587 8.21 31.20 6.56
N ASN D 588 8.56 31.63 7.76
CA ASN D 588 9.72 32.49 7.89
C ASN D 588 11.00 31.64 7.91
N LEU D 589 11.70 31.61 6.80
CA LEU D 589 12.89 30.80 6.70
C LEU D 589 14.09 31.38 7.48
N GLY D 590 13.99 32.67 7.88
CA GLY D 590 15.06 33.31 8.66
C GLY D 590 15.73 34.52 8.05
N ARG D 591 16.94 34.84 8.52
CA ARG D 591 17.66 36.05 8.11
C ARG D 591 18.68 35.83 7.03
N TYR D 592 18.77 36.80 6.10
CA TYR D 592 19.84 36.87 5.12
C TYR D 592 20.70 38.09 5.31
N TRP D 593 21.96 37.91 4.96
CA TRP D 593 22.94 38.99 5.10
C TRP D 593 24.18 38.70 4.26
N PRO D 594 24.02 38.78 2.93
CA PRO D 594 25.15 38.47 2.04
C PRO D 594 26.21 39.53 2.03
N ALA D 595 25.92 40.70 2.57
CA ALA D 595 26.97 41.71 2.69
C ALA D 595 27.91 41.46 3.84
N ARG D 596 27.61 40.54 4.76
CA ARG D 596 28.60 40.18 5.79
C ARG D 596 29.09 38.75 5.78
N GLY D 597 28.29 37.82 5.28
CA GLY D 597 28.71 36.39 5.29
C GLY D 597 28.92 35.82 6.70
N PRO D 598 29.39 34.56 6.80
CA PRO D 598 29.79 33.60 5.76
C PRO D 598 28.61 32.95 5.06
N GLN D 599 27.43 33.02 5.64
CA GLN D 599 26.26 32.45 5.00
C GLN D 599 25.70 33.32 3.89
N LEU D 600 25.65 32.78 2.67
CA LEU D 600 24.99 33.42 1.52
C LEU D 600 23.65 32.78 1.21
N THR D 601 23.59 31.46 1.16
CA THR D 601 22.28 30.77 0.97
C THR D 601 21.55 30.35 2.25
N LEU D 602 20.23 30.33 2.13
CA LEU D 602 19.32 29.79 3.14
C LEU D 602 18.62 28.58 2.60
N PHE D 603 18.54 27.60 3.48
CA PHE D 603 17.85 26.33 3.24
C PHE D 603 16.28 26.39 3.17
N VAL D 604 15.70 25.74 2.15
CA VAL D 604 14.24 25.77 1.93
C VAL D 604 13.70 24.33 1.84
N PRO D 605 13.00 23.87 2.88
CA PRO D 605 12.65 22.47 2.82
C PRO D 605 11.46 22.25 1.85
N GLN D 606 11.42 21.15 1.14
CA GLN D 606 10.43 21.03 0.06
C GLN D 606 9.00 21.01 0.54
N HIS D 607 8.76 20.63 1.79
CA HIS D 607 7.34 20.40 2.17
C HIS D 607 6.53 21.68 2.30
N ILE D 608 7.19 22.84 2.29
CA ILE D 608 6.43 24.12 2.26
C ILE D 608 6.05 24.61 0.83
N LEU D 609 6.59 23.90 -0.18
CA LEU D 609 6.38 24.20 -1.56
C LEU D 609 5.18 23.49 -2.10
N MET D 610 4.46 24.14 -2.99
CA MET D 610 3.23 23.53 -3.49
C MET D 610 3.13 23.56 -5.00
N THR D 611 2.20 22.76 -5.50
CA THR D 611 2.02 22.54 -6.93
C THR D 611 0.62 22.93 -7.41
N SER D 612 -0.36 22.89 -6.51
CA SER D 612 -1.73 23.23 -6.87
C SER D 612 -1.99 24.73 -7.03
N ALA D 613 -1.05 25.61 -6.68
CA ALA D 613 -1.26 27.08 -6.71
C ALA D 613 0.12 27.71 -6.62
N PRO D 614 0.27 29.03 -6.93
CA PRO D 614 1.67 29.50 -7.02
C PRO D 614 2.30 29.75 -5.67
N ASN D 615 3.63 29.67 -5.64
CA ASN D 615 4.38 29.87 -4.42
C ASN D 615 4.76 31.32 -4.38
N THR D 616 4.70 31.89 -3.19
CA THR D 616 4.93 33.30 -2.97
C THR D 616 6.20 33.43 -2.16
N ILE D 617 7.14 34.21 -2.66
CA ILE D 617 8.36 34.60 -1.93
C ILE D 617 8.19 36.03 -1.49
N THR D 618 8.51 36.31 -0.23
CA THR D 618 8.45 37.67 0.32
C THR D 618 9.78 37.97 0.97
N VAL D 619 10.29 39.16 0.64
CA VAL D 619 11.55 39.65 1.12
C VAL D 619 11.32 40.96 1.85
N LEU D 620 11.85 41.07 3.06
CA LEU D 620 11.87 42.33 3.77
C LEU D 620 13.33 42.79 3.74
N GLU D 621 13.62 43.75 2.86
CA GLU D 621 14.98 44.29 2.71
C GLU D 621 15.17 45.45 3.66
N LEU D 622 16.25 45.41 4.43
CA LEU D 622 16.46 46.37 5.51
C LEU D 622 17.32 47.57 5.09
N GLU D 623 18.27 47.35 4.19
CA GLU D 623 19.28 48.36 3.83
C GLU D 623 19.18 48.88 2.38
N TRP D 624 19.45 48.03 1.38
CA TRP D 624 19.48 48.44 -0.03
C TRP D 624 18.98 47.32 -0.94
N ALA D 625 17.96 47.64 -1.76
CA ALA D 625 17.34 46.71 -2.69
C ALA D 625 17.70 46.97 -4.12
N PRO D 626 17.97 45.91 -4.90
CA PRO D 626 18.43 46.12 -6.26
C PRO D 626 17.25 46.40 -7.20
N CYS D 627 16.36 47.32 -6.87
CA CYS D 627 15.08 47.40 -7.58
C CYS D 627 14.73 48.77 -8.14
N SER D 628 15.47 49.80 -7.78
CA SER D 628 15.21 51.14 -8.32
C SER D 628 15.33 51.08 -9.84
N SER D 629 16.40 50.40 -10.30
CA SER D 629 16.84 50.45 -11.70
C SER D 629 15.72 50.18 -12.72
N ASP D 630 15.91 50.74 -13.92
CA ASP D 630 14.97 50.58 -15.02
C ASP D 630 14.78 49.12 -15.39
N ASP D 631 15.70 48.26 -14.93
CA ASP D 631 15.68 46.83 -15.22
C ASP D 631 15.02 45.96 -14.13
N PRO D 632 13.76 45.53 -14.37
CA PRO D 632 13.09 44.71 -13.36
C PRO D 632 13.81 43.40 -13.14
N GLU D 633 14.55 42.92 -14.15
CA GLU D 633 15.37 41.72 -14.05
C GLU D 633 16.30 41.67 -12.79
N LEU D 634 16.73 42.82 -12.28
CA LEU D 634 17.65 42.84 -11.13
C LEU D 634 16.91 42.63 -9.82
N CYS D 635 15.64 43.00 -9.79
CA CYS D 635 14.77 42.81 -8.60
C CYS D 635 14.33 41.36 -8.44
N ALA D 636 15.26 40.53 -7.95
CA ALA D 636 15.13 39.09 -8.03
C ALA D 636 16.00 38.23 -7.08
N VAL D 637 15.54 37.03 -6.81
CA VAL D 637 16.29 36.08 -5.99
C VAL D 637 16.57 34.89 -6.89
N THR D 638 17.45 34.00 -6.43
CA THR D 638 17.84 32.84 -7.20
C THR D 638 17.82 31.57 -6.29
N PHE D 639 17.17 30.54 -6.78
CA PHE D 639 17.20 29.22 -6.18
C PHE D 639 18.25 28.36 -6.83
N VAL D 640 19.09 27.70 -6.01
CA VAL D 640 20.22 26.93 -6.47
C VAL D 640 20.29 25.58 -5.74
N ASP D 641 21.06 24.65 -6.29
CA ASP D 641 21.00 23.32 -5.72
C ASP D 641 22.11 22.96 -4.71
N ARG D 642 23.02 23.91 -4.43
CA ARG D 642 24.12 23.75 -3.45
C ARG D 642 24.20 24.90 -2.43
N PRO D 643 24.39 24.55 -1.14
CA PRO D 643 24.50 25.59 -0.16
C PRO D 643 25.85 26.31 -0.33
N VAL D 644 25.88 27.58 0.11
CA VAL D 644 27.11 28.40 0.26
C VAL D 644 26.99 28.98 1.67
N ILE D 645 27.54 28.21 2.61
CA ILE D 645 27.51 28.60 4.01
C ILE D 645 28.87 28.96 4.50
N GLY D 646 29.88 28.86 3.62
CA GLY D 646 31.27 29.18 3.99
C GLY D 646 31.98 30.21 3.15
N SER D 647 31.28 31.25 2.73
CA SER D 647 31.91 32.31 1.91
C SER D 647 32.96 33.13 2.73
N SER D 648 33.97 33.70 2.05
CA SER D 648 35.13 34.33 2.73
C SER D 648 34.81 35.71 3.31
#